data_7BP6
# 
_entry.id   7BP6 
# 
_audit_conform.dict_name       mmcif_pdbx.dic 
_audit_conform.dict_version    5.387 
_audit_conform.dict_location   http://mmcif.pdb.org/dictionaries/ascii/mmcif_pdbx.dic 
# 
loop_
_database_2.database_id 
_database_2.database_code 
_database_2.pdbx_database_accession 
_database_2.pdbx_DOI 
PDB   7BP6         pdb_00007bp6 10.2210/pdb7bp6/pdb 
WWPDB D_1300016234 ?            ?                   
# 
loop_
_pdbx_audit_revision_history.ordinal 
_pdbx_audit_revision_history.data_content_type 
_pdbx_audit_revision_history.major_revision 
_pdbx_audit_revision_history.minor_revision 
_pdbx_audit_revision_history.revision_date 
1 'Structure model' 1 0 2020-11-11 
2 'Structure model' 1 1 2020-11-25 
3 'Structure model' 1 2 2020-12-02 
4 'Structure model' 1 3 2020-12-16 
5 'Structure model' 1 4 2024-03-27 
# 
_pdbx_audit_revision_details.ordinal             1 
_pdbx_audit_revision_details.revision_ordinal    1 
_pdbx_audit_revision_details.data_content_type   'Structure model' 
_pdbx_audit_revision_details.provider            repository 
_pdbx_audit_revision_details.type                'Initial release' 
_pdbx_audit_revision_details.description         ? 
_pdbx_audit_revision_details.details             ? 
# 
loop_
_pdbx_audit_revision_group.ordinal 
_pdbx_audit_revision_group.revision_ordinal 
_pdbx_audit_revision_group.data_content_type 
_pdbx_audit_revision_group.group 
1 2 'Structure model' 'Database references' 
2 3 'Structure model' 'Database references' 
3 4 'Structure model' 'Database references' 
4 5 'Structure model' 'Data collection'     
5 5 'Structure model' 'Database references' 
# 
loop_
_pdbx_audit_revision_category.ordinal 
_pdbx_audit_revision_category.revision_ordinal 
_pdbx_audit_revision_category.data_content_type 
_pdbx_audit_revision_category.category 
1 2 'Structure model' citation        
2 2 'Structure model' citation_author 
3 3 'Structure model' citation        
4 3 'Structure model' citation_author 
5 4 'Structure model' citation        
6 5 'Structure model' chem_comp_atom  
7 5 'Structure model' chem_comp_bond  
8 5 'Structure model' database_2      
# 
loop_
_pdbx_audit_revision_item.ordinal 
_pdbx_audit_revision_item.revision_ordinal 
_pdbx_audit_revision_item.data_content_type 
_pdbx_audit_revision_item.item 
1  2 'Structure model' '_citation.country'                   
2  2 'Structure model' '_citation.journal_abbrev'            
3  2 'Structure model' '_citation.journal_id_ASTM'           
4  2 'Structure model' '_citation.journal_id_CSD'            
5  2 'Structure model' '_citation.journal_id_ISSN'           
6  2 'Structure model' '_citation.pdbx_database_id_DOI'      
7  2 'Structure model' '_citation.title'                     
8  2 'Structure model' '_citation.year'                      
9  3 'Structure model' '_citation.pdbx_database_id_PubMed'   
10 3 'Structure model' '_citation.title'                     
11 3 'Structure model' '_citation_author.identifier_ORCID'   
12 4 'Structure model' '_citation.journal_volume'            
13 4 'Structure model' '_citation.page_first'                
14 4 'Structure model' '_citation.page_last'                 
15 5 'Structure model' '_database_2.pdbx_DOI'                
16 5 'Structure model' '_database_2.pdbx_database_accession' 
# 
_pdbx_database_status.status_code                     REL 
_pdbx_database_status.status_code_sf                  REL 
_pdbx_database_status.status_code_mr                  ? 
_pdbx_database_status.entry_id                        7BP6 
_pdbx_database_status.recvd_initial_deposition_date   2020-03-21 
_pdbx_database_status.SG_entry                        N 
_pdbx_database_status.deposit_site                    PDBJ 
_pdbx_database_status.process_site                    PDBJ 
_pdbx_database_status.status_code_cs                  ? 
_pdbx_database_status.status_code_nmr_data            ? 
_pdbx_database_status.methods_development_category    ? 
_pdbx_database_status.pdb_format_compatible           Y 
# 
loop_
_audit_author.name 
_audit_author.pdbx_ordinal 
_audit_author.identifier_ORCID 
'Luo, Q.'    1 0000-0001-8839-2739 
'Baihui, W.' 2 ?                   
# 
_citation.abstract                  ? 
_citation.abstract_id_CAS           ? 
_citation.book_id_ISBN              ? 
_citation.book_publisher            ? 
_citation.book_publisher_city       ? 
_citation.book_title                ? 
_citation.coordinate_linkage        ? 
_citation.country                   US 
_citation.database_id_Medline       ? 
_citation.details                   ? 
_citation.id                        primary 
_citation.journal_abbrev            Proc.Natl.Acad.Sci.USA 
_citation.journal_id_ASTM           PNASA6 
_citation.journal_id_CSD            0040 
_citation.journal_id_ISSN           1091-6490 
_citation.journal_full              ? 
_citation.journal_issue             ? 
_citation.journal_volume            117 
_citation.language                  ? 
_citation.page_first                30391 
_citation.page_last                 30399 
_citation.title                     
'NAP1-Related Protein 1 (NRP1) has multiple interaction modes for chaperoning histones H2A-H2B.' 
_citation.year                      2020 
_citation.database_id_CSD           ? 
_citation.pdbx_database_id_DOI      10.1073/pnas.2011089117 
_citation.pdbx_database_id_PubMed   33199628 
_citation.unpublished_flag          ? 
# 
loop_
_citation_author.citation_id 
_citation_author.name 
_citation_author.ordinal 
_citation_author.identifier_ORCID 
primary 'Luo, Q.'    1  ? 
primary 'Wang, B.'   2  ? 
primary 'Wu, Z.'     3  ? 
primary 'Jiang, W.'  4  ? 
primary 'Wang, Y.'   5  ? 
primary 'Du, K.'     6  ? 
primary 'Zhou, N.'   7  ? 
primary 'Zheng, L.'  8  ? 
primary 'Gan, J.'    9  ? 
primary 'Shen, W.H.' 10 ? 
primary 'Ma, J.'     11 ? 
primary 'Dong, A.'   12 ? 
# 
loop_
_entity.id 
_entity.type 
_entity.src_method 
_entity.pdbx_description 
_entity.formula_weight 
_entity.pdbx_number_of_molecules 
_entity.pdbx_ec 
_entity.pdbx_mutation 
_entity.pdbx_fragment 
_entity.details 
1 polymer man 'Histone H2A.6' 10033.619 1   ? ? ? ? 
2 polymer man 'Histone H2B.1' 11033.928 1   ? ? ? ? 
3 polymer syn NRP1-CTAD       839.758   1   ? ? ? ? 
4 water   nat water           18.015    161 ? ? ? ? 
# 
loop_
_entity_name_com.entity_id 
_entity_name_com.name 
1 'HTA1,Protein RESISTANT TO AGROBACTERIUM TRANSFORMATION 5' 
2 HTB1                                                       
3 '7-mer from NAP1-related protein 1'                        
# 
loop_
_entity_poly.entity_id 
_entity_poly.type 
_entity_poly.nstd_linkage 
_entity_poly.nstd_monomer 
_entity_poly.pdbx_seq_one_letter_code 
_entity_poly.pdbx_seq_one_letter_code_can 
_entity_poly.pdbx_strand_id 
_entity_poly.pdbx_target_identifier 
1 'polypeptide(L)' no no 
;KKATSRSSKAGLQFPVGRIARFLKAGKYAERVGAGAPVYLAAVLEYLAAEVLELAGNAARDNKKTRIVPRHIQLAVRNDE
ELSKLLGDVTIAN
;
;KKATSRSSKAGLQFPVGRIARFLKAGKYAERVGAGAPVYLAAVLEYLAAEVLELAGNAARDNKKTRIVPRHIQLAVRNDE
ELSKLLGDVTIAN
;
C ? 
2 'polypeptide(L)' no no 
;KKRSKKNVETYKIYIFKVLKQVHPDIGISSKAMGIMNSFINDIFEKLAQESSKLARYNKKPTITSREIQTAVRLVLPGEL
AKHAVSEGTKAVTKFTSS
;
;KKRSKKNVETYKIYIFKVLKQVHPDIGISSKAMGIMNSFINDIFEKLAQESSKLARYNKKPTITSREIQTAVRLVLPGEL
AKHAVSEGTKAVTKFTSS
;
D ? 
3 'polypeptide(L)' no no DADEEDF                                                                                               
DADEEDF                                                                                               A ? 
# 
_pdbx_entity_nonpoly.entity_id   4 
_pdbx_entity_nonpoly.name        water 
_pdbx_entity_nonpoly.comp_id     HOH 
# 
loop_
_entity_poly_seq.entity_id 
_entity_poly_seq.num 
_entity_poly_seq.mon_id 
_entity_poly_seq.hetero 
1 1  LYS n 
1 2  LYS n 
1 3  ALA n 
1 4  THR n 
1 5  SER n 
1 6  ARG n 
1 7  SER n 
1 8  SER n 
1 9  LYS n 
1 10 ALA n 
1 11 GLY n 
1 12 LEU n 
1 13 GLN n 
1 14 PHE n 
1 15 PRO n 
1 16 VAL n 
1 17 GLY n 
1 18 ARG n 
1 19 ILE n 
1 20 ALA n 
1 21 ARG n 
1 22 PHE n 
1 23 LEU n 
1 24 LYS n 
1 25 ALA n 
1 26 GLY n 
1 27 LYS n 
1 28 TYR n 
1 29 ALA n 
1 30 GLU n 
1 31 ARG n 
1 32 VAL n 
1 33 GLY n 
1 34 ALA n 
1 35 GLY n 
1 36 ALA n 
1 37 PRO n 
1 38 VAL n 
1 39 TYR n 
1 40 LEU n 
1 41 ALA n 
1 42 ALA n 
1 43 VAL n 
1 44 LEU n 
1 45 GLU n 
1 46 TYR n 
1 47 LEU n 
1 48 ALA n 
1 49 ALA n 
1 50 GLU n 
1 51 VAL n 
1 52 LEU n 
1 53 GLU n 
1 54 LEU n 
1 55 ALA n 
1 56 GLY n 
1 57 ASN n 
1 58 ALA n 
1 59 ALA n 
1 60 ARG n 
1 61 ASP n 
1 62 ASN n 
1 63 LYS n 
1 64 LYS n 
1 65 THR n 
1 66 ARG n 
1 67 ILE n 
1 68 VAL n 
1 69 PRO n 
1 70 ARG n 
1 71 HIS n 
1 72 ILE n 
1 73 GLN n 
1 74 LEU n 
1 75 ALA n 
1 76 VAL n 
1 77 ARG n 
1 78 ASN n 
1 79 ASP n 
1 80 GLU n 
1 81 GLU n 
1 82 LEU n 
1 83 SER n 
1 84 LYS n 
1 85 LEU n 
1 86 LEU n 
1 87 GLY n 
1 88 ASP n 
1 89 VAL n 
1 90 THR n 
1 91 ILE n 
1 92 ALA n 
1 93 ASN n 
2 1  LYS n 
2 2  LYS n 
2 3  ARG n 
2 4  SER n 
2 5  LYS n 
2 6  LYS n 
2 7  ASN n 
2 8  VAL n 
2 9  GLU n 
2 10 THR n 
2 11 TYR n 
2 12 LYS n 
2 13 ILE n 
2 14 TYR n 
2 15 ILE n 
2 16 PHE n 
2 17 LYS n 
2 18 VAL n 
2 19 LEU n 
2 20 LYS n 
2 21 GLN n 
2 22 VAL n 
2 23 HIS n 
2 24 PRO n 
2 25 ASP n 
2 26 ILE n 
2 27 GLY n 
2 28 ILE n 
2 29 SER n 
2 30 SER n 
2 31 LYS n 
2 32 ALA n 
2 33 MET n 
2 34 GLY n 
2 35 ILE n 
2 36 MET n 
2 37 ASN n 
2 38 SER n 
2 39 PHE n 
2 40 ILE n 
2 41 ASN n 
2 42 ASP n 
2 43 ILE n 
2 44 PHE n 
2 45 GLU n 
2 46 LYS n 
2 47 LEU n 
2 48 ALA n 
2 49 GLN n 
2 50 GLU n 
2 51 SER n 
2 52 SER n 
2 53 LYS n 
2 54 LEU n 
2 55 ALA n 
2 56 ARG n 
2 57 TYR n 
2 58 ASN n 
2 59 LYS n 
2 60 LYS n 
2 61 PRO n 
2 62 THR n 
2 63 ILE n 
2 64 THR n 
2 65 SER n 
2 66 ARG n 
2 67 GLU n 
2 68 ILE n 
2 69 GLN n 
2 70 THR n 
2 71 ALA n 
2 72 VAL n 
2 73 ARG n 
2 74 LEU n 
2 75 VAL n 
2 76 LEU n 
2 77 PRO n 
2 78 GLY n 
2 79 GLU n 
2 80 LEU n 
2 81 ALA n 
2 82 LYS n 
2 83 HIS n 
2 84 ALA n 
2 85 VAL n 
2 86 SER n 
2 87 GLU n 
2 88 GLY n 
2 89 THR n 
2 90 LYS n 
2 91 ALA n 
2 92 VAL n 
2 93 THR n 
2 94 LYS n 
2 95 PHE n 
2 96 THR n 
2 97 SER n 
2 98 SER n 
3 1  ASP n 
3 2  ALA n 
3 3  ASP n 
3 4  GLU n 
3 5  GLU n 
3 6  ASP n 
3 7  PHE n 
# 
loop_
_entity_src_gen.entity_id 
_entity_src_gen.pdbx_src_id 
_entity_src_gen.pdbx_alt_source_flag 
_entity_src_gen.pdbx_seq_type 
_entity_src_gen.pdbx_beg_seq_num 
_entity_src_gen.pdbx_end_seq_num 
_entity_src_gen.gene_src_common_name 
_entity_src_gen.gene_src_genus 
_entity_src_gen.pdbx_gene_src_gene 
_entity_src_gen.gene_src_species 
_entity_src_gen.gene_src_strain 
_entity_src_gen.gene_src_tissue 
_entity_src_gen.gene_src_tissue_fraction 
_entity_src_gen.gene_src_details 
_entity_src_gen.pdbx_gene_src_fragment 
_entity_src_gen.pdbx_gene_src_scientific_name 
_entity_src_gen.pdbx_gene_src_ncbi_taxonomy_id 
_entity_src_gen.pdbx_gene_src_variant 
_entity_src_gen.pdbx_gene_src_cell_line 
_entity_src_gen.pdbx_gene_src_atcc 
_entity_src_gen.pdbx_gene_src_organ 
_entity_src_gen.pdbx_gene_src_organelle 
_entity_src_gen.pdbx_gene_src_cell 
_entity_src_gen.pdbx_gene_src_cellular_location 
_entity_src_gen.host_org_common_name 
_entity_src_gen.pdbx_host_org_scientific_name 
_entity_src_gen.pdbx_host_org_ncbi_taxonomy_id 
_entity_src_gen.host_org_genus 
_entity_src_gen.pdbx_host_org_gene 
_entity_src_gen.pdbx_host_org_organ 
_entity_src_gen.host_org_species 
_entity_src_gen.pdbx_host_org_tissue 
_entity_src_gen.pdbx_host_org_tissue_fraction 
_entity_src_gen.pdbx_host_org_strain 
_entity_src_gen.pdbx_host_org_variant 
_entity_src_gen.pdbx_host_org_cell_line 
_entity_src_gen.pdbx_host_org_atcc 
_entity_src_gen.pdbx_host_org_culture_collection 
_entity_src_gen.pdbx_host_org_cell 
_entity_src_gen.pdbx_host_org_organelle 
_entity_src_gen.pdbx_host_org_cellular_location 
_entity_src_gen.pdbx_host_org_vector_type 
_entity_src_gen.pdbx_host_org_vector 
_entity_src_gen.host_org_details 
_entity_src_gen.expression_system_id 
_entity_src_gen.plasmid_name 
_entity_src_gen.plasmid_details 
_entity_src_gen.pdbx_description 
1 1 sample 'Biological sequence' 1 93 'Mouse-ear cress' ? 'RAT5, H2A-1, At5g54640, MRB17.14' ? ? ? ? ? ? 'Arabidopsis thaliana' 
3702 ? ? ? ? ? ? ? ? 'Escherichia coli BL21(DE3)' 469008 ? ? ? ? ? ? 'BL21(DE3)' ? ? ? ? ? ? ? ? ? ? ? ? ? ? 
2 1 sample 'Biological sequence' 1 98 'Mouse-ear cress' ? 'At1g07790, F24B9.10'              ? ? ? ? ? ? 'Arabidopsis thaliana' 
3702 ? ? ? ? ? ? ? ? 'Escherichia coli BL21(DE3)' 469008 ? ? ? ? ? ? 'BL21(DE3)' ? ? ? ? ? ? ? ? ? ? ? ? ? ? 
# 
_pdbx_entity_src_syn.entity_id              3 
_pdbx_entity_src_syn.pdbx_src_id            1 
_pdbx_entity_src_syn.pdbx_alt_source_flag   sample 
_pdbx_entity_src_syn.pdbx_beg_seq_num       1 
_pdbx_entity_src_syn.pdbx_end_seq_num       7 
_pdbx_entity_src_syn.organism_scientific    'Arabidopsis thaliana' 
_pdbx_entity_src_syn.organism_common_name   'Mouse-ear cress' 
_pdbx_entity_src_syn.ncbi_taxonomy_id       3702 
_pdbx_entity_src_syn.details                ? 
# 
loop_
_chem_comp.id 
_chem_comp.type 
_chem_comp.mon_nstd_flag 
_chem_comp.name 
_chem_comp.pdbx_synonyms 
_chem_comp.formula 
_chem_comp.formula_weight 
ALA 'L-peptide linking' y ALANINE         ? 'C3 H7 N O2'     89.093  
ARG 'L-peptide linking' y ARGININE        ? 'C6 H15 N4 O2 1' 175.209 
ASN 'L-peptide linking' y ASPARAGINE      ? 'C4 H8 N2 O3'    132.118 
ASP 'L-peptide linking' y 'ASPARTIC ACID' ? 'C4 H7 N O4'     133.103 
GLN 'L-peptide linking' y GLUTAMINE       ? 'C5 H10 N2 O3'   146.144 
GLU 'L-peptide linking' y 'GLUTAMIC ACID' ? 'C5 H9 N O4'     147.129 
GLY 'peptide linking'   y GLYCINE         ? 'C2 H5 N O2'     75.067  
HIS 'L-peptide linking' y HISTIDINE       ? 'C6 H10 N3 O2 1' 156.162 
HOH non-polymer         . WATER           ? 'H2 O'           18.015  
ILE 'L-peptide linking' y ISOLEUCINE      ? 'C6 H13 N O2'    131.173 
LEU 'L-peptide linking' y LEUCINE         ? 'C6 H13 N O2'    131.173 
LYS 'L-peptide linking' y LYSINE          ? 'C6 H15 N2 O2 1' 147.195 
MET 'L-peptide linking' y METHIONINE      ? 'C5 H11 N O2 S'  149.211 
PHE 'L-peptide linking' y PHENYLALANINE   ? 'C9 H11 N O2'    165.189 
PRO 'L-peptide linking' y PROLINE         ? 'C5 H9 N O2'     115.130 
SER 'L-peptide linking' y SERINE          ? 'C3 H7 N O3'     105.093 
THR 'L-peptide linking' y THREONINE       ? 'C4 H9 N O3'     119.119 
TYR 'L-peptide linking' y TYROSINE        ? 'C9 H11 N O3'    181.189 
VAL 'L-peptide linking' y VALINE          ? 'C5 H11 N O2'    117.146 
# 
loop_
_pdbx_poly_seq_scheme.asym_id 
_pdbx_poly_seq_scheme.entity_id 
_pdbx_poly_seq_scheme.seq_id 
_pdbx_poly_seq_scheme.mon_id 
_pdbx_poly_seq_scheme.ndb_seq_num 
_pdbx_poly_seq_scheme.pdb_seq_num 
_pdbx_poly_seq_scheme.auth_seq_num 
_pdbx_poly_seq_scheme.pdb_mon_id 
_pdbx_poly_seq_scheme.auth_mon_id 
_pdbx_poly_seq_scheme.pdb_strand_id 
_pdbx_poly_seq_scheme.pdb_ins_code 
_pdbx_poly_seq_scheme.hetero 
A 1 1  LYS 1  14  ?   ?   ?   C . n 
A 1 2  LYS 2  15  ?   ?   ?   C . n 
A 1 3  ALA 3  16  16  ALA ALA C . n 
A 1 4  THR 4  17  17  THR THR C . n 
A 1 5  SER 5  18  18  SER SER C . n 
A 1 6  ARG 6  19  19  ARG ARG C . n 
A 1 7  SER 7  20  20  SER SER C . n 
A 1 8  SER 8  21  21  SER SER C . n 
A 1 9  LYS 9  22  22  LYS LYS C . n 
A 1 10 ALA 10 23  23  ALA ALA C . n 
A 1 11 GLY 11 24  24  GLY GLY C . n 
A 1 12 LEU 12 25  25  LEU LEU C . n 
A 1 13 GLN 13 26  26  GLN GLN C . n 
A 1 14 PHE 14 27  27  PHE PHE C . n 
A 1 15 PRO 15 28  28  PRO PRO C . n 
A 1 16 VAL 16 29  29  VAL VAL C . n 
A 1 17 GLY 17 30  30  GLY GLY C . n 
A 1 18 ARG 18 31  31  ARG ARG C . n 
A 1 19 ILE 19 32  32  ILE ILE C . n 
A 1 20 ALA 20 33  33  ALA ALA C . n 
A 1 21 ARG 21 34  34  ARG ARG C . n 
A 1 22 PHE 22 35  35  PHE PHE C . n 
A 1 23 LEU 23 36  36  LEU LEU C . n 
A 1 24 LYS 24 37  37  LYS LYS C . n 
A 1 25 ALA 25 38  38  ALA ALA C . n 
A 1 26 GLY 26 39  39  GLY GLY C . n 
A 1 27 LYS 27 40  40  LYS LYS C . n 
A 1 28 TYR 28 41  41  TYR TYR C . n 
A 1 29 ALA 29 42  42  ALA ALA C . n 
A 1 30 GLU 30 43  43  GLU GLU C . n 
A 1 31 ARG 31 44  44  ARG ARG C . n 
A 1 32 VAL 32 45  45  VAL VAL C . n 
A 1 33 GLY 33 46  46  GLY GLY C . n 
A 1 34 ALA 34 47  47  ALA ALA C . n 
A 1 35 GLY 35 48  48  GLY GLY C . n 
A 1 36 ALA 36 49  49  ALA ALA C . n 
A 1 37 PRO 37 50  50  PRO PRO C . n 
A 1 38 VAL 38 51  51  VAL VAL C . n 
A 1 39 TYR 39 52  52  TYR TYR C . n 
A 1 40 LEU 40 53  53  LEU LEU C . n 
A 1 41 ALA 41 54  54  ALA ALA C . n 
A 1 42 ALA 42 55  55  ALA ALA C . n 
A 1 43 VAL 43 56  56  VAL VAL C . n 
A 1 44 LEU 44 57  57  LEU LEU C . n 
A 1 45 GLU 45 58  58  GLU GLU C . n 
A 1 46 TYR 46 59  59  TYR TYR C . n 
A 1 47 LEU 47 60  60  LEU LEU C . n 
A 1 48 ALA 48 61  61  ALA ALA C . n 
A 1 49 ALA 49 62  62  ALA ALA C . n 
A 1 50 GLU 50 63  63  GLU GLU C . n 
A 1 51 VAL 51 64  64  VAL VAL C . n 
A 1 52 LEU 52 65  65  LEU LEU C . n 
A 1 53 GLU 53 66  66  GLU GLU C . n 
A 1 54 LEU 54 67  67  LEU LEU C . n 
A 1 55 ALA 55 68  68  ALA ALA C . n 
A 1 56 GLY 56 69  69  GLY GLY C . n 
A 1 57 ASN 57 70  70  ASN ASN C . n 
A 1 58 ALA 58 71  71  ALA ALA C . n 
A 1 59 ALA 59 72  72  ALA ALA C . n 
A 1 60 ARG 60 73  73  ARG ARG C . n 
A 1 61 ASP 61 74  74  ASP ASP C . n 
A 1 62 ASN 62 75  75  ASN ASN C . n 
A 1 63 LYS 63 76  76  LYS LYS C . n 
A 1 64 LYS 64 77  77  LYS LYS C . n 
A 1 65 THR 65 78  78  THR THR C . n 
A 1 66 ARG 66 79  79  ARG ARG C . n 
A 1 67 ILE 67 80  80  ILE ILE C . n 
A 1 68 VAL 68 81  81  VAL VAL C . n 
A 1 69 PRO 69 82  82  PRO PRO C . n 
A 1 70 ARG 70 83  83  ARG ARG C . n 
A 1 71 HIS 71 84  84  HIS HIS C . n 
A 1 72 ILE 72 85  85  ILE ILE C . n 
A 1 73 GLN 73 86  86  GLN GLN C . n 
A 1 74 LEU 74 87  87  LEU LEU C . n 
A 1 75 ALA 75 88  88  ALA ALA C . n 
A 1 76 VAL 76 89  89  VAL VAL C . n 
A 1 77 ARG 77 90  90  ARG ARG C . n 
A 1 78 ASN 78 91  91  ASN ASN C . n 
A 1 79 ASP 79 92  92  ASP ASP C . n 
A 1 80 GLU 80 93  93  GLU GLU C . n 
A 1 81 GLU 81 94  94  GLU GLU C . n 
A 1 82 LEU 82 95  95  LEU LEU C . n 
A 1 83 SER 83 96  96  SER SER C . n 
A 1 84 LYS 84 97  97  LYS LYS C . n 
A 1 85 LEU 85 98  98  LEU LEU C . n 
A 1 86 LEU 86 99  99  LEU LEU C . n 
A 1 87 GLY 87 100 100 GLY GLY C . n 
A 1 88 ASP 88 101 101 ASP ASP C . n 
A 1 89 VAL 89 102 102 VAL VAL C . n 
A 1 90 THR 90 103 103 THR THR C . n 
A 1 91 ILE 91 104 104 ILE ILE C . n 
A 1 92 ALA 92 105 ?   ?   ?   C . n 
A 1 93 ASN 93 106 ?   ?   ?   C . n 
B 2 1  LYS 1  51  ?   ?   ?   D . n 
B 2 2  LYS 2  52  ?   ?   ?   D . n 
B 2 3  ARG 3  53  ?   ?   ?   D . n 
B 2 4  SER 4  54  ?   ?   ?   D . n 
B 2 5  LYS 5  55  ?   ?   ?   D . n 
B 2 6  LYS 6  56  ?   ?   ?   D . n 
B 2 7  ASN 7  57  ?   ?   ?   D . n 
B 2 8  VAL 8  58  ?   ?   ?   D . n 
B 2 9  GLU 9  59  59  GLU GLU D . n 
B 2 10 THR 10 60  60  THR THR D . n 
B 2 11 TYR 11 61  61  TYR TYR D . n 
B 2 12 LYS 12 62  62  LYS LYS D . n 
B 2 13 ILE 13 63  63  ILE ILE D . n 
B 2 14 TYR 14 64  64  TYR TYR D . n 
B 2 15 ILE 15 65  65  ILE ILE D . n 
B 2 16 PHE 16 66  66  PHE PHE D . n 
B 2 17 LYS 17 67  67  LYS LYS D . n 
B 2 18 VAL 18 68  68  VAL VAL D . n 
B 2 19 LEU 19 69  69  LEU LEU D . n 
B 2 20 LYS 20 70  70  LYS LYS D . n 
B 2 21 GLN 21 71  71  GLN GLN D . n 
B 2 22 VAL 22 72  72  VAL VAL D . n 
B 2 23 HIS 23 73  73  HIS HIS D . n 
B 2 24 PRO 24 74  74  PRO PRO D . n 
B 2 25 ASP 25 75  75  ASP ASP D . n 
B 2 26 ILE 26 76  76  ILE ILE D . n 
B 2 27 GLY 27 77  77  GLY GLY D . n 
B 2 28 ILE 28 78  78  ILE ILE D . n 
B 2 29 SER 29 79  79  SER SER D . n 
B 2 30 SER 30 80  80  SER SER D . n 
B 2 31 LYS 31 81  81  LYS LYS D . n 
B 2 32 ALA 32 82  82  ALA ALA D . n 
B 2 33 MET 33 83  83  MET MET D . n 
B 2 34 GLY 34 84  84  GLY GLY D . n 
B 2 35 ILE 35 85  85  ILE ILE D . n 
B 2 36 MET 36 86  86  MET MET D . n 
B 2 37 ASN 37 87  87  ASN ASN D . n 
B 2 38 SER 38 88  88  SER SER D . n 
B 2 39 PHE 39 89  89  PHE PHE D . n 
B 2 40 ILE 40 90  90  ILE ILE D . n 
B 2 41 ASN 41 91  91  ASN ASN D . n 
B 2 42 ASP 42 92  92  ASP ASP D . n 
B 2 43 ILE 43 93  93  ILE ILE D . n 
B 2 44 PHE 44 94  94  PHE PHE D . n 
B 2 45 GLU 45 95  95  GLU GLU D . n 
B 2 46 LYS 46 96  96  LYS LYS D . n 
B 2 47 LEU 47 97  97  LEU LEU D . n 
B 2 48 ALA 48 98  98  ALA ALA D . n 
B 2 49 GLN 49 99  99  GLN GLN D . n 
B 2 50 GLU 50 100 100 GLU GLU D . n 
B 2 51 SER 51 101 101 SER SER D . n 
B 2 52 SER 52 102 102 SER SER D . n 
B 2 53 LYS 53 103 103 LYS LYS D . n 
B 2 54 LEU 54 104 104 LEU LEU D . n 
B 2 55 ALA 55 105 105 ALA ALA D . n 
B 2 56 ARG 56 106 106 ARG ARG D . n 
B 2 57 TYR 57 107 107 TYR TYR D . n 
B 2 58 ASN 58 108 108 ASN ASN D . n 
B 2 59 LYS 59 109 109 LYS LYS D . n 
B 2 60 LYS 60 110 110 LYS LYS D . n 
B 2 61 PRO 61 111 111 PRO PRO D . n 
B 2 62 THR 62 112 112 THR THR D . n 
B 2 63 ILE 63 113 113 ILE ILE D . n 
B 2 64 THR 64 114 114 THR THR D . n 
B 2 65 SER 65 115 115 SER SER D . n 
B 2 66 ARG 66 116 116 ARG ARG D . n 
B 2 67 GLU 67 117 117 GLU GLU D . n 
B 2 68 ILE 68 118 118 ILE ILE D . n 
B 2 69 GLN 69 119 119 GLN GLN D . n 
B 2 70 THR 70 120 120 THR THR D . n 
B 2 71 ALA 71 121 121 ALA ALA D . n 
B 2 72 VAL 72 122 122 VAL VAL D . n 
B 2 73 ARG 73 123 123 ARG ARG D . n 
B 2 74 LEU 74 124 124 LEU LEU D . n 
B 2 75 VAL 75 125 125 VAL VAL D . n 
B 2 76 LEU 76 126 126 LEU LEU D . n 
B 2 77 PRO 77 127 127 PRO PRO D . n 
B 2 78 GLY 78 128 128 GLY GLY D . n 
B 2 79 GLU 79 129 129 GLU GLU D . n 
B 2 80 LEU 80 130 130 LEU LEU D . n 
B 2 81 ALA 81 131 131 ALA ALA D . n 
B 2 82 LYS 82 132 132 LYS LYS D . n 
B 2 83 HIS 83 133 133 HIS HIS D . n 
B 2 84 ALA 84 134 134 ALA ALA D . n 
B 2 85 VAL 85 135 135 VAL VAL D . n 
B 2 86 SER 86 136 136 SER SER D . n 
B 2 87 GLU 87 137 137 GLU GLU D . n 
B 2 88 GLY 88 138 138 GLY GLY D . n 
B 2 89 THR 89 139 139 THR THR D . n 
B 2 90 LYS 90 140 140 LYS LYS D . n 
B 2 91 ALA 91 141 141 ALA ALA D . n 
B 2 92 VAL 92 142 142 VAL VAL D . n 
B 2 93 THR 93 143 143 THR THR D . n 
B 2 94 LYS 94 144 144 LYS LYS D . n 
B 2 95 PHE 95 145 145 PHE PHE D . n 
B 2 96 THR 96 146 146 THR THR D . n 
B 2 97 SER 97 147 147 SER SER D . n 
B 2 98 SER 98 148 148 SER SER D . n 
C 3 1  ASP 1  226 226 ASP ASP A . n 
C 3 2  ALA 2  227 227 ALA ALA A . n 
C 3 3  ASP 3  228 228 ASP ASP A . n 
C 3 4  GLU 4  229 229 GLU GLU A . n 
C 3 5  GLU 5  230 230 GLU GLU A . n 
C 3 6  ASP 6  231 231 ASP ASP A . n 
C 3 7  PHE 7  232 232 PHE PHE A . n 
# 
loop_
_pdbx_nonpoly_scheme.asym_id 
_pdbx_nonpoly_scheme.entity_id 
_pdbx_nonpoly_scheme.mon_id 
_pdbx_nonpoly_scheme.ndb_seq_num 
_pdbx_nonpoly_scheme.pdb_seq_num 
_pdbx_nonpoly_scheme.auth_seq_num 
_pdbx_nonpoly_scheme.pdb_mon_id 
_pdbx_nonpoly_scheme.auth_mon_id 
_pdbx_nonpoly_scheme.pdb_strand_id 
_pdbx_nonpoly_scheme.pdb_ins_code 
D 4 HOH 1  201 83  HOH HOH C . 
D 4 HOH 2  202 114 HOH HOH C . 
D 4 HOH 3  203 30  HOH HOH C . 
D 4 HOH 4  204 24  HOH HOH C . 
D 4 HOH 5  205 40  HOH HOH C . 
D 4 HOH 6  206 131 HOH HOH C . 
D 4 HOH 7  207 85  HOH HOH C . 
D 4 HOH 8  208 6   HOH HOH C . 
D 4 HOH 9  209 11  HOH HOH C . 
D 4 HOH 10 210 55  HOH HOH C . 
D 4 HOH 11 211 71  HOH HOH C . 
D 4 HOH 12 212 37  HOH HOH C . 
D 4 HOH 13 213 93  HOH HOH C . 
D 4 HOH 14 214 36  HOH HOH C . 
D 4 HOH 15 215 40  HOH HOH C . 
D 4 HOH 16 216 96  HOH HOH C . 
D 4 HOH 17 217 39  HOH HOH C . 
D 4 HOH 18 218 16  HOH HOH C . 
D 4 HOH 19 219 25  HOH HOH C . 
D 4 HOH 20 220 105 HOH HOH C . 
D 4 HOH 21 221 197 HOH HOH C . 
D 4 HOH 22 222 18  HOH HOH C . 
D 4 HOH 23 223 27  HOH HOH C . 
D 4 HOH 24 224 80  HOH HOH C . 
D 4 HOH 25 225 20  HOH HOH C . 
D 4 HOH 26 226 94  HOH HOH C . 
D 4 HOH 27 227 52  HOH HOH C . 
D 4 HOH 28 228 23  HOH HOH C . 
D 4 HOH 29 229 87  HOH HOH C . 
D 4 HOH 30 230 70  HOH HOH C . 
D 4 HOH 31 231 73  HOH HOH C . 
D 4 HOH 32 232 90  HOH HOH C . 
D 4 HOH 33 233 46  HOH HOH C . 
D 4 HOH 34 234 118 HOH HOH C . 
D 4 HOH 35 235 35  HOH HOH C . 
D 4 HOH 36 236 89  HOH HOH C . 
D 4 HOH 37 237 98  HOH HOH C . 
D 4 HOH 38 238 89  HOH HOH C . 
D 4 HOH 39 239 1   HOH HOH C . 
D 4 HOH 40 240 116 HOH HOH C . 
D 4 HOH 41 241 43  HOH HOH C . 
D 4 HOH 42 242 22  HOH HOH C . 
D 4 HOH 43 243 79  HOH HOH C . 
D 4 HOH 44 244 38  HOH HOH C . 
D 4 HOH 45 245 17  HOH HOH C . 
D 4 HOH 46 246 2   HOH HOH C . 
D 4 HOH 47 247 44  HOH HOH C . 
D 4 HOH 48 248 19  HOH HOH C . 
D 4 HOH 49 249 49  HOH HOH C . 
D 4 HOH 50 250 110 HOH HOH C . 
D 4 HOH 51 251 26  HOH HOH C . 
D 4 HOH 52 252 82  HOH HOH C . 
D 4 HOH 53 253 47  HOH HOH C . 
D 4 HOH 54 254 74  HOH HOH C . 
D 4 HOH 55 255 63  HOH HOH C . 
D 4 HOH 56 256 104 HOH HOH C . 
D 4 HOH 57 257 41  HOH HOH C . 
D 4 HOH 58 258 77  HOH HOH C . 
D 4 HOH 59 259 78  HOH HOH C . 
D 4 HOH 60 260 101 HOH HOH C . 
D 4 HOH 61 261 56  HOH HOH C . 
D 4 HOH 62 262 48  HOH HOH C . 
D 4 HOH 63 263 122 HOH HOH C . 
D 4 HOH 64 264 155 HOH HOH C . 
D 4 HOH 65 265 42  HOH HOH C . 
D 4 HOH 66 266 92  HOH HOH C . 
D 4 HOH 67 267 163 HOH HOH C . 
D 4 HOH 68 268 169 HOH HOH C . 
D 4 HOH 69 269 140 HOH HOH C . 
D 4 HOH 70 270 139 HOH HOH C . 
D 4 HOH 71 271 86  HOH HOH C . 
D 4 HOH 72 272 148 HOH HOH C . 
D 4 HOH 73 273 58  HOH HOH C . 
D 4 HOH 74 274 205 HOH HOH C . 
D 4 HOH 75 275 112 HOH HOH C . 
E 4 HOH 1  201 84  HOH HOH D . 
E 4 HOH 2  202 111 HOH HOH D . 
E 4 HOH 3  203 1   HOH HOH D . 
E 4 HOH 4  204 34  HOH HOH D . 
E 4 HOH 5  205 29  HOH HOH D . 
E 4 HOH 6  206 17  HOH HOH D . 
E 4 HOH 7  207 193 HOH HOH D . 
E 4 HOH 8  208 211 HOH HOH D . 
E 4 HOH 9  209 21  HOH HOH D . 
E 4 HOH 10 210 102 HOH HOH D . 
E 4 HOH 11 211 67  HOH HOH D . 
E 4 HOH 12 212 4   HOH HOH D . 
E 4 HOH 13 213 13  HOH HOH D . 
E 4 HOH 14 214 61  HOH HOH D . 
E 4 HOH 15 215 113 HOH HOH D . 
E 4 HOH 16 216 28  HOH HOH D . 
E 4 HOH 17 217 127 HOH HOH D . 
E 4 HOH 18 218 91  HOH HOH D . 
E 4 HOH 19 219 51  HOH HOH D . 
E 4 HOH 20 220 65  HOH HOH D . 
E 4 HOH 21 221 88  HOH HOH D . 
E 4 HOH 22 222 3   HOH HOH D . 
E 4 HOH 23 223 26  HOH HOH D . 
E 4 HOH 24 224 76  HOH HOH D . 
E 4 HOH 25 225 15  HOH HOH D . 
E 4 HOH 26 226 57  HOH HOH D . 
E 4 HOH 27 227 60  HOH HOH D . 
E 4 HOH 28 228 8   HOH HOH D . 
E 4 HOH 29 229 7   HOH HOH D . 
E 4 HOH 30 230 9   HOH HOH D . 
E 4 HOH 31 231 137 HOH HOH D . 
E 4 HOH 32 232 45  HOH HOH D . 
E 4 HOH 33 233 14  HOH HOH D . 
E 4 HOH 34 234 25  HOH HOH D . 
E 4 HOH 35 235 5   HOH HOH D . 
E 4 HOH 36 236 75  HOH HOH D . 
E 4 HOH 37 237 43  HOH HOH D . 
E 4 HOH 38 238 99  HOH HOH D . 
E 4 HOH 39 239 142 HOH HOH D . 
E 4 HOH 40 240 32  HOH HOH D . 
E 4 HOH 41 241 20  HOH HOH D . 
E 4 HOH 42 242 53  HOH HOH D . 
E 4 HOH 43 243 100 HOH HOH D . 
E 4 HOH 44 244 33  HOH HOH D . 
E 4 HOH 45 245 216 HOH HOH D . 
E 4 HOH 46 246 174 HOH HOH D . 
E 4 HOH 47 247 12  HOH HOH D . 
E 4 HOH 48 248 10  HOH HOH D . 
E 4 HOH 49 249 217 HOH HOH D . 
E 4 HOH 50 250 64  HOH HOH D . 
E 4 HOH 51 251 11  HOH HOH D . 
E 4 HOH 52 252 188 HOH HOH D . 
E 4 HOH 53 253 68  HOH HOH D . 
E 4 HOH 54 254 208 HOH HOH D . 
E 4 HOH 55 255 167 HOH HOH D . 
E 4 HOH 56 256 132 HOH HOH D . 
E 4 HOH 57 257 120 HOH HOH D . 
E 4 HOH 58 258 149 HOH HOH D . 
E 4 HOH 59 259 135 HOH HOH D . 
E 4 HOH 60 260 59  HOH HOH D . 
E 4 HOH 61 261 117 HOH HOH D . 
E 4 HOH 62 262 215 HOH HOH D . 
E 4 HOH 63 263 125 HOH HOH D . 
E 4 HOH 64 264 115 HOH HOH D . 
E 4 HOH 65 265 103 HOH HOH D . 
E 4 HOH 66 266 133 HOH HOH D . 
E 4 HOH 67 267 66  HOH HOH D . 
E 4 HOH 68 268 82  HOH HOH D . 
E 4 HOH 69 269 187 HOH HOH D . 
E 4 HOH 70 270 50  HOH HOH D . 
E 4 HOH 71 271 81  HOH HOH D . 
E 4 HOH 72 272 153 HOH HOH D . 
E 4 HOH 73 273 54  HOH HOH D . 
E 4 HOH 74 274 145 HOH HOH D . 
E 4 HOH 75 275 109 HOH HOH D . 
E 4 HOH 76 276 136 HOH HOH D . 
E 4 HOH 77 277 162 HOH HOH D . 
E 4 HOH 78 278 152 HOH HOH D . 
E 4 HOH 79 279 198 HOH HOH D . 
F 4 HOH 1  301 214 HOH HOH A . 
F 4 HOH 2  302 212 HOH HOH A . 
F 4 HOH 3  303 7   HOH HOH A . 
F 4 HOH 4  304 213 HOH HOH A . 
F 4 HOH 5  305 62  HOH HOH A . 
F 4 HOH 6  306 6   HOH HOH A . 
F 4 HOH 7  307 31  HOH HOH A . 
# 
loop_
_pdbx_unobs_or_zero_occ_atoms.id 
_pdbx_unobs_or_zero_occ_atoms.PDB_model_num 
_pdbx_unobs_or_zero_occ_atoms.polymer_flag 
_pdbx_unobs_or_zero_occ_atoms.occupancy_flag 
_pdbx_unobs_or_zero_occ_atoms.auth_asym_id 
_pdbx_unobs_or_zero_occ_atoms.auth_comp_id 
_pdbx_unobs_or_zero_occ_atoms.auth_seq_id 
_pdbx_unobs_or_zero_occ_atoms.PDB_ins_code 
_pdbx_unobs_or_zero_occ_atoms.auth_atom_id 
_pdbx_unobs_or_zero_occ_atoms.label_alt_id 
_pdbx_unobs_or_zero_occ_atoms.label_asym_id 
_pdbx_unobs_or_zero_occ_atoms.label_comp_id 
_pdbx_unobs_or_zero_occ_atoms.label_seq_id 
_pdbx_unobs_or_zero_occ_atoms.label_atom_id 
1  1 Y 1 C ARG 31  ? NE  ? A ARG 18 NE  
2  1 Y 1 C ARG 31  ? CZ  ? A ARG 18 CZ  
3  1 Y 1 C ARG 31  ? NH1 ? A ARG 18 NH1 
4  1 Y 1 C ARG 31  ? NH2 ? A ARG 18 NH2 
5  1 Y 1 C ARG 90  ? CD  ? A ARG 77 CD  
6  1 Y 1 C ARG 90  ? NE  ? A ARG 77 NE  
7  1 Y 1 C ARG 90  ? CZ  ? A ARG 77 CZ  
8  1 Y 1 C ARG 90  ? NH1 ? A ARG 77 NH1 
9  1 Y 1 C ARG 90  ? NH2 ? A ARG 77 NH2 
10 1 Y 1 D GLU 59  ? CG  ? B GLU 9  CG  
11 1 Y 1 D GLU 59  ? CD  ? B GLU 9  CD  
12 1 Y 1 D GLU 59  ? OE1 ? B GLU 9  OE1 
13 1 Y 1 D GLU 59  ? OE2 ? B GLU 9  OE2 
14 1 Y 1 D TYR 107 ? CG  ? B TYR 57 CG  
15 1 Y 1 D TYR 107 ? CD1 ? B TYR 57 CD1 
16 1 Y 1 D TYR 107 ? CD2 ? B TYR 57 CD2 
17 1 Y 1 D TYR 107 ? CE1 ? B TYR 57 CE1 
18 1 Y 1 D TYR 107 ? CE2 ? B TYR 57 CE2 
19 1 Y 1 D TYR 107 ? CZ  ? B TYR 57 CZ  
20 1 Y 1 D TYR 107 ? OH  ? B TYR 57 OH  
21 1 Y 1 D ASN 108 ? CG  ? B ASN 58 CG  
22 1 Y 1 D ASN 108 ? OD1 ? B ASN 58 OD1 
23 1 Y 1 D ASN 108 ? ND2 ? B ASN 58 ND2 
24 1 Y 1 D ARG 116 ? CG  ? B ARG 66 CG  
25 1 Y 1 D ARG 116 ? CD  ? B ARG 66 CD  
26 1 Y 1 D ARG 116 ? NE  ? B ARG 66 NE  
27 1 Y 1 D ARG 116 ? CZ  ? B ARG 66 CZ  
28 1 Y 1 D ARG 116 ? NH1 ? B ARG 66 NH1 
29 1 Y 1 D ARG 116 ? NH2 ? B ARG 66 NH2 
30 1 Y 1 A ASP 226 ? CG  ? C ASP 1  CG  
31 1 Y 1 A ASP 226 ? OD1 ? C ASP 1  OD1 
32 1 Y 1 A ASP 226 ? OD2 ? C ASP 1  OD2 
# 
loop_
_software.citation_id 
_software.classification 
_software.compiler_name 
_software.compiler_version 
_software.contact_author 
_software.contact_author_email 
_software.date 
_software.description 
_software.dependencies 
_software.hardware 
_software.language 
_software.location 
_software.mods 
_software.name 
_software.os 
_software.os_version 
_software.type 
_software.version 
_software.pdbx_ordinal 
? 'data scaling'    ? ? ? ? ? ? ? ? ? ? ? HKL-2000    ? ? ? .        1 
? refinement        ? ? ? ? ? ? ? ? ? ? ? REFMAC      ? ? ? 5.8.0253 2 
? 'data extraction' ? ? ? ? ? ? ? ? ? ? ? PDB_EXTRACT ? ? ? 3.25     3 
? 'data reduction'  ? ? ? ? ? ? ? ? ? ? ? HKL-2000    ? ? ? .        4 
? phasing           ? ? ? ? ? ? ? ? ? ? ? REFMAC      ? ? ? .        5 
# 
_cell.angle_alpha                  90.000 
_cell.angle_alpha_esd              ? 
_cell.angle_beta                   90.000 
_cell.angle_beta_esd               ? 
_cell.angle_gamma                  90.000 
_cell.angle_gamma_esd              ? 
_cell.entry_id                     7BP6 
_cell.details                      ? 
_cell.formula_units_Z              ? 
_cell.length_a                     40.114 
_cell.length_a_esd                 ? 
_cell.length_b                     62.282 
_cell.length_b_esd                 ? 
_cell.length_c                     66.838 
_cell.length_c_esd                 ? 
_cell.volume                       ? 
_cell.volume_esd                   ? 
_cell.Z_PDB                        4 
_cell.reciprocal_angle_alpha       ? 
_cell.reciprocal_angle_beta        ? 
_cell.reciprocal_angle_gamma       ? 
_cell.reciprocal_angle_alpha_esd   ? 
_cell.reciprocal_angle_beta_esd    ? 
_cell.reciprocal_angle_gamma_esd   ? 
_cell.reciprocal_length_a          ? 
_cell.reciprocal_length_b          ? 
_cell.reciprocal_length_c          ? 
_cell.reciprocal_length_a_esd      ? 
_cell.reciprocal_length_b_esd      ? 
_cell.reciprocal_length_c_esd      ? 
_cell.pdbx_unique_axis             ? 
# 
_symmetry.entry_id                         7BP6 
_symmetry.cell_setting                     ? 
_symmetry.Int_Tables_number                19 
_symmetry.space_group_name_Hall            ? 
_symmetry.space_group_name_H-M             'P 21 21 21' 
_symmetry.pdbx_full_space_group_name_H-M   ? 
# 
_exptl.absorpt_coefficient_mu     ? 
_exptl.absorpt_correction_T_max   ? 
_exptl.absorpt_correction_T_min   ? 
_exptl.absorpt_correction_type    ? 
_exptl.absorpt_process_details    ? 
_exptl.entry_id                   7BP6 
_exptl.crystals_number            1 
_exptl.details                    ? 
_exptl.method                     'X-RAY DIFFRACTION' 
_exptl.method_details             ? 
# 
_exptl_crystal.colour                      ? 
_exptl_crystal.density_diffrn              ? 
_exptl_crystal.density_Matthews            1.91 
_exptl_crystal.density_method              ? 
_exptl_crystal.density_percent_sol         35.45 
_exptl_crystal.description                 ? 
_exptl_crystal.F_000                       ? 
_exptl_crystal.id                          1 
_exptl_crystal.preparation                 ? 
_exptl_crystal.size_max                    ? 
_exptl_crystal.size_mid                    ? 
_exptl_crystal.size_min                    ? 
_exptl_crystal.size_rad                    ? 
_exptl_crystal.colour_lustre               ? 
_exptl_crystal.colour_modifier             ? 
_exptl_crystal.colour_primary              ? 
_exptl_crystal.density_meas                ? 
_exptl_crystal.density_meas_esd            ? 
_exptl_crystal.density_meas_gt             ? 
_exptl_crystal.density_meas_lt             ? 
_exptl_crystal.density_meas_temp           ? 
_exptl_crystal.density_meas_temp_esd       ? 
_exptl_crystal.density_meas_temp_gt        ? 
_exptl_crystal.density_meas_temp_lt        ? 
_exptl_crystal.pdbx_crystal_image_url      ? 
_exptl_crystal.pdbx_crystal_image_format   ? 
_exptl_crystal.pdbx_mosaicity              ? 
_exptl_crystal.pdbx_mosaicity_esd          ? 
# 
_exptl_crystal_grow.apparatus       ? 
_exptl_crystal_grow.atmosphere      ? 
_exptl_crystal_grow.crystal_id      1 
_exptl_crystal_grow.details         ? 
_exptl_crystal_grow.method          'VAPOR DIFFUSION, SITTING DROP' 
_exptl_crystal_grow.method_ref      ? 
_exptl_crystal_grow.pH              8.5 
_exptl_crystal_grow.pressure        ? 
_exptl_crystal_grow.pressure_esd    ? 
_exptl_crystal_grow.seeding         ? 
_exptl_crystal_grow.seeding_ref     ? 
_exptl_crystal_grow.temp            290 
_exptl_crystal_grow.temp_details    ? 
_exptl_crystal_grow.temp_esd        ? 
_exptl_crystal_grow.time            ? 
_exptl_crystal_grow.pdbx_details    '0.2 M sodium nitrate, 0.1 M Bis-Tris propane and 20% (w/v) PEG 3350 (pH 8.5)' 
_exptl_crystal_grow.pdbx_pH_range   ? 
# 
_diffrn.ambient_environment              ? 
_diffrn.ambient_temp                     100 
_diffrn.ambient_temp_details             ? 
_diffrn.ambient_temp_esd                 ? 
_diffrn.crystal_id                       1 
_diffrn.crystal_support                  ? 
_diffrn.crystal_treatment                ? 
_diffrn.details                          ? 
_diffrn.id                               1 
_diffrn.ambient_pressure                 ? 
_diffrn.ambient_pressure_esd             ? 
_diffrn.ambient_pressure_gt              ? 
_diffrn.ambient_pressure_lt              ? 
_diffrn.ambient_temp_gt                  ? 
_diffrn.ambient_temp_lt                  ? 
_diffrn.pdbx_serial_crystal_experiment   N 
# 
_diffrn_detector.details                      ? 
_diffrn_detector.detector                     PIXEL 
_diffrn_detector.diffrn_id                    1 
_diffrn_detector.type                         'DECTRIS EIGER X 16M' 
_diffrn_detector.area_resol_mean              ? 
_diffrn_detector.dtime                        ? 
_diffrn_detector.pdbx_frames_total            ? 
_diffrn_detector.pdbx_collection_time_total   ? 
_diffrn_detector.pdbx_collection_date         2018-01-13 
_diffrn_detector.pdbx_frequency               ? 
# 
_diffrn_radiation.collimation                      ? 
_diffrn_radiation.diffrn_id                        1 
_diffrn_radiation.filter_edge                      ? 
_diffrn_radiation.inhomogeneity                    ? 
_diffrn_radiation.monochromator                    ? 
_diffrn_radiation.polarisn_norm                    ? 
_diffrn_radiation.polarisn_ratio                   ? 
_diffrn_radiation.probe                            ? 
_diffrn_radiation.type                             ? 
_diffrn_radiation.xray_symbol                      ? 
_diffrn_radiation.wavelength_id                    1 
_diffrn_radiation.pdbx_monochromatic_or_laue_m_l   M 
_diffrn_radiation.pdbx_wavelength_list             ? 
_diffrn_radiation.pdbx_wavelength                  ? 
_diffrn_radiation.pdbx_diffrn_protocol             'SINGLE WAVELENGTH' 
_diffrn_radiation.pdbx_analyzer                    ? 
_diffrn_radiation.pdbx_scattering_type             x-ray 
# 
_diffrn_radiation_wavelength.id           1 
_diffrn_radiation_wavelength.wavelength   0.987 
_diffrn_radiation_wavelength.wt           1.0 
# 
_diffrn_source.current                     ? 
_diffrn_source.details                     ? 
_diffrn_source.diffrn_id                   1 
_diffrn_source.power                       ? 
_diffrn_source.size                        ? 
_diffrn_source.source                      SYNCHROTRON 
_diffrn_source.target                      ? 
_diffrn_source.type                        'SSRF BEAMLINE BL17U1' 
_diffrn_source.voltage                     ? 
_diffrn_source.take-off_angle              ? 
_diffrn_source.pdbx_wavelength_list        0.987 
_diffrn_source.pdbx_wavelength             ? 
_diffrn_source.pdbx_synchrotron_beamline   BL17U1 
_diffrn_source.pdbx_synchrotron_site       SSRF 
# 
_reflns.B_iso_Wilson_estimate            ? 
_reflns.entry_id                         7BP6 
_reflns.data_reduction_details           ? 
_reflns.data_reduction_method            ? 
_reflns.d_resolution_high                1.58 
_reflns.d_resolution_low                 30.0 
_reflns.details                          ? 
_reflns.limit_h_max                      ? 
_reflns.limit_h_min                      ? 
_reflns.limit_k_max                      ? 
_reflns.limit_k_min                      ? 
_reflns.limit_l_max                      ? 
_reflns.limit_l_min                      ? 
_reflns.number_all                       ? 
_reflns.number_obs                       23604 
_reflns.observed_criterion               ? 
_reflns.observed_criterion_F_max         ? 
_reflns.observed_criterion_F_min         ? 
_reflns.observed_criterion_I_max         ? 
_reflns.observed_criterion_I_min         ? 
_reflns.observed_criterion_sigma_F       ? 
_reflns.observed_criterion_sigma_I       ? 
_reflns.percent_possible_obs             99.7 
_reflns.R_free_details                   ? 
_reflns.Rmerge_F_all                     ? 
_reflns.Rmerge_F_obs                     ? 
_reflns.Friedel_coverage                 ? 
_reflns.number_gt                        ? 
_reflns.threshold_expression             ? 
_reflns.pdbx_redundancy                  9.6 
_reflns.pdbx_Rmerge_I_obs                0.066 
_reflns.pdbx_Rmerge_I_all                ? 
_reflns.pdbx_Rsym_value                  ? 
_reflns.pdbx_netI_over_av_sigmaI         ? 
_reflns.pdbx_netI_over_sigmaI            28.5 
_reflns.pdbx_res_netI_over_av_sigmaI_2   ? 
_reflns.pdbx_res_netI_over_sigmaI_2      ? 
_reflns.pdbx_chi_squared                 0.992 
_reflns.pdbx_scaling_rejects             ? 
_reflns.pdbx_d_res_high_opt              ? 
_reflns.pdbx_d_res_low_opt               ? 
_reflns.pdbx_d_res_opt_method            ? 
_reflns.phase_calculation_details        ? 
_reflns.pdbx_Rrim_I_all                  0.078 
_reflns.pdbx_Rpim_I_all                  0.023 
_reflns.pdbx_d_opt                       ? 
_reflns.pdbx_number_measured_all         ? 
_reflns.pdbx_diffrn_id                   1 
_reflns.pdbx_ordinal                     1 
_reflns.pdbx_CC_half                     ? 
_reflns.pdbx_CC_star                     ? 
_reflns.pdbx_R_split                     ? 
# 
_reflns_shell.d_res_high                  1.58 
_reflns_shell.d_res_low                   1.64 
_reflns_shell.meanI_over_sigI_all         ? 
_reflns_shell.meanI_over_sigI_obs         4.4 
_reflns_shell.number_measured_all         ? 
_reflns_shell.number_measured_obs         ? 
_reflns_shell.number_possible             ? 
_reflns_shell.number_unique_all           ? 
_reflns_shell.number_unique_obs           2302 
_reflns_shell.percent_possible_all        ? 
_reflns_shell.percent_possible_obs        ? 
_reflns_shell.Rmerge_F_all                ? 
_reflns_shell.Rmerge_F_obs                ? 
_reflns_shell.Rmerge_I_all                ? 
_reflns_shell.Rmerge_I_obs                0.428 
_reflns_shell.meanI_over_sigI_gt          ? 
_reflns_shell.meanI_over_uI_all           ? 
_reflns_shell.meanI_over_uI_gt            ? 
_reflns_shell.number_measured_gt          ? 
_reflns_shell.number_unique_gt            ? 
_reflns_shell.percent_possible_gt         ? 
_reflns_shell.Rmerge_F_gt                 ? 
_reflns_shell.Rmerge_I_gt                 ? 
_reflns_shell.pdbx_redundancy             ? 
_reflns_shell.pdbx_Rsym_value             ? 
_reflns_shell.pdbx_chi_squared            ? 
_reflns_shell.pdbx_netI_over_sigmaI_all   ? 
_reflns_shell.pdbx_netI_over_sigmaI_obs   ? 
_reflns_shell.pdbx_Rrim_I_all             0.382 
_reflns_shell.pdbx_Rpim_I_all             0.135 
_reflns_shell.pdbx_rejects                ? 
_reflns_shell.pdbx_ordinal                1 
_reflns_shell.pdbx_diffrn_id              1 
_reflns_shell.pdbx_CC_half                0.897 
_reflns_shell.pdbx_CC_star                0.972 
_reflns_shell.pdbx_R_split                ? 
# 
_refine.aniso_B[1][1]                            0.0600 
_refine.aniso_B[1][2]                            0.0000 
_refine.aniso_B[1][3]                            0.0000 
_refine.aniso_B[2][2]                            0.0800 
_refine.aniso_B[2][3]                            -0.0000 
_refine.aniso_B[3][3]                            -0.1400 
_refine.B_iso_max                                79.590 
_refine.B_iso_mean                               14.7060 
_refine.B_iso_min                                5.440 
_refine.correlation_coeff_Fo_to_Fc               0.9610 
_refine.correlation_coeff_Fo_to_Fc_free          0.9490 
_refine.details                                  
'HYDROGENS HAVE BEEN ADDED IN THE RIDING POSITIONS U VALUES      : REFINED INDIVIDUALLY' 
_refine.diff_density_max                         ? 
_refine.diff_density_max_esd                     ? 
_refine.diff_density_min                         ? 
_refine.diff_density_min_esd                     ? 
_refine.diff_density_rms                         ? 
_refine.diff_density_rms_esd                     ? 
_refine.entry_id                                 7BP6 
_refine.pdbx_refine_id                           'X-RAY DIFFRACTION' 
_refine.ls_abs_structure_details                 ? 
_refine.ls_abs_structure_Flack                   ? 
_refine.ls_abs_structure_Flack_esd               ? 
_refine.ls_abs_structure_Rogers                  ? 
_refine.ls_abs_structure_Rogers_esd              ? 
_refine.ls_d_res_high                            1.5800 
_refine.ls_d_res_low                             29.4600 
_refine.ls_extinction_coef                       ? 
_refine.ls_extinction_coef_esd                   ? 
_refine.ls_extinction_expression                 ? 
_refine.ls_extinction_method                     ? 
_refine.ls_goodness_of_fit_all                   ? 
_refine.ls_goodness_of_fit_all_esd               ? 
_refine.ls_goodness_of_fit_obs                   ? 
_refine.ls_goodness_of_fit_obs_esd               ? 
_refine.ls_hydrogen_treatment                    ? 
_refine.ls_matrix_type                           ? 
_refine.ls_number_constraints                    ? 
_refine.ls_number_parameters                     ? 
_refine.ls_number_reflns_all                     ? 
_refine.ls_number_reflns_obs                     22146 
_refine.ls_number_reflns_R_free                  1251 
_refine.ls_number_reflns_R_work                  ? 
_refine.ls_number_restraints                     ? 
_refine.ls_percent_reflns_obs                    99.0600 
_refine.ls_percent_reflns_R_free                 5.3000 
_refine.ls_R_factor_all                          ? 
_refine.ls_R_factor_obs                          0.1641 
_refine.ls_R_factor_R_free                       0.2002 
_refine.ls_R_factor_R_free_error                 ? 
_refine.ls_R_factor_R_free_error_details         ? 
_refine.ls_R_factor_R_work                       0.1620 
_refine.ls_R_Fsqd_factor_obs                     ? 
_refine.ls_R_I_factor_obs                        ? 
_refine.ls_redundancy_reflns_all                 ? 
_refine.ls_redundancy_reflns_obs                 ? 
_refine.ls_restrained_S_all                      ? 
_refine.ls_restrained_S_obs                      ? 
_refine.ls_shift_over_esd_max                    ? 
_refine.ls_shift_over_esd_mean                   ? 
_refine.ls_structure_factor_coef                 ? 
_refine.ls_weighting_details                     ? 
_refine.ls_weighting_scheme                      ? 
_refine.ls_wR_factor_all                         ? 
_refine.ls_wR_factor_obs                         ? 
_refine.ls_wR_factor_R_free                      ? 
_refine.ls_wR_factor_R_work                      ? 
_refine.occupancy_max                            ? 
_refine.occupancy_min                            ? 
_refine.solvent_model_details                    ? 
_refine.solvent_model_param_bsol                 ? 
_refine.solvent_model_param_ksol                 ? 
_refine.pdbx_R_complete                          ? 
_refine.ls_R_factor_gt                           ? 
_refine.ls_goodness_of_fit_gt                    ? 
_refine.ls_goodness_of_fit_ref                   ? 
_refine.ls_shift_over_su_max                     ? 
_refine.ls_shift_over_su_max_lt                  ? 
_refine.ls_shift_over_su_mean                    ? 
_refine.ls_shift_over_su_mean_lt                 ? 
_refine.pdbx_ls_sigma_I                          ? 
_refine.pdbx_ls_sigma_F                          0.000 
_refine.pdbx_ls_sigma_Fsqd                       ? 
_refine.pdbx_data_cutoff_high_absF               ? 
_refine.pdbx_data_cutoff_high_rms_absF           ? 
_refine.pdbx_data_cutoff_low_absF                ? 
_refine.pdbx_isotropic_thermal_model             ? 
_refine.pdbx_ls_cross_valid_method               THROUGHOUT 
_refine.pdbx_method_to_determine_struct          SAD 
_refine.pdbx_starting_model                      ? 
_refine.pdbx_stereochemistry_target_values       ? 
_refine.pdbx_R_Free_selection_details            RANDOM 
_refine.pdbx_stereochem_target_val_spec_case     ? 
_refine.pdbx_overall_ESU_R                       0.0820 
_refine.pdbx_overall_ESU_R_Free                  0.0860 
_refine.pdbx_solvent_vdw_probe_radii             1.2000 
_refine.pdbx_solvent_ion_probe_radii             0.8000 
_refine.pdbx_solvent_shrinkage_radii             0.8000 
_refine.pdbx_real_space_R                        ? 
_refine.pdbx_density_correlation                 ? 
_refine.pdbx_pd_number_of_powder_patterns        ? 
_refine.pdbx_pd_number_of_points                 ? 
_refine.pdbx_pd_meas_number_of_points            ? 
_refine.pdbx_pd_proc_ls_prof_R_factor            ? 
_refine.pdbx_pd_proc_ls_prof_wR_factor           ? 
_refine.pdbx_pd_Marquardt_correlation_coeff      ? 
_refine.pdbx_pd_Fsqrd_R_factor                   ? 
_refine.pdbx_pd_ls_matrix_band_width             ? 
_refine.pdbx_overall_phase_error                 ? 
_refine.pdbx_overall_SU_R_free_Cruickshank_DPI   ? 
_refine.pdbx_overall_SU_R_free_Blow_DPI          ? 
_refine.pdbx_overall_SU_R_Blow_DPI               ? 
_refine.pdbx_TLS_residual_ADP_flag               ? 
_refine.pdbx_diffrn_id                           1 
_refine.overall_SU_B                             1.5000 
_refine.overall_SU_ML                            0.0530 
_refine.overall_SU_R_Cruickshank_DPI             ? 
_refine.overall_SU_R_free                        ? 
_refine.overall_FOM_free_R_set                   ? 
_refine.overall_FOM_work_R_set                   ? 
_refine.pdbx_average_fsc_overall                 ? 
_refine.pdbx_average_fsc_work                    ? 
_refine.pdbx_average_fsc_free                    ? 
# 
_refine_hist.pdbx_refine_id                   'X-RAY DIFFRACTION' 
_refine_hist.cycle_id                         final 
_refine_hist.details                          ? 
_refine_hist.d_res_high                       1.5800 
_refine_hist.d_res_low                        29.4600 
_refine_hist.number_atoms_solvent             161 
_refine_hist.number_atoms_total               1569 
_refine_hist.number_reflns_all                ? 
_refine_hist.number_reflns_obs                ? 
_refine_hist.number_reflns_R_free             ? 
_refine_hist.number_reflns_R_work             ? 
_refine_hist.R_factor_all                     ? 
_refine_hist.R_factor_obs                     ? 
_refine_hist.R_factor_R_free                  ? 
_refine_hist.R_factor_R_work                  ? 
_refine_hist.pdbx_number_residues_total       186 
_refine_hist.pdbx_B_iso_mean_ligand           ? 
_refine_hist.pdbx_B_iso_mean_solvent          26.96 
_refine_hist.pdbx_number_atoms_protein        1408 
_refine_hist.pdbx_number_atoms_nucleic_acid   0 
_refine_hist.pdbx_number_atoms_ligand         0 
_refine_hist.pdbx_number_atoms_lipid          ? 
_refine_hist.pdbx_number_atoms_carb           ? 
_refine_hist.pdbx_pseudo_atom_details         ? 
# 
loop_
_refine_ls_restr.pdbx_refine_id 
_refine_ls_restr.criterion 
_refine_ls_restr.dev_ideal 
_refine_ls_restr.dev_ideal_target 
_refine_ls_restr.number 
_refine_ls_restr.rejects 
_refine_ls_restr.type 
_refine_ls_restr.weight 
_refine_ls_restr.pdbx_restraint_function 
'X-RAY DIFFRACTION' ? 0.012  0.013  1426 ? r_bond_refined_d       ? ? 
'X-RAY DIFFRACTION' ? 0.001  0.017  1411 ? r_bond_other_d         ? ? 
'X-RAY DIFFRACTION' ? 1.666  1.644  1921 ? r_angle_refined_deg    ? ? 
'X-RAY DIFFRACTION' ? 1.528  1.584  3262 ? r_angle_other_deg      ? ? 
'X-RAY DIFFRACTION' ? 5.367  5.000  183  ? r_dihedral_angle_1_deg ? ? 
'X-RAY DIFFRACTION' ? 34.078 22.295 61   ? r_dihedral_angle_2_deg ? ? 
'X-RAY DIFFRACTION' ? 13.465 15.000 258  ? r_dihedral_angle_3_deg ? ? 
'X-RAY DIFFRACTION' ? 19.081 15.000 8    ? r_dihedral_angle_4_deg ? ? 
'X-RAY DIFFRACTION' ? 0.083  0.200  198  ? r_chiral_restr         ? ? 
'X-RAY DIFFRACTION' ? 0.009  0.020  1570 ? r_gen_planes_refined   ? ? 
'X-RAY DIFFRACTION' ? 0.001  0.020  278  ? r_gen_planes_other     ? ? 
# 
_refine_ls_shell.pdbx_refine_id                   'X-RAY DIFFRACTION' 
_refine_ls_shell.d_res_high                       1.5800 
_refine_ls_shell.d_res_low                        1.6210 
_refine_ls_shell.number_reflns_all                1600 
_refine_ls_shell.number_reflns_obs                ? 
_refine_ls_shell.number_reflns_R_free             76 
_refine_ls_shell.number_reflns_R_work             1524 
_refine_ls_shell.percent_reflns_obs               93.1300 
_refine_ls_shell.percent_reflns_R_free            ? 
_refine_ls_shell.R_factor_all                     ? 
_refine_ls_shell.R_factor_obs                     ? 
_refine_ls_shell.R_factor_R_free                  0.2820 
_refine_ls_shell.R_factor_R_free_error            0.0000 
_refine_ls_shell.R_factor_R_work                  0.2150 
_refine_ls_shell.redundancy_reflns_all            ? 
_refine_ls_shell.redundancy_reflns_obs            ? 
_refine_ls_shell.wR_factor_all                    ? 
_refine_ls_shell.wR_factor_obs                    ? 
_refine_ls_shell.wR_factor_R_free                 ? 
_refine_ls_shell.wR_factor_R_work                 ? 
_refine_ls_shell.pdbx_R_complete                  ? 
_refine_ls_shell.pdbx_total_number_of_bins_used   20 
_refine_ls_shell.pdbx_phase_error                 ? 
_refine_ls_shell.pdbx_fsc_work                    ? 
_refine_ls_shell.pdbx_fsc_free                    ? 
# 
_struct.entry_id                     7BP6 
_struct.title                        'Structural insights into nucleosome reorganization by NAP1-RELATED PROTEIN 1 (NRP1)' 
_struct.pdbx_model_details           ? 
_struct.pdbx_formula_weight          ? 
_struct.pdbx_formula_weight_method   ? 
_struct.pdbx_model_type_details      ? 
_struct.pdbx_CASP_flag               N 
# 
_struct_keywords.entry_id        7BP6 
_struct_keywords.text            'complex, Histone, PLANT PROTEIN, NUCLEAR PROTEIN-CHAPERONE complex' 
_struct_keywords.pdbx_keywords   'NUCLEAR PROTEIN/CHAPERONE' 
# 
loop_
_struct_asym.id 
_struct_asym.pdbx_blank_PDB_chainid_flag 
_struct_asym.pdbx_modified 
_struct_asym.entity_id 
_struct_asym.details 
A N N 1 ? 
B N N 2 ? 
C N N 3 ? 
D N N 4 ? 
E N N 4 ? 
F N N 4 ? 
# 
loop_
_struct_ref.id 
_struct_ref.db_name 
_struct_ref.db_code 
_struct_ref.pdbx_db_accession 
_struct_ref.pdbx_db_isoform 
_struct_ref.entity_id 
_struct_ref.pdbx_seq_one_letter_code 
_struct_ref.pdbx_align_begin 
1 UNP H2A6_ARATH Q9LD28 ? 1 
;KKATSRSSKAGLQFPVGRIARFLKAGKYAERVGAGAPVYLAAVLEYLAAEVLELAGNAARDNKKTRIVPRHIQLAVRNDE
ELSKLLGDVTIAN
;
14  
2 UNP H2B1_ARATH Q9LQQ4 ? 2 
;KKRSKKNVETYKIYIFKVLKQVHPDIGISSKAMGIMNSFINDIFEKLAQESSKLARYNKKPTITSREIQTAVRLVLPGEL
AKHAVSEGTKAVTKFTSS
;
51  
3 UNP NRP1_ARATH Q9CA59 ? 3 DADEEDF                                                                                               
226 
# 
loop_
_struct_ref_seq.align_id 
_struct_ref_seq.ref_id 
_struct_ref_seq.pdbx_PDB_id_code 
_struct_ref_seq.pdbx_strand_id 
_struct_ref_seq.seq_align_beg 
_struct_ref_seq.pdbx_seq_align_beg_ins_code 
_struct_ref_seq.seq_align_end 
_struct_ref_seq.pdbx_seq_align_end_ins_code 
_struct_ref_seq.pdbx_db_accession 
_struct_ref_seq.db_align_beg 
_struct_ref_seq.pdbx_db_align_beg_ins_code 
_struct_ref_seq.db_align_end 
_struct_ref_seq.pdbx_db_align_end_ins_code 
_struct_ref_seq.pdbx_auth_seq_align_beg 
_struct_ref_seq.pdbx_auth_seq_align_end 
1 1 7BP6 C 1 ? 93 ? Q9LD28 14  ? 106 ? 14  106 
2 2 7BP6 D 1 ? 98 ? Q9LQQ4 51  ? 148 ? 51  148 
3 3 7BP6 A 1 ? 7  ? Q9CA59 226 ? 232 ? 226 232 
# 
_pdbx_struct_assembly.id                   1 
_pdbx_struct_assembly.details              author_and_software_defined_assembly 
_pdbx_struct_assembly.method_details       PISA 
_pdbx_struct_assembly.oligomeric_details   trimeric 
_pdbx_struct_assembly.oligomeric_count     3 
# 
loop_
_pdbx_struct_assembly_prop.biol_id 
_pdbx_struct_assembly_prop.type 
_pdbx_struct_assembly_prop.value 
_pdbx_struct_assembly_prop.details 
1 'ABSA (A^2)' 5460 ? 
1 MORE         -53  ? 
1 'SSA (A^2)'  9400 ? 
# 
_pdbx_struct_assembly_gen.assembly_id       1 
_pdbx_struct_assembly_gen.oper_expression   1 
_pdbx_struct_assembly_gen.asym_id_list      A,B,C,D,E,F 
# 
_pdbx_struct_assembly_auth_evidence.id                     1 
_pdbx_struct_assembly_auth_evidence.assembly_id            1 
_pdbx_struct_assembly_auth_evidence.experimental_support   none 
_pdbx_struct_assembly_auth_evidence.details                ? 
# 
_pdbx_struct_oper_list.id                   1 
_pdbx_struct_oper_list.type                 'identity operation' 
_pdbx_struct_oper_list.name                 1_555 
_pdbx_struct_oper_list.symmetry_operation   x,y,z 
_pdbx_struct_oper_list.matrix[1][1]         1.0000000000 
_pdbx_struct_oper_list.matrix[1][2]         0.0000000000 
_pdbx_struct_oper_list.matrix[1][3]         0.0000000000 
_pdbx_struct_oper_list.vector[1]            0.0000000000 
_pdbx_struct_oper_list.matrix[2][1]         0.0000000000 
_pdbx_struct_oper_list.matrix[2][2]         1.0000000000 
_pdbx_struct_oper_list.matrix[2][3]         0.0000000000 
_pdbx_struct_oper_list.vector[2]            0.0000000000 
_pdbx_struct_oper_list.matrix[3][1]         0.0000000000 
_pdbx_struct_oper_list.matrix[3][2]         0.0000000000 
_pdbx_struct_oper_list.matrix[3][3]         1.0000000000 
_pdbx_struct_oper_list.vector[3]            0.0000000000 
# 
loop_
_struct_conf.conf_type_id 
_struct_conf.id 
_struct_conf.pdbx_PDB_helix_id 
_struct_conf.beg_label_comp_id 
_struct_conf.beg_label_asym_id 
_struct_conf.beg_label_seq_id 
_struct_conf.pdbx_beg_PDB_ins_code 
_struct_conf.end_label_comp_id 
_struct_conf.end_label_asym_id 
_struct_conf.end_label_seq_id 
_struct_conf.pdbx_end_PDB_ins_code 
_struct_conf.beg_auth_comp_id 
_struct_conf.beg_auth_asym_id 
_struct_conf.beg_auth_seq_id 
_struct_conf.end_auth_comp_id 
_struct_conf.end_auth_asym_id 
_struct_conf.end_auth_seq_id 
_struct_conf.pdbx_PDB_helix_class 
_struct_conf.details 
_struct_conf.pdbx_PDB_helix_length 
HELX_P HELX_P1  AA1 SER A 5  ? ALA A 10 ? SER C 18  ALA C 23  1 ? 6  
HELX_P HELX_P2  AA2 PRO A 15 ? GLY A 26 ? PRO C 28  GLY C 39  1 ? 12 
HELX_P HELX_P3  AA3 ALA A 34 ? ASN A 62 ? ALA C 47  ASN C 75  1 ? 29 
HELX_P HELX_P4  AA4 VAL A 68 ? ASN A 78 ? VAL C 81  ASN C 91  1 ? 11 
HELX_P HELX_P5  AA5 ASP A 79 ? GLY A 87 ? ASP C 92  GLY C 100 1 ? 9  
HELX_P HELX_P6  AA6 TYR B 11 ? HIS B 23 ? TYR D 61  HIS D 73  1 ? 13 
HELX_P HELX_P7  AA7 SER B 29 ? ASN B 58 ? SER D 79  ASN D 108 1 ? 30 
HELX_P HELX_P8  AA8 THR B 64 ? LEU B 76 ? THR D 114 LEU D 126 1 ? 13 
HELX_P HELX_P9  AA9 PRO B 77 ? SER B 98 ? PRO D 127 SER D 148 1 ? 22 
HELX_P HELX_P10 AB1 ASP C 1  ? GLU C 5  ? ASP A 226 GLU A 230 5 ? 5  
# 
_struct_conf_type.id          HELX_P 
_struct_conf_type.criteria    ? 
_struct_conf_type.reference   ? 
# 
loop_
_struct_sheet.id 
_struct_sheet.type 
_struct_sheet.number_strands 
_struct_sheet.details 
AA1 ? 2 ? 
AA2 ? 2 ? 
# 
loop_
_struct_sheet_order.sheet_id 
_struct_sheet_order.range_id_1 
_struct_sheet_order.range_id_2 
_struct_sheet_order.offset 
_struct_sheet_order.sense 
AA1 1 2 ? parallel 
AA2 1 2 ? parallel 
# 
loop_
_struct_sheet_range.sheet_id 
_struct_sheet_range.id 
_struct_sheet_range.beg_label_comp_id 
_struct_sheet_range.beg_label_asym_id 
_struct_sheet_range.beg_label_seq_id 
_struct_sheet_range.pdbx_beg_PDB_ins_code 
_struct_sheet_range.end_label_comp_id 
_struct_sheet_range.end_label_asym_id 
_struct_sheet_range.end_label_seq_id 
_struct_sheet_range.pdbx_end_PDB_ins_code 
_struct_sheet_range.beg_auth_comp_id 
_struct_sheet_range.beg_auth_asym_id 
_struct_sheet_range.beg_auth_seq_id 
_struct_sheet_range.end_auth_comp_id 
_struct_sheet_range.end_auth_asym_id 
_struct_sheet_range.end_auth_seq_id 
AA1 1 ARG A 31 ? VAL A 32 ? ARG C 44  VAL C 45  
AA1 2 THR B 62 ? ILE B 63 ? THR D 112 ILE D 113 
AA2 1 ARG A 66 ? ILE A 67 ? ARG C 79  ILE C 80  
AA2 2 GLY B 27 ? ILE B 28 ? GLY D 77  ILE D 78  
# 
loop_
_pdbx_struct_sheet_hbond.sheet_id 
_pdbx_struct_sheet_hbond.range_id_1 
_pdbx_struct_sheet_hbond.range_id_2 
_pdbx_struct_sheet_hbond.range_1_label_atom_id 
_pdbx_struct_sheet_hbond.range_1_label_comp_id 
_pdbx_struct_sheet_hbond.range_1_label_asym_id 
_pdbx_struct_sheet_hbond.range_1_label_seq_id 
_pdbx_struct_sheet_hbond.range_1_PDB_ins_code 
_pdbx_struct_sheet_hbond.range_1_auth_atom_id 
_pdbx_struct_sheet_hbond.range_1_auth_comp_id 
_pdbx_struct_sheet_hbond.range_1_auth_asym_id 
_pdbx_struct_sheet_hbond.range_1_auth_seq_id 
_pdbx_struct_sheet_hbond.range_2_label_atom_id 
_pdbx_struct_sheet_hbond.range_2_label_comp_id 
_pdbx_struct_sheet_hbond.range_2_label_asym_id 
_pdbx_struct_sheet_hbond.range_2_label_seq_id 
_pdbx_struct_sheet_hbond.range_2_PDB_ins_code 
_pdbx_struct_sheet_hbond.range_2_auth_atom_id 
_pdbx_struct_sheet_hbond.range_2_auth_comp_id 
_pdbx_struct_sheet_hbond.range_2_auth_asym_id 
_pdbx_struct_sheet_hbond.range_2_auth_seq_id 
AA1 1 2 N ARG A 31 ? N ARG C 44 O ILE B 63 ? O ILE D 113 
AA2 1 2 N ILE A 67 ? N ILE C 80 O GLY B 27 ? O GLY D 77  
# 
loop_
_pdbx_unobs_or_zero_occ_residues.id 
_pdbx_unobs_or_zero_occ_residues.PDB_model_num 
_pdbx_unobs_or_zero_occ_residues.polymer_flag 
_pdbx_unobs_or_zero_occ_residues.occupancy_flag 
_pdbx_unobs_or_zero_occ_residues.auth_asym_id 
_pdbx_unobs_or_zero_occ_residues.auth_comp_id 
_pdbx_unobs_or_zero_occ_residues.auth_seq_id 
_pdbx_unobs_or_zero_occ_residues.PDB_ins_code 
_pdbx_unobs_or_zero_occ_residues.label_asym_id 
_pdbx_unobs_or_zero_occ_residues.label_comp_id 
_pdbx_unobs_or_zero_occ_residues.label_seq_id 
1  1 Y 1 C LYS 14  ? A LYS 1  
2  1 Y 1 C LYS 15  ? A LYS 2  
3  1 Y 1 C ALA 105 ? A ALA 92 
4  1 Y 1 C ASN 106 ? A ASN 93 
5  1 Y 1 D LYS 51  ? B LYS 1  
6  1 Y 1 D LYS 52  ? B LYS 2  
7  1 Y 1 D ARG 53  ? B ARG 3  
8  1 Y 1 D SER 54  ? B SER 4  
9  1 Y 1 D LYS 55  ? B LYS 5  
10 1 Y 1 D LYS 56  ? B LYS 6  
11 1 Y 1 D ASN 57  ? B ASN 7  
12 1 Y 1 D VAL 58  ? B VAL 8  
# 
loop_
_chem_comp_atom.comp_id 
_chem_comp_atom.atom_id 
_chem_comp_atom.type_symbol 
_chem_comp_atom.pdbx_aromatic_flag 
_chem_comp_atom.pdbx_stereo_config 
_chem_comp_atom.pdbx_ordinal 
ALA N    N N N 1   
ALA CA   C N S 2   
ALA C    C N N 3   
ALA O    O N N 4   
ALA CB   C N N 5   
ALA OXT  O N N 6   
ALA H    H N N 7   
ALA H2   H N N 8   
ALA HA   H N N 9   
ALA HB1  H N N 10  
ALA HB2  H N N 11  
ALA HB3  H N N 12  
ALA HXT  H N N 13  
ARG N    N N N 14  
ARG CA   C N S 15  
ARG C    C N N 16  
ARG O    O N N 17  
ARG CB   C N N 18  
ARG CG   C N N 19  
ARG CD   C N N 20  
ARG NE   N N N 21  
ARG CZ   C N N 22  
ARG NH1  N N N 23  
ARG NH2  N N N 24  
ARG OXT  O N N 25  
ARG H    H N N 26  
ARG H2   H N N 27  
ARG HA   H N N 28  
ARG HB2  H N N 29  
ARG HB3  H N N 30  
ARG HG2  H N N 31  
ARG HG3  H N N 32  
ARG HD2  H N N 33  
ARG HD3  H N N 34  
ARG HE   H N N 35  
ARG HH11 H N N 36  
ARG HH12 H N N 37  
ARG HH21 H N N 38  
ARG HH22 H N N 39  
ARG HXT  H N N 40  
ASN N    N N N 41  
ASN CA   C N S 42  
ASN C    C N N 43  
ASN O    O N N 44  
ASN CB   C N N 45  
ASN CG   C N N 46  
ASN OD1  O N N 47  
ASN ND2  N N N 48  
ASN OXT  O N N 49  
ASN H    H N N 50  
ASN H2   H N N 51  
ASN HA   H N N 52  
ASN HB2  H N N 53  
ASN HB3  H N N 54  
ASN HD21 H N N 55  
ASN HD22 H N N 56  
ASN HXT  H N N 57  
ASP N    N N N 58  
ASP CA   C N S 59  
ASP C    C N N 60  
ASP O    O N N 61  
ASP CB   C N N 62  
ASP CG   C N N 63  
ASP OD1  O N N 64  
ASP OD2  O N N 65  
ASP OXT  O N N 66  
ASP H    H N N 67  
ASP H2   H N N 68  
ASP HA   H N N 69  
ASP HB2  H N N 70  
ASP HB3  H N N 71  
ASP HD2  H N N 72  
ASP HXT  H N N 73  
GLN N    N N N 74  
GLN CA   C N S 75  
GLN C    C N N 76  
GLN O    O N N 77  
GLN CB   C N N 78  
GLN CG   C N N 79  
GLN CD   C N N 80  
GLN OE1  O N N 81  
GLN NE2  N N N 82  
GLN OXT  O N N 83  
GLN H    H N N 84  
GLN H2   H N N 85  
GLN HA   H N N 86  
GLN HB2  H N N 87  
GLN HB3  H N N 88  
GLN HG2  H N N 89  
GLN HG3  H N N 90  
GLN HE21 H N N 91  
GLN HE22 H N N 92  
GLN HXT  H N N 93  
GLU N    N N N 94  
GLU CA   C N S 95  
GLU C    C N N 96  
GLU O    O N N 97  
GLU CB   C N N 98  
GLU CG   C N N 99  
GLU CD   C N N 100 
GLU OE1  O N N 101 
GLU OE2  O N N 102 
GLU OXT  O N N 103 
GLU H    H N N 104 
GLU H2   H N N 105 
GLU HA   H N N 106 
GLU HB2  H N N 107 
GLU HB3  H N N 108 
GLU HG2  H N N 109 
GLU HG3  H N N 110 
GLU HE2  H N N 111 
GLU HXT  H N N 112 
GLY N    N N N 113 
GLY CA   C N N 114 
GLY C    C N N 115 
GLY O    O N N 116 
GLY OXT  O N N 117 
GLY H    H N N 118 
GLY H2   H N N 119 
GLY HA2  H N N 120 
GLY HA3  H N N 121 
GLY HXT  H N N 122 
HIS N    N N N 123 
HIS CA   C N S 124 
HIS C    C N N 125 
HIS O    O N N 126 
HIS CB   C N N 127 
HIS CG   C Y N 128 
HIS ND1  N Y N 129 
HIS CD2  C Y N 130 
HIS CE1  C Y N 131 
HIS NE2  N Y N 132 
HIS OXT  O N N 133 
HIS H    H N N 134 
HIS H2   H N N 135 
HIS HA   H N N 136 
HIS HB2  H N N 137 
HIS HB3  H N N 138 
HIS HD1  H N N 139 
HIS HD2  H N N 140 
HIS HE1  H N N 141 
HIS HE2  H N N 142 
HIS HXT  H N N 143 
HOH O    O N N 144 
HOH H1   H N N 145 
HOH H2   H N N 146 
ILE N    N N N 147 
ILE CA   C N S 148 
ILE C    C N N 149 
ILE O    O N N 150 
ILE CB   C N S 151 
ILE CG1  C N N 152 
ILE CG2  C N N 153 
ILE CD1  C N N 154 
ILE OXT  O N N 155 
ILE H    H N N 156 
ILE H2   H N N 157 
ILE HA   H N N 158 
ILE HB   H N N 159 
ILE HG12 H N N 160 
ILE HG13 H N N 161 
ILE HG21 H N N 162 
ILE HG22 H N N 163 
ILE HG23 H N N 164 
ILE HD11 H N N 165 
ILE HD12 H N N 166 
ILE HD13 H N N 167 
ILE HXT  H N N 168 
LEU N    N N N 169 
LEU CA   C N S 170 
LEU C    C N N 171 
LEU O    O N N 172 
LEU CB   C N N 173 
LEU CG   C N N 174 
LEU CD1  C N N 175 
LEU CD2  C N N 176 
LEU OXT  O N N 177 
LEU H    H N N 178 
LEU H2   H N N 179 
LEU HA   H N N 180 
LEU HB2  H N N 181 
LEU HB3  H N N 182 
LEU HG   H N N 183 
LEU HD11 H N N 184 
LEU HD12 H N N 185 
LEU HD13 H N N 186 
LEU HD21 H N N 187 
LEU HD22 H N N 188 
LEU HD23 H N N 189 
LEU HXT  H N N 190 
LYS N    N N N 191 
LYS CA   C N S 192 
LYS C    C N N 193 
LYS O    O N N 194 
LYS CB   C N N 195 
LYS CG   C N N 196 
LYS CD   C N N 197 
LYS CE   C N N 198 
LYS NZ   N N N 199 
LYS OXT  O N N 200 
LYS H    H N N 201 
LYS H2   H N N 202 
LYS HA   H N N 203 
LYS HB2  H N N 204 
LYS HB3  H N N 205 
LYS HG2  H N N 206 
LYS HG3  H N N 207 
LYS HD2  H N N 208 
LYS HD3  H N N 209 
LYS HE2  H N N 210 
LYS HE3  H N N 211 
LYS HZ1  H N N 212 
LYS HZ2  H N N 213 
LYS HZ3  H N N 214 
LYS HXT  H N N 215 
MET N    N N N 216 
MET CA   C N S 217 
MET C    C N N 218 
MET O    O N N 219 
MET CB   C N N 220 
MET CG   C N N 221 
MET SD   S N N 222 
MET CE   C N N 223 
MET OXT  O N N 224 
MET H    H N N 225 
MET H2   H N N 226 
MET HA   H N N 227 
MET HB2  H N N 228 
MET HB3  H N N 229 
MET HG2  H N N 230 
MET HG3  H N N 231 
MET HE1  H N N 232 
MET HE2  H N N 233 
MET HE3  H N N 234 
MET HXT  H N N 235 
PHE N    N N N 236 
PHE CA   C N S 237 
PHE C    C N N 238 
PHE O    O N N 239 
PHE CB   C N N 240 
PHE CG   C Y N 241 
PHE CD1  C Y N 242 
PHE CD2  C Y N 243 
PHE CE1  C Y N 244 
PHE CE2  C Y N 245 
PHE CZ   C Y N 246 
PHE OXT  O N N 247 
PHE H    H N N 248 
PHE H2   H N N 249 
PHE HA   H N N 250 
PHE HB2  H N N 251 
PHE HB3  H N N 252 
PHE HD1  H N N 253 
PHE HD2  H N N 254 
PHE HE1  H N N 255 
PHE HE2  H N N 256 
PHE HZ   H N N 257 
PHE HXT  H N N 258 
PRO N    N N N 259 
PRO CA   C N S 260 
PRO C    C N N 261 
PRO O    O N N 262 
PRO CB   C N N 263 
PRO CG   C N N 264 
PRO CD   C N N 265 
PRO OXT  O N N 266 
PRO H    H N N 267 
PRO HA   H N N 268 
PRO HB2  H N N 269 
PRO HB3  H N N 270 
PRO HG2  H N N 271 
PRO HG3  H N N 272 
PRO HD2  H N N 273 
PRO HD3  H N N 274 
PRO HXT  H N N 275 
SER N    N N N 276 
SER CA   C N S 277 
SER C    C N N 278 
SER O    O N N 279 
SER CB   C N N 280 
SER OG   O N N 281 
SER OXT  O N N 282 
SER H    H N N 283 
SER H2   H N N 284 
SER HA   H N N 285 
SER HB2  H N N 286 
SER HB3  H N N 287 
SER HG   H N N 288 
SER HXT  H N N 289 
THR N    N N N 290 
THR CA   C N S 291 
THR C    C N N 292 
THR O    O N N 293 
THR CB   C N R 294 
THR OG1  O N N 295 
THR CG2  C N N 296 
THR OXT  O N N 297 
THR H    H N N 298 
THR H2   H N N 299 
THR HA   H N N 300 
THR HB   H N N 301 
THR HG1  H N N 302 
THR HG21 H N N 303 
THR HG22 H N N 304 
THR HG23 H N N 305 
THR HXT  H N N 306 
TYR N    N N N 307 
TYR CA   C N S 308 
TYR C    C N N 309 
TYR O    O N N 310 
TYR CB   C N N 311 
TYR CG   C Y N 312 
TYR CD1  C Y N 313 
TYR CD2  C Y N 314 
TYR CE1  C Y N 315 
TYR CE2  C Y N 316 
TYR CZ   C Y N 317 
TYR OH   O N N 318 
TYR OXT  O N N 319 
TYR H    H N N 320 
TYR H2   H N N 321 
TYR HA   H N N 322 
TYR HB2  H N N 323 
TYR HB3  H N N 324 
TYR HD1  H N N 325 
TYR HD2  H N N 326 
TYR HE1  H N N 327 
TYR HE2  H N N 328 
TYR HH   H N N 329 
TYR HXT  H N N 330 
VAL N    N N N 331 
VAL CA   C N S 332 
VAL C    C N N 333 
VAL O    O N N 334 
VAL CB   C N N 335 
VAL CG1  C N N 336 
VAL CG2  C N N 337 
VAL OXT  O N N 338 
VAL H    H N N 339 
VAL H2   H N N 340 
VAL HA   H N N 341 
VAL HB   H N N 342 
VAL HG11 H N N 343 
VAL HG12 H N N 344 
VAL HG13 H N N 345 
VAL HG21 H N N 346 
VAL HG22 H N N 347 
VAL HG23 H N N 348 
VAL HXT  H N N 349 
# 
loop_
_chem_comp_bond.comp_id 
_chem_comp_bond.atom_id_1 
_chem_comp_bond.atom_id_2 
_chem_comp_bond.value_order 
_chem_comp_bond.pdbx_aromatic_flag 
_chem_comp_bond.pdbx_stereo_config 
_chem_comp_bond.pdbx_ordinal 
ALA N   CA   sing N N 1   
ALA N   H    sing N N 2   
ALA N   H2   sing N N 3   
ALA CA  C    sing N N 4   
ALA CA  CB   sing N N 5   
ALA CA  HA   sing N N 6   
ALA C   O    doub N N 7   
ALA C   OXT  sing N N 8   
ALA CB  HB1  sing N N 9   
ALA CB  HB2  sing N N 10  
ALA CB  HB3  sing N N 11  
ALA OXT HXT  sing N N 12  
ARG N   CA   sing N N 13  
ARG N   H    sing N N 14  
ARG N   H2   sing N N 15  
ARG CA  C    sing N N 16  
ARG CA  CB   sing N N 17  
ARG CA  HA   sing N N 18  
ARG C   O    doub N N 19  
ARG C   OXT  sing N N 20  
ARG CB  CG   sing N N 21  
ARG CB  HB2  sing N N 22  
ARG CB  HB3  sing N N 23  
ARG CG  CD   sing N N 24  
ARG CG  HG2  sing N N 25  
ARG CG  HG3  sing N N 26  
ARG CD  NE   sing N N 27  
ARG CD  HD2  sing N N 28  
ARG CD  HD3  sing N N 29  
ARG NE  CZ   sing N N 30  
ARG NE  HE   sing N N 31  
ARG CZ  NH1  sing N N 32  
ARG CZ  NH2  doub N N 33  
ARG NH1 HH11 sing N N 34  
ARG NH1 HH12 sing N N 35  
ARG NH2 HH21 sing N N 36  
ARG NH2 HH22 sing N N 37  
ARG OXT HXT  sing N N 38  
ASN N   CA   sing N N 39  
ASN N   H    sing N N 40  
ASN N   H2   sing N N 41  
ASN CA  C    sing N N 42  
ASN CA  CB   sing N N 43  
ASN CA  HA   sing N N 44  
ASN C   O    doub N N 45  
ASN C   OXT  sing N N 46  
ASN CB  CG   sing N N 47  
ASN CB  HB2  sing N N 48  
ASN CB  HB3  sing N N 49  
ASN CG  OD1  doub N N 50  
ASN CG  ND2  sing N N 51  
ASN ND2 HD21 sing N N 52  
ASN ND2 HD22 sing N N 53  
ASN OXT HXT  sing N N 54  
ASP N   CA   sing N N 55  
ASP N   H    sing N N 56  
ASP N   H2   sing N N 57  
ASP CA  C    sing N N 58  
ASP CA  CB   sing N N 59  
ASP CA  HA   sing N N 60  
ASP C   O    doub N N 61  
ASP C   OXT  sing N N 62  
ASP CB  CG   sing N N 63  
ASP CB  HB2  sing N N 64  
ASP CB  HB3  sing N N 65  
ASP CG  OD1  doub N N 66  
ASP CG  OD2  sing N N 67  
ASP OD2 HD2  sing N N 68  
ASP OXT HXT  sing N N 69  
GLN N   CA   sing N N 70  
GLN N   H    sing N N 71  
GLN N   H2   sing N N 72  
GLN CA  C    sing N N 73  
GLN CA  CB   sing N N 74  
GLN CA  HA   sing N N 75  
GLN C   O    doub N N 76  
GLN C   OXT  sing N N 77  
GLN CB  CG   sing N N 78  
GLN CB  HB2  sing N N 79  
GLN CB  HB3  sing N N 80  
GLN CG  CD   sing N N 81  
GLN CG  HG2  sing N N 82  
GLN CG  HG3  sing N N 83  
GLN CD  OE1  doub N N 84  
GLN CD  NE2  sing N N 85  
GLN NE2 HE21 sing N N 86  
GLN NE2 HE22 sing N N 87  
GLN OXT HXT  sing N N 88  
GLU N   CA   sing N N 89  
GLU N   H    sing N N 90  
GLU N   H2   sing N N 91  
GLU CA  C    sing N N 92  
GLU CA  CB   sing N N 93  
GLU CA  HA   sing N N 94  
GLU C   O    doub N N 95  
GLU C   OXT  sing N N 96  
GLU CB  CG   sing N N 97  
GLU CB  HB2  sing N N 98  
GLU CB  HB3  sing N N 99  
GLU CG  CD   sing N N 100 
GLU CG  HG2  sing N N 101 
GLU CG  HG3  sing N N 102 
GLU CD  OE1  doub N N 103 
GLU CD  OE2  sing N N 104 
GLU OE2 HE2  sing N N 105 
GLU OXT HXT  sing N N 106 
GLY N   CA   sing N N 107 
GLY N   H    sing N N 108 
GLY N   H2   sing N N 109 
GLY CA  C    sing N N 110 
GLY CA  HA2  sing N N 111 
GLY CA  HA3  sing N N 112 
GLY C   O    doub N N 113 
GLY C   OXT  sing N N 114 
GLY OXT HXT  sing N N 115 
HIS N   CA   sing N N 116 
HIS N   H    sing N N 117 
HIS N   H2   sing N N 118 
HIS CA  C    sing N N 119 
HIS CA  CB   sing N N 120 
HIS CA  HA   sing N N 121 
HIS C   O    doub N N 122 
HIS C   OXT  sing N N 123 
HIS CB  CG   sing N N 124 
HIS CB  HB2  sing N N 125 
HIS CB  HB3  sing N N 126 
HIS CG  ND1  sing Y N 127 
HIS CG  CD2  doub Y N 128 
HIS ND1 CE1  doub Y N 129 
HIS ND1 HD1  sing N N 130 
HIS CD2 NE2  sing Y N 131 
HIS CD2 HD2  sing N N 132 
HIS CE1 NE2  sing Y N 133 
HIS CE1 HE1  sing N N 134 
HIS NE2 HE2  sing N N 135 
HIS OXT HXT  sing N N 136 
HOH O   H1   sing N N 137 
HOH O   H2   sing N N 138 
ILE N   CA   sing N N 139 
ILE N   H    sing N N 140 
ILE N   H2   sing N N 141 
ILE CA  C    sing N N 142 
ILE CA  CB   sing N N 143 
ILE CA  HA   sing N N 144 
ILE C   O    doub N N 145 
ILE C   OXT  sing N N 146 
ILE CB  CG1  sing N N 147 
ILE CB  CG2  sing N N 148 
ILE CB  HB   sing N N 149 
ILE CG1 CD1  sing N N 150 
ILE CG1 HG12 sing N N 151 
ILE CG1 HG13 sing N N 152 
ILE CG2 HG21 sing N N 153 
ILE CG2 HG22 sing N N 154 
ILE CG2 HG23 sing N N 155 
ILE CD1 HD11 sing N N 156 
ILE CD1 HD12 sing N N 157 
ILE CD1 HD13 sing N N 158 
ILE OXT HXT  sing N N 159 
LEU N   CA   sing N N 160 
LEU N   H    sing N N 161 
LEU N   H2   sing N N 162 
LEU CA  C    sing N N 163 
LEU CA  CB   sing N N 164 
LEU CA  HA   sing N N 165 
LEU C   O    doub N N 166 
LEU C   OXT  sing N N 167 
LEU CB  CG   sing N N 168 
LEU CB  HB2  sing N N 169 
LEU CB  HB3  sing N N 170 
LEU CG  CD1  sing N N 171 
LEU CG  CD2  sing N N 172 
LEU CG  HG   sing N N 173 
LEU CD1 HD11 sing N N 174 
LEU CD1 HD12 sing N N 175 
LEU CD1 HD13 sing N N 176 
LEU CD2 HD21 sing N N 177 
LEU CD2 HD22 sing N N 178 
LEU CD2 HD23 sing N N 179 
LEU OXT HXT  sing N N 180 
LYS N   CA   sing N N 181 
LYS N   H    sing N N 182 
LYS N   H2   sing N N 183 
LYS CA  C    sing N N 184 
LYS CA  CB   sing N N 185 
LYS CA  HA   sing N N 186 
LYS C   O    doub N N 187 
LYS C   OXT  sing N N 188 
LYS CB  CG   sing N N 189 
LYS CB  HB2  sing N N 190 
LYS CB  HB3  sing N N 191 
LYS CG  CD   sing N N 192 
LYS CG  HG2  sing N N 193 
LYS CG  HG3  sing N N 194 
LYS CD  CE   sing N N 195 
LYS CD  HD2  sing N N 196 
LYS CD  HD3  sing N N 197 
LYS CE  NZ   sing N N 198 
LYS CE  HE2  sing N N 199 
LYS CE  HE3  sing N N 200 
LYS NZ  HZ1  sing N N 201 
LYS NZ  HZ2  sing N N 202 
LYS NZ  HZ3  sing N N 203 
LYS OXT HXT  sing N N 204 
MET N   CA   sing N N 205 
MET N   H    sing N N 206 
MET N   H2   sing N N 207 
MET CA  C    sing N N 208 
MET CA  CB   sing N N 209 
MET CA  HA   sing N N 210 
MET C   O    doub N N 211 
MET C   OXT  sing N N 212 
MET CB  CG   sing N N 213 
MET CB  HB2  sing N N 214 
MET CB  HB3  sing N N 215 
MET CG  SD   sing N N 216 
MET CG  HG2  sing N N 217 
MET CG  HG3  sing N N 218 
MET SD  CE   sing N N 219 
MET CE  HE1  sing N N 220 
MET CE  HE2  sing N N 221 
MET CE  HE3  sing N N 222 
MET OXT HXT  sing N N 223 
PHE N   CA   sing N N 224 
PHE N   H    sing N N 225 
PHE N   H2   sing N N 226 
PHE CA  C    sing N N 227 
PHE CA  CB   sing N N 228 
PHE CA  HA   sing N N 229 
PHE C   O    doub N N 230 
PHE C   OXT  sing N N 231 
PHE CB  CG   sing N N 232 
PHE CB  HB2  sing N N 233 
PHE CB  HB3  sing N N 234 
PHE CG  CD1  doub Y N 235 
PHE CG  CD2  sing Y N 236 
PHE CD1 CE1  sing Y N 237 
PHE CD1 HD1  sing N N 238 
PHE CD2 CE2  doub Y N 239 
PHE CD2 HD2  sing N N 240 
PHE CE1 CZ   doub Y N 241 
PHE CE1 HE1  sing N N 242 
PHE CE2 CZ   sing Y N 243 
PHE CE2 HE2  sing N N 244 
PHE CZ  HZ   sing N N 245 
PHE OXT HXT  sing N N 246 
PRO N   CA   sing N N 247 
PRO N   CD   sing N N 248 
PRO N   H    sing N N 249 
PRO CA  C    sing N N 250 
PRO CA  CB   sing N N 251 
PRO CA  HA   sing N N 252 
PRO C   O    doub N N 253 
PRO C   OXT  sing N N 254 
PRO CB  CG   sing N N 255 
PRO CB  HB2  sing N N 256 
PRO CB  HB3  sing N N 257 
PRO CG  CD   sing N N 258 
PRO CG  HG2  sing N N 259 
PRO CG  HG3  sing N N 260 
PRO CD  HD2  sing N N 261 
PRO CD  HD3  sing N N 262 
PRO OXT HXT  sing N N 263 
SER N   CA   sing N N 264 
SER N   H    sing N N 265 
SER N   H2   sing N N 266 
SER CA  C    sing N N 267 
SER CA  CB   sing N N 268 
SER CA  HA   sing N N 269 
SER C   O    doub N N 270 
SER C   OXT  sing N N 271 
SER CB  OG   sing N N 272 
SER CB  HB2  sing N N 273 
SER CB  HB3  sing N N 274 
SER OG  HG   sing N N 275 
SER OXT HXT  sing N N 276 
THR N   CA   sing N N 277 
THR N   H    sing N N 278 
THR N   H2   sing N N 279 
THR CA  C    sing N N 280 
THR CA  CB   sing N N 281 
THR CA  HA   sing N N 282 
THR C   O    doub N N 283 
THR C   OXT  sing N N 284 
THR CB  OG1  sing N N 285 
THR CB  CG2  sing N N 286 
THR CB  HB   sing N N 287 
THR OG1 HG1  sing N N 288 
THR CG2 HG21 sing N N 289 
THR CG2 HG22 sing N N 290 
THR CG2 HG23 sing N N 291 
THR OXT HXT  sing N N 292 
TYR N   CA   sing N N 293 
TYR N   H    sing N N 294 
TYR N   H2   sing N N 295 
TYR CA  C    sing N N 296 
TYR CA  CB   sing N N 297 
TYR CA  HA   sing N N 298 
TYR C   O    doub N N 299 
TYR C   OXT  sing N N 300 
TYR CB  CG   sing N N 301 
TYR CB  HB2  sing N N 302 
TYR CB  HB3  sing N N 303 
TYR CG  CD1  doub Y N 304 
TYR CG  CD2  sing Y N 305 
TYR CD1 CE1  sing Y N 306 
TYR CD1 HD1  sing N N 307 
TYR CD2 CE2  doub Y N 308 
TYR CD2 HD2  sing N N 309 
TYR CE1 CZ   doub Y N 310 
TYR CE1 HE1  sing N N 311 
TYR CE2 CZ   sing Y N 312 
TYR CE2 HE2  sing N N 313 
TYR CZ  OH   sing N N 314 
TYR OH  HH   sing N N 315 
TYR OXT HXT  sing N N 316 
VAL N   CA   sing N N 317 
VAL N   H    sing N N 318 
VAL N   H2   sing N N 319 
VAL CA  C    sing N N 320 
VAL CA  CB   sing N N 321 
VAL CA  HA   sing N N 322 
VAL C   O    doub N N 323 
VAL C   OXT  sing N N 324 
VAL CB  CG1  sing N N 325 
VAL CB  CG2  sing N N 326 
VAL CB  HB   sing N N 327 
VAL CG1 HG11 sing N N 328 
VAL CG1 HG12 sing N N 329 
VAL CG1 HG13 sing N N 330 
VAL CG2 HG21 sing N N 331 
VAL CG2 HG22 sing N N 332 
VAL CG2 HG23 sing N N 333 
VAL OXT HXT  sing N N 334 
# 
loop_
_pdbx_audit_support.funding_organization 
_pdbx_audit_support.country 
_pdbx_audit_support.grant_number 
_pdbx_audit_support.ordinal 
'National Natural Science Foundation of China (NSFC)'    China NSFC31930017 1 
'National Basic Research Program of China (973 Program)' China 2012CB910500 2 
# 
_atom_sites.entry_id                    7BP6 
_atom_sites.Cartn_transf_matrix[1][1]   ? 
_atom_sites.Cartn_transf_matrix[1][2]   ? 
_atom_sites.Cartn_transf_matrix[1][3]   ? 
_atom_sites.Cartn_transf_matrix[2][1]   ? 
_atom_sites.Cartn_transf_matrix[2][2]   ? 
_atom_sites.Cartn_transf_matrix[2][3]   ? 
_atom_sites.Cartn_transf_matrix[3][1]   ? 
_atom_sites.Cartn_transf_matrix[3][2]   ? 
_atom_sites.Cartn_transf_matrix[3][3]   ? 
_atom_sites.Cartn_transf_vector[1]      ? 
_atom_sites.Cartn_transf_vector[2]      ? 
_atom_sites.Cartn_transf_vector[3]      ? 
_atom_sites.fract_transf_matrix[1][1]   -0.01331449 
_atom_sites.fract_transf_matrix[1][2]   0.00691318 
_atom_sites.fract_transf_matrix[1][3]   0.01990948 
_atom_sites.fract_transf_matrix[2][1]   0.01264744 
_atom_sites.fract_transf_matrix[2][2]   -0.00288720 
_atom_sites.fract_transf_matrix[2][3]   0.00946052 
_atom_sites.fract_transf_matrix[3][1]   0.00459352 
_atom_sites.fract_transf_matrix[3][2]   0.01412116 
_atom_sites.fract_transf_matrix[3][3]   -0.00183137 
_atom_sites.fract_transf_vector[1]      -0.061640 
_atom_sites.fract_transf_vector[2]      -0.203037 
_atom_sites.fract_transf_vector[3]      0.225329 
_atom_sites.solution_primary            ? 
_atom_sites.solution_secondary          ? 
_atom_sites.solution_hydrogens          ? 
_atom_sites.special_details             ? 
# 
loop_
_atom_type.symbol 
C 
N 
O 
S 
# 
loop_
_atom_site.group_PDB 
_atom_site.id 
_atom_site.type_symbol 
_atom_site.label_atom_id 
_atom_site.label_alt_id 
_atom_site.label_comp_id 
_atom_site.label_asym_id 
_atom_site.label_entity_id 
_atom_site.label_seq_id 
_atom_site.pdbx_PDB_ins_code 
_atom_site.Cartn_x 
_atom_site.Cartn_y 
_atom_site.Cartn_z 
_atom_site.occupancy 
_atom_site.B_iso_or_equiv 
_atom_site.pdbx_formal_charge 
_atom_site.auth_seq_id 
_atom_site.auth_comp_id 
_atom_site.auth_asym_id 
_atom_site.auth_atom_id 
_atom_site.pdbx_PDB_model_num 
ATOM   1    N N   . ALA A 1 3  ? -25.792 2.538   3.726   1.00 26.66 ? 16  ALA C N   1 
ATOM   2    C CA  . ALA A 1 3  ? -24.667 1.581   3.992   1.00 27.58 ? 16  ALA C CA  1 
ATOM   3    C C   . ALA A 1 3  ? -23.365 2.383   4.053   1.00 28.25 ? 16  ALA C C   1 
ATOM   4    O O   . ALA A 1 3  ? -23.242 3.284   3.211   1.00 34.60 ? 16  ALA C O   1 
ATOM   5    C CB  . ALA A 1 3  ? -24.638 0.528   2.899   1.00 27.60 ? 16  ALA C CB  1 
ATOM   6    N N   . THR A 1 4  ? -22.512 2.174   5.069   1.00 30.68 ? 17  THR C N   1 
ATOM   7    C CA  . THR A 1 4  ? -21.224 2.923   5.268   1.00 30.50 ? 17  THR C CA  1 
ATOM   8    C C   . THR A 1 4  ? -20.063 1.935   5.119   1.00 27.59 ? 17  THR C C   1 
ATOM   9    O O   . THR A 1 4  ? -20.079 0.888   5.797   1.00 28.05 ? 17  THR C O   1 
ATOM   10   C CB  . THR A 1 4  ? -21.152 3.641   6.627   1.00 32.77 ? 17  THR C CB  1 
ATOM   11   O OG1 . THR A 1 4  ? -22.219 4.591   6.682   1.00 34.75 ? 17  THR C OG1 1 
ATOM   12   C CG2 . THR A 1 4  ? -19.849 4.378   6.852   1.00 33.08 ? 17  THR C CG2 1 
ATOM   13   N N   . SER A 1 5  ? -19.098 2.231   4.245   1.00 22.84 ? 18  SER C N   1 
ATOM   14   C CA  . SER A 1 5  ? -18.013 1.279   3.931   1.00 18.78 ? 18  SER C CA  1 
ATOM   15   C C   . SER A 1 5  ? -17.083 1.177   5.147   1.00 15.63 ? 18  SER C C   1 
ATOM   16   O O   . SER A 1 5  ? -16.922 2.174   5.857   1.00 15.73 ? 18  SER C O   1 
ATOM   17   C CB  . SER A 1 5  ? -17.254 1.692   2.696   1.00 19.59 ? 18  SER C CB  1 
ATOM   18   O OG  . SER A 1 5  ? -16.504 2.867   2.945   1.00 17.65 ? 18  SER C OG  1 
ATOM   19   N N   . ARG A 1 6  ? -16.427 0.030   5.310   1.00 15.73 ? 19  ARG C N   1 
ATOM   20   C CA  . ARG A 1 6  ? -15.304 -0.109  6.268   1.00 15.37 ? 19  ARG C CA  1 
ATOM   21   C C   . ARG A 1 6  ? -14.212 0.910   5.925   1.00 13.41 ? 19  ARG C C   1 
ATOM   22   O O   . ARG A 1 6  ? -13.633 1.522   6.872   1.00 13.54 ? 19  ARG C O   1 
ATOM   23   C CB  . ARG A 1 6  ? -14.812 -1.562  6.228   1.00 18.86 ? 19  ARG C CB  1 
ATOM   24   C CG  . ARG A 1 6  ? -15.887 -2.546  6.682   1.00 22.58 ? 19  ARG C CG  1 
ATOM   25   C CD  . ARG A 1 6  ? -15.412 -3.977  6.913   1.00 26.98 ? 19  ARG C CD  1 
ATOM   26   N NE  . ARG A 1 6  ? -16.243 -4.648  7.931   1.00 35.51 ? 19  ARG C NE  1 
ATOM   27   C CZ  . ARG A 1 6  ? -15.883 -5.727  8.650   1.00 38.82 ? 19  ARG C CZ  1 
ATOM   28   N NH1 . ARG A 1 6  ? -14.676 -6.262  8.519   1.00 44.11 ? 19  ARG C NH1 1 
ATOM   29   N NH2 . ARG A 1 6  ? -16.721 -6.242  9.532   1.00 37.49 ? 19  ARG C NH2 1 
ATOM   30   N N   . SER A 1 7  ? -13.953 1.181   4.639   1.00 12.03 ? 20  SER C N   1 
ATOM   31   C CA  . SER A 1 7  ? -12.938 2.203   4.284   1.00 12.55 ? 20  SER C CA  1 
ATOM   32   C C   . SER A 1 7  ? -13.300 3.563   4.886   1.00 12.39 ? 20  SER C C   1 
ATOM   33   O O   . SER A 1 7  ? -12.440 4.186   5.514   1.00 12.63 ? 20  SER C O   1 
ATOM   34   C CB  . SER A 1 7  ? -12.714 2.303   2.800   1.00 13.92 ? 20  SER C CB  1 
ATOM   35   O OG  . SER A 1 7  ? -12.196 1.092   2.352   1.00 15.52 ? 20  SER C OG  1 
ATOM   36   N N   . SER A 1 8  ? -14.548 3.980   4.721   1.00 15.37 ? 21  SER C N   1 
ATOM   37   C CA  . SER A 1 8  ? -15.025 5.282   5.214   1.00 14.32 ? 21  SER C CA  1 
ATOM   38   C C   . SER A 1 8  ? -14.909 5.321   6.738   1.00 13.55 ? 21  SER C C   1 
ATOM   39   O O   . SER A 1 8  ? -14.430 6.321   7.253   1.00 14.39 ? 21  SER C O   1 
ATOM   40   C CB  . SER A 1 8  ? -16.449 5.539   4.748   1.00 18.52 ? 21  SER C CB  1 
ATOM   41   O OG  . SER A 1 8  ? -16.808 6.850   5.129   1.00 26.90 ? 21  SER C OG  1 
ATOM   42   N N   . LYS A 1 9  ? -15.310 4.257   7.428   1.00 13.59 ? 22  LYS C N   1 
ATOM   43   C CA  . LYS A 1 9  ? -15.242 4.200   8.914   1.00 14.28 ? 22  LYS C CA  1 
ATOM   44   C C   . LYS A 1 9  ? -13.784 4.367   9.383   1.00 14.41 ? 22  LYS C C   1 
ATOM   45   O O   . LYS A 1 9  ? -13.571 4.928   10.450  1.00 14.52 ? 22  LYS C O   1 
ATOM   46   C CB  . LYS A 1 9  ? -15.838 2.879   9.406   1.00 16.28 ? 22  LYS C CB  1 
ATOM   47   C CG  . LYS A 1 9  ? -17.335 2.754   9.157   1.00 17.92 ? 22  LYS C CG  1 
ATOM   48   C CD  . LYS A 1 9  ? -17.863 1.399   9.585   1.00 21.77 ? 22  LYS C CD  1 
ATOM   49   C CE  . LYS A 1 9  ? -19.352 1.282   9.353   1.00 23.96 ? 22  LYS C CE  1 
ATOM   50   N NZ  . LYS A 1 9  ? -19.844 -0.019  9.833   1.00 25.43 ? 22  LYS C NZ  1 
ATOM   51   N N   . ALA A 1 10 ? -12.815 3.860   8.623   1.00 12.70 ? 23  ALA C N   1 
ATOM   52   C CA  . ALA A 1 10 ? -11.384 3.820   9.014   1.00 11.17 ? 23  ALA C CA  1 
ATOM   53   C C   . ALA A 1 10 ? -10.659 5.064   8.529   1.00 10.81 ? 23  ALA C C   1 
ATOM   54   O O   . ALA A 1 10 ? -9.445  5.183   8.780   1.00 12.25 ? 23  ALA C O   1 
ATOM   55   C CB  . ALA A 1 10 ? -10.738 2.600   8.432   1.00 10.90 ? 23  ALA C CB  1 
ATOM   56   N N   . GLY A 1 11 ? -11.333 5.966   7.799   1.00 11.15 ? 24  GLY C N   1 
ATOM   57   C CA  . GLY A 1 11 ? -10.674 7.179   7.324   1.00 11.15 ? 24  GLY C CA  1 
ATOM   58   C C   . GLY A 1 11 ? -9.797  6.884   6.112   1.00 11.41 ? 24  GLY C C   1 
ATOM   59   O O   . GLY A 1 11 ? -8.890  7.654   5.860   1.00 12.56 ? 24  GLY C O   1 
ATOM   60   N N   . LEU A 1 12 ? -10.088 5.825   5.354   1.00 10.22 ? 25  LEU C N   1 
ATOM   61   C CA  . LEU A 1 12 ? -9.172  5.392   4.274   1.00 9.39  ? 25  LEU C CA  1 
ATOM   62   C C   . LEU A 1 12 ? -9.746  5.627   2.872   1.00 9.85  ? 25  LEU C C   1 
ATOM   63   O O   . LEU A 1 12 ? -10.991 5.680   2.710   1.00 11.15 ? 25  LEU C O   1 
ATOM   64   C CB  . LEU A 1 12 ? -8.877  3.901   4.449   1.00 9.46  ? 25  LEU C CB  1 
ATOM   65   C CG  . LEU A 1 12 ? -8.126  3.521   5.711   1.00 9.10  ? 25  LEU C CG  1 
ATOM   66   C CD1 . LEU A 1 12 ? -7.940  2.029   5.738   1.00 9.19  ? 25  LEU C CD1 1 
ATOM   67   C CD2 . LEU A 1 12 ? -6.798  4.272   5.821   1.00 9.48  ? 25  LEU C CD2 1 
ATOM   68   N N   . GLN A 1 13 ? -8.856  5.745   1.885   1.00 9.79  ? 26  GLN C N   1 
ATOM   69   C CA  . GLN A 1 13 ? -9.261  5.616   0.465   1.00 10.96 ? 26  GLN C CA  1 
ATOM   70   C C   . GLN A 1 13 ? -9.174  4.171   -0.005  1.00 10.60 ? 26  GLN C C   1 
ATOM   71   O O   . GLN A 1 13 ? -9.966  3.762   -0.850  1.00 10.48 ? 26  GLN C O   1 
ATOM   72   C CB  . GLN A 1 13 ? -8.401  6.501   -0.427  1.00 14.59 ? 26  GLN C CB  1 
ATOM   73   C CG  . GLN A 1 13 ? -8.591  7.987   -0.155  1.00 17.93 ? 26  GLN C CG  1 
ATOM   74   C CD  . GLN A 1 13 ? -9.726  8.514   -1.009  1.00 22.41 ? 26  GLN C CD  1 
ATOM   75   O OE1 . GLN A 1 13 ? -10.788 7.904   -1.161  1.00 28.21 ? 26  GLN C OE1 1 
ATOM   76   N NE2 . GLN A 1 13 ? -9.462  9.604   -1.688  1.00 32.25 ? 26  GLN C NE2 1 
ATOM   77   N N   . PHE A 1 14 ? -8.172  3.416   0.441   1.00 9.18  ? 27  PHE C N   1 
ATOM   78   C CA  . PHE A 1 14 ? -7.942  2.049   -0.057  1.00 8.75  ? 27  PHE C CA  1 
ATOM   79   C C   . PHE A 1 14 ? -9.092  1.133   0.325   1.00 8.66  ? 27  PHE C C   1 
ATOM   80   O O   . PHE A 1 14 ? -9.724  1.337   1.362   1.00 9.51  ? 27  PHE C O   1 
ATOM   81   C CB  . PHE A 1 14 ? -6.581  1.515   0.426   1.00 7.94  ? 27  PHE C CB  1 
ATOM   82   C CG  . PHE A 1 14 ? -5.456  1.788   -0.518  1.00 7.83  ? 27  PHE C CG  1 
ATOM   83   C CD1 . PHE A 1 14 ? -5.353  2.981   -1.202  1.00 8.12  ? 27  PHE C CD1 1 
ATOM   84   C CD2 . PHE A 1 14 ? -4.526  0.799   -0.795  1.00 8.73  ? 27  PHE C CD2 1 
ATOM   85   C CE1 . PHE A 1 14 ? -4.374  3.183   -2.150  1.00 8.42  ? 27  PHE C CE1 1 
ATOM   86   C CE2 . PHE A 1 14 ? -3.505  1.043   -1.692  1.00 9.87  ? 27  PHE C CE2 1 
ATOM   87   C CZ  . PHE A 1 14 ? -3.460  2.217   -2.404  1.00 8.46  ? 27  PHE C CZ  1 
ATOM   88   N N   . PRO A 1 15 ? -9.364  0.100   -0.501  1.00 8.83  ? 28  PRO C N   1 
ATOM   89   C CA  . PRO A 1 15 ? -10.588 -0.687  -0.357  1.00 10.61 ? 28  PRO C CA  1 
ATOM   90   C C   . PRO A 1 15 ? -10.447 -1.794  0.692   1.00 10.38 ? 28  PRO C C   1 
ATOM   91   O O   . PRO A 1 15 ? -9.915  -2.841  0.411   1.00 11.29 ? 28  PRO C O   1 
ATOM   92   C CB  . PRO A 1 15 ? -10.766 -1.221  -1.782  1.00 10.83 ? 28  PRO C CB  1 
ATOM   93   C CG  . PRO A 1 15 ? -9.354  -1.432  -2.272  1.00 10.38 ? 28  PRO C CG  1 
ATOM   94   C CD  . PRO A 1 15 ? -8.561  -0.289  -1.666  1.00 9.41  ? 28  PRO C CD  1 
ATOM   95   N N   . VAL A 1 16 ? -11.016 -1.591  1.853   1.00 10.26 ? 29  VAL C N   1 
ATOM   96   C CA  . VAL A 1 16 ? -10.905 -2.582  2.954   1.00 10.04 ? 29  VAL C CA  1 
ATOM   97   C C   . VAL A 1 16 ? -11.587 -3.877  2.533   1.00 10.33 ? 29  VAL C C   1 
ATOM   98   O O   . VAL A 1 16 ? -10.995 -4.976  2.722   1.00 10.11 ? 29  VAL C O   1 
ATOM   99   C CB  . VAL A 1 16 ? -11.490 -2.025  4.243   1.00 9.55  ? 29  VAL C CB  1 
ATOM   100  C CG1 . VAL A 1 16 ? -11.544 -3.091  5.316   1.00 10.27 ? 29  VAL C CG1 1 
ATOM   101  C CG2 . VAL A 1 16 ? -10.687 -0.832  4.725   1.00 9.81  ? 29  VAL C CG2 1 
ATOM   102  N N   . GLY A 1 17 ? -12.816 -3.775  2.021   1.00 10.73 ? 30  GLY C N   1 
ATOM   103  C CA  . GLY A 1 17 ? -13.573 -4.974  1.605   1.00 12.24 ? 30  GLY C CA  1 
ATOM   104  C C   . GLY A 1 17 ? -12.796 -5.827  0.618   1.00 11.48 ? 30  GLY C C   1 
ATOM   105  O O   . GLY A 1 17 ? -12.705 -7.058  0.786   1.00 13.01 ? 30  GLY C O   1 
ATOM   106  N N   . ARG A 1 18 ? -12.232 -5.225  -0.412  1.00 13.20 ? 31  ARG C N   1 
ATOM   107  C CA  . ARG A 1 18 ? -11.483 -5.953  -1.446  1.00 13.99 ? 31  ARG C CA  1 
ATOM   108  C C   . ARG A 1 18 ? -10.236 -6.597  -0.830  1.00 13.96 ? 31  ARG C C   1 
ATOM   109  O O   . ARG A 1 18 ? -9.917  -7.757  -1.108  1.00 13.70 ? 31  ARG C O   1 
ATOM   110  C CB  . ARG A 1 18 ? -11.145 -5.021  -2.609  1.00 17.19 ? 31  ARG C CB  1 
ATOM   111  C CG  . ARG A 1 18 ? -10.170 -5.627  -3.597  1.00 21.92 ? 31  ARG C CG  1 
ATOM   112  C CD  . ARG A 1 18 ? -10.076 -4.830  -4.893  1.00 26.10 ? 31  ARG C CD  1 
ATOM   113  N N   . ILE A 1 19 ? -9.544  -5.873  0.040   1.00 10.39 ? 32  ILE C N   1 
ATOM   114  C CA  . ILE A 1 19 ? -8.346  -6.416  0.706   1.00 10.25 ? 32  ILE C CA  1 
ATOM   115  C C   . ILE A 1 19 ? -8.764  -7.602  1.591   1.00 10.52 ? 32  ILE C C   1 
ATOM   116  O O   . ILE A 1 19 ? -8.003  -8.617  1.623   1.00 11.07 ? 32  ILE C O   1 
ATOM   117  C CB  . ILE A 1 19 ? -7.635  -5.263  1.436   1.00 10.38 ? 32  ILE C CB  1 
ATOM   118  C CG1 . ILE A 1 19 ? -6.951  -4.357  0.405   1.00 12.00 ? 32  ILE C CG1 1 
ATOM   119  C CG2 . ILE A 1 19 ? -6.696  -5.782  2.469   1.00 10.01 ? 32  ILE C CG2 1 
ATOM   120  C CD1 . ILE A 1 19 ? -6.495  -3.023  0.940   1.00 11.33 ? 32  ILE C CD1 1 
ATOM   121  N N   . ALA A 1 20 ? -9.870  -7.489  2.321   1.00 9.70  ? 33  ALA C N   1 
ATOM   122  C CA  . ALA A 1 20 ? -10.384 -8.597  3.152   1.00 11.02 ? 33  ALA C CA  1 
ATOM   123  C C   . ALA A 1 20 ? -10.624 -9.810  2.249   1.00 11.42 ? 33  ALA C C   1 
ATOM   124  O O   . ALA A 1 20 ? -10.270 -10.940 2.670   1.00 10.85 ? 33  ALA C O   1 
ATOM   125  C CB  . ALA A 1 20 ? -11.656 -8.221  3.853   1.00 11.26 ? 33  ALA C CB  1 
ATOM   126  N N   . ARG A 1 21 ? -11.276 -9.606  1.122   1.00 11.59 ? 34  ARG C N   1 
ATOM   127  C CA  . ARG A 1 21 ? -11.540 -10.730 0.176   1.00 13.80 ? 34  ARG C CA  1 
ATOM   128  C C   . ARG A 1 21 ? -10.237 -11.361 -0.317  1.00 13.75 ? 34  ARG C C   1 
ATOM   129  O O   . ARG A 1 21 ? -10.164 -12.621 -0.324  1.00 15.56 ? 34  ARG C O   1 
ATOM   130  C CB  . ARG A 1 21 ? -12.470 -10.303 -0.943  1.00 15.87 ? 34  ARG C CB  1 
ATOM   131  C CG  . ARG A 1 21 ? -13.887 -10.133 -0.427  1.00 19.18 ? 34  ARG C CG  1 
ATOM   132  C CD  . ARG A 1 21 ? -14.857 -9.803  -1.543  1.00 23.03 ? 34  ARG C CD  1 
ATOM   133  N NE  . ARG A 1 21 ? -14.527 -8.597  -2.289  1.00 24.25 ? 34  ARG C NE  1 
ATOM   134  C CZ  . ARG A 1 21 ? -14.948 -7.368  -1.982  1.00 27.68 ? 34  ARG C CZ  1 
ATOM   135  N NH1 . ARG A 1 21 ? -14.612 -6.351  -2.757  1.00 35.84 ? 34  ARG C NH1 1 
ATOM   136  N NH2 . ARG A 1 21 ? -15.706 -7.145  -0.922  1.00 31.89 ? 34  ARG C NH2 1 
ATOM   137  N N   . PHE A 1 22 ? -9.211  -10.578 -0.647  1.00 15.26 ? 35  PHE C N   1 
ATOM   138  C CA  . PHE A 1 22 ? -7.920  -11.137 -1.109  1.00 15.96 ? 35  PHE C CA  1 
ATOM   139  C C   . PHE A 1 22 ? -7.284  -11.919 0.034   1.00 16.05 ? 35  PHE C C   1 
ATOM   140  O O   . PHE A 1 22 ? -6.633  -12.924 -0.218  1.00 15.13 ? 35  PHE C O   1 
ATOM   141  C CB  . PHE A 1 22 ? -6.941  -10.042 -1.564  1.00 18.73 ? 35  PHE C CB  1 
ATOM   142  C CG  . PHE A 1 22 ? -7.258  -9.347  -2.860  1.00 24.43 ? 35  PHE C CG  1 
ATOM   143  C CD1 . PHE A 1 22 ? -7.869  -10.012 -3.905  1.00 28.48 ? 35  PHE C CD1 1 
ATOM   144  C CD2 . PHE A 1 22 ? -6.903  -8.014  -3.056  1.00 26.59 ? 35  PHE C CD2 1 
ATOM   145  C CE1 . PHE A 1 22 ? -8.152  -9.355  -5.094  1.00 31.23 ? 35  PHE C CE1 1 
ATOM   146  C CE2 . PHE A 1 22 ? -7.189  -7.357  -4.244  1.00 28.83 ? 35  PHE C CE2 1 
ATOM   147  C CZ  . PHE A 1 22 ? -7.812  -8.031  -5.267  1.00 32.02 ? 35  PHE C CZ  1 
ATOM   148  N N   . LEU A 1 23 ? -7.364  -11.422 1.261   1.00 13.08 ? 36  LEU C N   1 
ATOM   149  C CA  . LEU A 1 23 ? -6.739  -12.119 2.413   1.00 14.23 ? 36  LEU C CA  1 
ATOM   150  C C   . LEU A 1 23 ? -7.403  -13.469 2.656   1.00 15.88 ? 36  LEU C C   1 
ATOM   151  O O   . LEU A 1 23 ? -6.704  -14.449 2.944   1.00 20.12 ? 36  LEU C O   1 
ATOM   152  C CB  . LEU A 1 23 ? -6.816  -11.272 3.683   1.00 14.86 ? 36  LEU C CB  1 
ATOM   153  C CG  . LEU A 1 23 ? -5.755  -10.201 3.846   1.00 14.79 ? 36  LEU C CG  1 
ATOM   154  C CD1 . LEU A 1 23 ? -6.076  -9.296  5.027   1.00 14.65 ? 36  LEU C CD1 1 
ATOM   155  C CD2 . LEU A 1 23 ? -4.380  -10.826 4.006   1.00 14.46 ? 36  LEU C CD2 1 
ATOM   156  N N   . LYS A 1 24 ? -8.711  -13.531 2.527   1.00 16.17 ? 37  LYS C N   1 
ATOM   157  C CA  . LYS A 1 24 ? -9.474  -14.758 2.785   1.00 17.64 ? 37  LYS C CA  1 
ATOM   158  C C   . LYS A 1 24 ? -9.195  -15.738 1.652   1.00 19.76 ? 37  LYS C C   1 
ATOM   159  O O   . LYS A 1 24 ? -8.970  -16.932 1.964   1.00 19.92 ? 37  LYS C O   1 
ATOM   160  C CB  . LYS A 1 24 ? -10.944 -14.398 2.929   1.00 18.13 ? 37  LYS C CB  1 
ATOM   161  C CG  . LYS A 1 24 ? -11.180 -13.716 4.261   1.00 20.49 ? 37  LYS C CG  1 
ATOM   162  C CD  . LYS A 1 24 ? -12.599 -13.353 4.514   1.00 23.56 ? 37  LYS C CD  1 
ATOM   163  C CE  . LYS A 1 24 ? -12.706 -12.304 5.607   1.00 26.10 ? 37  LYS C CE  1 
ATOM   164  N NZ  . LYS A 1 24 ? -14.103 -11.824 5.711   1.00 26.70 ? 37  LYS C NZ  1 
ATOM   165  N N   . ALA A 1 25 ? -9.170  -15.243 0.423   1.00 18.60 ? 38  ALA C N   1 
ATOM   166  C CA  . ALA A 1 25 ? -9.026  -16.073 -0.805  1.00 18.51 ? 38  ALA C CA  1 
ATOM   167  C C   . ALA A 1 25 ? -7.695  -16.801 -0.765  1.00 18.12 ? 38  ALA C C   1 
ATOM   168  O O   . ALA A 1 25 ? -7.620  -17.934 -1.292  1.00 18.50 ? 38  ALA C O   1 
ATOM   169  C CB  . ALA A 1 25 ? -9.089  -15.250 -2.059  1.00 20.17 ? 38  ALA C CB  1 
ATOM   170  N N   . GLY A 1 26 ? -6.657  -16.200 -0.187  1.00 16.39 ? 39  GLY C N   1 
ATOM   171  C CA  . GLY A 1 26 ? -5.311  -16.764 -0.291  1.00 15.48 ? 39  GLY C CA  1 
ATOM   172  C C   . GLY A 1 26 ? -5.025  -17.838 0.726   1.00 14.61 ? 39  GLY C C   1 
ATOM   173  O O   . GLY A 1 26 ? -3.965  -18.444 0.628   1.00 15.19 ? 39  GLY C O   1 
ATOM   174  N N   . LYS A 1 27 ? -5.867  -17.964 1.768   1.00 16.24 ? 40  LYS C N   1 
ATOM   175  C CA  . LYS A 1 27 ? -5.767  -18.967 2.853   1.00 15.14 ? 40  LYS C CA  1 
ATOM   176  C C   . LYS A 1 27 ? -4.402  -18.853 3.503   1.00 14.86 ? 40  LYS C C   1 
ATOM   177  O O   . LYS A 1 27 ? -3.706  -19.853 3.682   1.00 15.29 ? 40  LYS C O   1 
ATOM   178  C CB  . LYS A 1 27 ? -6.094  -20.335 2.266   1.00 15.60 ? 40  LYS C CB  1 
ATOM   179  C CG  . LYS A 1 27 ? -7.463  -20.405 1.627   1.00 18.98 ? 40  LYS C CG  1 
ATOM   180  C CD  . LYS A 1 27 ? -8.595  -20.145 2.592   1.00 19.13 ? 40  LYS C CD  1 
ATOM   181  C CE  . LYS A 1 27 ? -8.605  -21.048 3.802   1.00 19.22 ? 40  LYS C CE  1 
ATOM   182  N NZ  . LYS A 1 27 ? -9.822  -20.821 4.607   1.00 20.23 ? 40  LYS C NZ  1 
ATOM   183  N N   . TYR A 1 28 ? -3.992  -17.612 3.809   1.00 12.81 ? 41  TYR C N   1 
ATOM   184  C CA  . TYR A 1 28 ? -2.771  -17.359 4.599   1.00 13.79 ? 41  TYR C CA  1 
ATOM   185  C C   . TYR A 1 28 ? -2.952  -17.969 5.993   1.00 14.16 ? 41  TYR C C   1 
ATOM   186  O O   . TYR A 1 28 ? -1.944  -18.295 6.666   1.00 15.59 ? 41  TYR C O   1 
ATOM   187  C CB  . TYR A 1 28 ? -2.517  -15.859 4.577   1.00 14.22 ? 41  TYR C CB  1 
ATOM   188  C CG  . TYR A 1 28 ? -2.359  -15.350 3.167   1.00 13.28 ? 41  TYR C CG  1 
ATOM   189  C CD1 . TYR A 1 28 ? -1.172  -15.524 2.489   1.00 13.97 ? 41  TYR C CD1 1 
ATOM   190  C CD2 . TYR A 1 28 ? -3.391  -14.675 2.530   1.00 13.65 ? 41  TYR C CD2 1 
ATOM   191  C CE1 . TYR A 1 28 ? -1.010  -15.033 1.207   1.00 15.13 ? 41  TYR C CE1 1 
ATOM   192  C CE2 . TYR A 1 28 ? -3.246  -14.178 1.248   1.00 14.91 ? 41  TYR C CE2 1 
ATOM   193  C CZ  . TYR A 1 28 ? -2.046  -14.367 0.590   1.00 16.23 ? 41  TYR C CZ  1 
ATOM   194  O OH  . TYR A 1 28 ? -1.816  -13.911 -0.677  1.00 18.92 ? 41  TYR C OH  1 
ATOM   195  N N   . ALA A 1 29 ? -4.205  -18.095 6.405   1.00 15.20 ? 42  ALA C N   1 
ATOM   196  C CA  . ALA A 1 29 ? -4.616  -18.838 7.616   1.00 14.90 ? 42  ALA C CA  1 
ATOM   197  C C   . ALA A 1 29 ? -6.042  -19.332 7.380   1.00 14.47 ? 42  ALA C C   1 
ATOM   198  O O   . ALA A 1 29 ? -6.593  -19.099 6.316   1.00 16.37 ? 42  ALA C O   1 
ATOM   199  C CB  . ALA A 1 29 ? -4.516  -17.968 8.854   1.00 14.71 ? 42  ALA C CB  1 
ATOM   200  N N   . GLU A 1 30 ? -6.643  -19.991 8.366   1.00 16.72 ? 43  GLU C N   1 
ATOM   201  C CA  . GLU A 1 30 ? -8.014  -20.517 8.223   1.00 17.39 ? 43  GLU C CA  1 
ATOM   202  C C   . GLU A 1 30 ? -8.987  -19.361 8.092   1.00 17.62 ? 43  GLU C C   1 
ATOM   203  O O   . GLU A 1 30 ? -9.923  -19.453 7.263   1.00 19.96 ? 43  GLU C O   1 
ATOM   204  C CB  . GLU A 1 30 ? -8.393  -21.390 9.417   1.00 19.05 ? 43  GLU C CB  1 
ATOM   205  C CG  . GLU A 1 30 ? -7.564  -22.644 9.516   1.00 22.14 ? 43  GLU C CG  1 
ATOM   206  C CD  . GLU A 1 30 ? -8.116  -23.616 10.550  1.00 26.65 ? 43  GLU C CD  1 
ATOM   207  O OE1 . GLU A 1 30 ? -9.330  -23.805 10.565  1.00 28.38 ? 43  GLU C OE1 1 
ATOM   208  O OE2 . GLU A 1 30 ? -7.325  -24.153 11.324  1.00 33.89 ? 43  GLU C OE2 1 
ATOM   209  N N   . ARG A 1 31 ? -8.765  -18.297 8.857   1.00 17.52 ? 44  ARG C N   1 
ATOM   210  C CA  . ARG A 1 31 ? -9.709  -17.162 8.908   1.00 17.77 ? 44  ARG C CA  1 
ATOM   211  C C   . ARG A 1 31 ? -8.955  -15.836 9.022   1.00 15.19 ? 44  ARG C C   1 
ATOM   212  O O   . ARG A 1 31 ? -7.769  -15.844 9.336   1.00 15.05 ? 44  ARG C O   1 
ATOM   213  C CB  . ARG A 1 31 ? -10.645 -17.274 10.114  1.00 19.92 ? 44  ARG C CB  1 
ATOM   214  C CG  . ARG A 1 31 ? -11.323 -18.635 10.208  1.00 28.19 ? 44  ARG C CG  1 
ATOM   215  C CD  . ARG A 1 31 ? -12.530 -18.547 11.119  1.00 30.06 ? 44  ARG C CD  1 
ATOM   216  N NE  . ARG A 1 31 ? -13.449 -17.649 10.435  1.00 35.47 ? 44  ARG C NE  1 
ATOM   217  C CZ  . ARG A 1 31 ? -14.290 -17.997 9.463   1.00 39.56 ? 44  ARG C CZ  1 
ATOM   218  N NH1 . ARG A 1 31 ? -14.418 -19.261 9.076   1.00 39.41 ? 44  ARG C NH1 1 
ATOM   219  N NH2 . ARG A 1 31 ? -15.040 -17.067 8.910   1.00 38.74 ? 44  ARG C NH2 1 
ATOM   220  N N   . VAL A 1 32 ? -9.705  -14.767 8.804   1.00 14.73 ? 45  VAL C N   1 
ATOM   221  C CA  . VAL A 1 32 ? -9.212  -13.365 8.911   1.00 14.88 ? 45  VAL C CA  1 
ATOM   222  C C   . VAL A 1 32 ? -10.131 -12.570 9.834   1.00 14.79 ? 45  VAL C C   1 
ATOM   223  O O   . VAL A 1 32 ? -11.357 -12.564 9.615   1.00 15.68 ? 45  VAL C O   1 
ATOM   224  C CB  . VAL A 1 32 ? -9.085  -12.748 7.518   1.00 14.32 ? 45  VAL C CB  1 
ATOM   225  C CG1 . VAL A 1 32 ? -8.572  -11.318 7.629   1.00 15.00 ? 45  VAL C CG1 1 
ATOM   226  C CG2 . VAL A 1 32 ? -8.162  -13.571 6.627   1.00 14.76 ? 45  VAL C CG2 1 
ATOM   227  N N   . GLY A 1 33 ? -9.558  -11.884 10.821  1.00 14.74 ? 46  GLY C N   1 
ATOM   228  C CA  . GLY A 1 33 ? -10.288 -11.010 11.755  1.00 16.10 ? 46  GLY C CA  1 
ATOM   229  C C   . GLY A 1 33 ? -10.747 -9.705  11.110  1.00 17.31 ? 46  GLY C C   1 
ATOM   230  O O   . GLY A 1 33 ? -10.172 -9.307  10.085  1.00 16.97 ? 46  GLY C O   1 
ATOM   231  N N   . ALA A 1 34 ? -11.750 -9.023  11.664  1.00 14.95 ? 47  ALA C N   1 
ATOM   232  C CA  . ALA A 1 34 ? -12.350 -7.788  11.081  1.00 15.33 ? 47  ALA C CA  1 
ATOM   233  C C   . ALA A 1 34 ? -11.356 -6.618  10.961  1.00 14.75 ? 47  ALA C C   1 
ATOM   234  O O   . ALA A 1 34 ? -11.456 -5.840  10.002  1.00 19.40 ? 47  ALA C O   1 
ATOM   235  C CB  . ALA A 1 34 ? -13.528 -7.362  11.923  1.00 17.89 ? 47  ALA C CB  1 
ATOM   236  N N   . GLY A 1 35 ? -10.458 -6.493  11.919  1.00 13.21 ? 48  GLY C N   1 
ATOM   237  C CA  . GLY A 1 35 ? -9.444  -5.422  11.956  1.00 12.05 ? 48  GLY C CA  1 
ATOM   238  C C   . GLY A 1 35 ? -8.301  -5.637  10.998  1.00 10.89 ? 48  GLY C C   1 
ATOM   239  O O   . GLY A 1 35 ? -7.695  -4.656  10.587  1.00 10.58 ? 48  GLY C O   1 
ATOM   240  N N   . ALA A 1 36 ? -7.988  -6.871  10.641  1.00 9.49  ? 49  ALA C N   1 
ATOM   241  C CA  . ALA A 1 36 ? -6.760  -7.156  9.885   1.00 8.70  ? 49  ALA C CA  1 
ATOM   242  C C   . ALA A 1 36 ? -6.800  -6.443  8.535   1.00 8.81  ? 49  ALA C C   1 
ATOM   243  O O   . ALA A 1 36 ? -5.796  -5.822  8.153   1.00 8.23  ? 49  ALA C O   1 
ATOM   244  C CB  . ALA A 1 36 ? -6.564  -8.626  9.705   1.00 8.55  ? 49  ALA C CB  1 
ATOM   245  N N   . PRO A 1 37 ? -7.892  -6.531  7.753   1.00 8.49  ? 50  PRO C N   1 
ATOM   246  C CA  . PRO A 1 37 ? -7.963  -5.851  6.454   1.00 9.13  ? 50  PRO C CA  1 
ATOM   247  C C   . PRO A 1 37 ? -7.925  -4.327  6.566   1.00 8.27  ? 50  PRO C C   1 
ATOM   248  O O   . PRO A 1 37 ? -7.435  -3.666  5.657   1.00 8.61  ? 50  PRO C O   1 
ATOM   249  C CB  . PRO A 1 37 ? -9.278  -6.312  5.809   1.00 9.92  ? 50  PRO C CB  1 
ATOM   250  C CG  . PRO A 1 37 ? -9.693  -7.517  6.625   1.00 12.82 ? 50  PRO C CG  1 
ATOM   251  C CD  . PRO A 1 37 ? -9.072  -7.370  7.989   1.00 10.22 ? 50  PRO C CD  1 
ATOM   252  N N   . VAL A 1 38 ? -8.450  -3.760  7.657   1.00 7.57  ? 51  VAL C N   1 
ATOM   253  C CA  . VAL A 1 38 ? -8.401  -2.297  7.897   1.00 7.48  ? 51  VAL C CA  1 
ATOM   254  C C   . VAL A 1 38 ? -6.935  -1.894  8.090   1.00 7.26  ? 51  VAL C C   1 
ATOM   255  O O   . VAL A 1 38 ? -6.456  -0.958  7.454   1.00 7.50  ? 51  VAL C O   1 
ATOM   256  C CB  . VAL A 1 38 ? -9.279  -1.913  9.111   1.00 8.09  ? 51  VAL C CB  1 
ATOM   257  C CG1 . VAL A 1 38 ? -9.031  -0.484  9.491   1.00 9.44  ? 51  VAL C CG1 1 
ATOM   258  C CG2 . VAL A 1 38 ? -10.733 -2.224  8.830   1.00 9.15  ? 51  VAL C CG2 1 
ATOM   259  N N   . TYR A 1 39 ? -6.239  -2.600  8.954   1.00 7.13  ? 52  TYR C N   1 
ATOM   260  C CA  . TYR A 1 39 ? -4.812  -2.345  9.240   1.00 6.45  ? 52  TYR C CA  1 
ATOM   261  C C   . TYR A 1 39 ? -4.010  -2.456  7.937   1.00 5.90  ? 52  TYR C C   1 
ATOM   262  O O   . TYR A 1 39 ? -3.261  -1.541  7.583   1.00 5.44  ? 52  TYR C O   1 
ATOM   263  C CB  . TYR A 1 39 ? -4.349  -3.326  10.317  1.00 6.40  ? 52  TYR C CB  1 
ATOM   264  C CG  . TYR A 1 39 ? -3.110  -2.849  11.025  1.00 6.97  ? 52  TYR C CG  1 
ATOM   265  C CD1 . TYR A 1 39 ? -1.891  -2.802  10.366  1.00 6.96  ? 52  TYR C CD1 1 
ATOM   266  C CD2 . TYR A 1 39 ? -3.115  -2.539  12.371  1.00 6.87  ? 52  TYR C CD2 1 
ATOM   267  C CE1 . TYR A 1 39 ? -0.742  -2.368  11.008  1.00 7.63  ? 52  TYR C CE1 1 
ATOM   268  C CE2 . TYR A 1 39 ? -1.964  -2.116  13.025  1.00 7.07  ? 52  TYR C CE2 1 
ATOM   269  C CZ  . TYR A 1 39 ? -0.762  -2.078  12.352  1.00 7.84  ? 52  TYR C CZ  1 
ATOM   270  O OH  . TYR A 1 39 ? 0.389   -1.700  13.027  1.00 8.78  ? 52  TYR C OH  1 
ATOM   271  N N   . LEU A 1 40 ? -4.217  -3.524  7.174   1.00 6.26  ? 53  LEU C N   1 
ATOM   272  C CA  . LEU A 1 40 ? -3.419  -3.761  5.956   1.00 6.31  ? 53  LEU C CA  1 
ATOM   273  C C   . LEU A 1 40 ? -3.769  -2.688  4.923   1.00 6.55  ? 53  LEU C C   1 
ATOM   274  O O   . LEU A 1 40 ? -2.843  -2.149  4.300   1.00 6.73  ? 53  LEU C O   1 
ATOM   275  C CB  . LEU A 1 40 ? -3.716  -5.152  5.401   1.00 6.72  ? 53  LEU C CB  1 
ATOM   276  C CG  . LEU A 1 40 ? -2.872  -5.549  4.182   1.00 6.92  ? 53  LEU C CG  1 
ATOM   277  C CD1 . LEU A 1 40 ? -1.357  -5.317  4.375   1.00 7.20  ? 53  LEU C CD1 1 
ATOM   278  C CD2 . LEU A 1 40 ? -3.134  -6.998  3.831   1.00 8.01  ? 53  LEU C CD2 1 
ATOM   279  N N   . ALA A 1 41 ? -5.058  -2.330  4.791   1.00 6.47  ? 54  ALA C N   1 
ATOM   280  C CA  . ALA A 1 41 ? -5.467  -1.284  3.806   1.00 6.43  ? 54  ALA C CA  1 
ATOM   281  C C   . ALA A 1 41 ? -4.750  0.033   4.141   1.00 5.95  ? 54  ALA C C   1 
ATOM   282  O O   . ALA A 1 41 ? -4.250  0.766   3.248   1.00 6.35  ? 54  ALA C O   1 
ATOM   283  C CB  . ALA A 1 41 ? -6.949  -1.089  3.833   1.00 6.54  ? 54  ALA C CB  1 
ATOM   284  N N   . ALA A 1 42 ? -4.666  0.383   5.425   1.00 5.96  ? 55  ALA C N   1 
ATOM   285  C CA  . ALA A 1 42 ? -4.022  1.627   5.889   1.00 6.09  ? 55  ALA C CA  1 
ATOM   286  C C   . ALA A 1 42 ? -2.535  1.616   5.580   1.00 5.97  ? 55  ALA C C   1 
ATOM   287  O O   . ALA A 1 42 ? -1.973  2.641   5.174   1.00 6.00  ? 55  ALA C O   1 
ATOM   288  C CB  . ALA A 1 42 ? -4.274  1.827   7.355   1.00 6.50  ? 55  ALA C CB  1 
ATOM   289  N N   . VAL A 1 43 ? -1.911  0.457   5.772   1.00 6.18  ? 56  VAL C N   1 
ATOM   290  C CA  . VAL A 1 43 ? -0.455  0.334   5.507   1.00 6.23  ? 56  VAL C CA  1 
ATOM   291  C C   . VAL A 1 43 ? -0.190  0.506   4.011   1.00 6.27  ? 56  VAL C C   1 
ATOM   292  O O   . VAL A 1 43 ? 0.733   1.267   3.613   1.00 6.03  ? 56  VAL C O   1 
ATOM   293  C CB  . VAL A 1 43 ? 0.063   -0.999  6.041   1.00 6.37  ? 56  VAL C CB  1 
ATOM   294  C CG1 . VAL A 1 43 ? 1.434   -1.315  5.495   1.00 7.08  ? 56  VAL C CG1 1 
ATOM   295  C CG2 . VAL A 1 43 ? 0.065   -0.922  7.570   1.00 6.74  ? 56  VAL C CG2 1 
ATOM   296  N N   . LEU A 1 44 ? -0.967  -0.153  3.186   1.00 6.03  ? 57  LEU C N   1 
ATOM   297  C CA  . LEU A 1 44 ? -0.782  -0.087  1.703   1.00 6.46  ? 57  LEU C CA  1 
ATOM   298  C C   . LEU A 1 44 ? -1.070  1.350   1.247   1.00 6.76  ? 57  LEU C C   1 
ATOM   299  O O   . LEU A 1 44 ? -0.330  1.851   0.379   1.00 6.87  ? 57  LEU C O   1 
ATOM   300  C CB  . LEU A 1 44 ? -1.689  -1.088  1.007   1.00 6.87  ? 57  LEU C CB  1 
ATOM   301  C CG  . LEU A 1 44 ? -1.359  -2.553  1.321   1.00 7.15  ? 57  LEU C CG  1 
ATOM   302  C CD1 . LEU A 1 44 ? -2.402  -3.448  0.721   1.00 8.10  ? 57  LEU C CD1 1 
ATOM   303  C CD2 . LEU A 1 44 ? 0.019   -2.969  0.851   1.00 7.97  ? 57  LEU C CD2 1 
ATOM   304  N N   . GLU A 1 45 ? -2.040  2.017   1.823   1.00 6.37  ? 58  GLU C N   1 
ATOM   305  C CA  . GLU A 1 45 ? -2.380  3.400   1.431   1.00 6.33  ? 58  GLU C CA  1 
ATOM   306  C C   . GLU A 1 45 ? -1.206  4.328   1.806   1.00 6.48  ? 58  GLU C C   1 
ATOM   307  O O   . GLU A 1 45 ? -0.808  5.201   1.005   1.00 5.80  ? 58  GLU C O   1 
ATOM   308  C CB  . GLU A 1 45 ? -3.675  3.834   2.109   1.00 7.03  ? 58  GLU C CB  1 
ATOM   309  C CG  . GLU A 1 45 ? -4.099  5.245   1.788   1.00 7.93  ? 58  GLU C CG  1 
ATOM   310  C CD  . GLU A 1 45 ? -5.544  5.567   2.137   1.00 9.57  ? 58  GLU C CD  1 
ATOM   311  O OE1 . GLU A 1 45 ? -6.337  4.635   2.157   1.00 9.60  ? 58  GLU C OE1 1 
ATOM   312  O OE2 . GLU A 1 45 ? -5.796  6.780   2.520   1.00 12.50 ? 58  GLU C OE2 1 
ATOM   313  N N   . TYR A 1 46 ? -0.672  4.198   3.034   1.00 6.08  ? 59  TYR C N   1 
ATOM   314  C CA  . TYR A 1 46 ? 0.502   4.949   3.479   1.00 6.77  ? 59  TYR C CA  1 
ATOM   315  C C   . TYR A 1 46 ? 1.644   4.752   2.483   1.00 6.29  ? 59  TYR C C   1 
ATOM   316  O O   . TYR A 1 46 ? 2.295   5.754   2.122   1.00 6.13  ? 59  TYR C O   1 
ATOM   317  C CB  . TYR A 1 46 ? 0.925   4.497   4.885   1.00 7.07  ? 59  TYR C CB  1 
ATOM   318  C CG  . TYR A 1 46 ? 2.302   4.970   5.263   1.00 7.91  ? 59  TYR C CG  1 
ATOM   319  C CD1 . TYR A 1 46 ? 2.541   6.308   5.487   1.00 9.75  ? 59  TYR C CD1 1 
ATOM   320  C CD2 . TYR A 1 46 ? 3.366   4.099   5.344   1.00 8.71  ? 59  TYR C CD2 1 
ATOM   321  C CE1 . TYR A 1 46 ? 3.822   6.757   5.790   1.00 9.39  ? 59  TYR C CE1 1 
ATOM   322  C CE2 . TYR A 1 46 ? 4.637   4.537   5.653   1.00 10.30 ? 59  TYR C CE2 1 
ATOM   323  C CZ  . TYR A 1 46 ? 4.853   5.862   5.896   1.00 10.89 ? 59  TYR C CZ  1 
ATOM   324  O OH  . TYR A 1 46 ? 6.129   6.327   6.147   1.00 13.48 ? 59  TYR C OH  1 
ATOM   325  N N   . LEU A 1 47 ? 1.966   3.509   2.113   1.00 6.45  ? 60  LEU C N   1 
ATOM   326  C CA  . LEU A 1 47 ? 3.115   3.259   1.215   1.00 6.79  ? 60  LEU C CA  1 
ATOM   327  C C   . LEU A 1 47 ? 2.840   3.859   -0.172  1.00 6.86  ? 60  LEU C C   1 
ATOM   328  O O   . LEU A 1 47 ? 3.717   4.457   -0.771  1.00 6.85  ? 60  LEU C O   1 
ATOM   329  C CB  . LEU A 1 47 ? 3.354   1.760   1.152   1.00 7.62  ? 60  LEU C CB  1 
ATOM   330  C CG  . LEU A 1 47 ? 3.912   1.185   2.451   1.00 8.17  ? 60  LEU C CG  1 
ATOM   331  C CD1 . LEU A 1 47 ? 3.939   -0.328  2.369   1.00 8.98  ? 60  LEU C CD1 1 
ATOM   332  C CD2 . LEU A 1 47 ? 5.304   1.744   2.781   1.00 8.86  ? 60  LEU C CD2 1 
ATOM   333  N N   . ALA A 1 48 ? 1.636   3.735   -0.683  1.00 6.56  ? 61  ALA C N   1 
ATOM   334  C CA  . ALA A 1 48 ? 1.285   4.377   -1.954  1.00 6.34  ? 61  ALA C CA  1 
ATOM   335  C C   . ALA A 1 48 ? 1.531   5.882   -1.841  1.00 6.32  ? 61  ALA C C   1 
ATOM   336  O O   . ALA A 1 48 ? 2.126   6.497   -2.746  1.00 6.29  ? 61  ALA C O   1 
ATOM   337  C CB  . ALA A 1 48 ? -0.156  4.080   -2.306  1.00 6.02  ? 61  ALA C CB  1 
ATOM   338  N N   . ALA A 1 49 ? 1.077   6.504   -0.766  1.00 6.08  ? 62  ALA C N   1 
ATOM   339  C CA  . ALA A 1 49 ? 1.205   7.960   -0.586  1.00 6.11  ? 62  ALA C CA  1 
ATOM   340  C C   . ALA A 1 49 ? 2.690   8.325   -0.547  1.00 6.81  ? 62  ALA C C   1 
ATOM   341  O O   . ALA A 1 49 ? 3.065   9.346   -1.077  1.00 7.25  ? 62  ALA C O   1 
ATOM   342  C CB  . ALA A 1 49 ? 0.459   8.427   0.635   1.00 6.17  ? 62  ALA C CB  1 
ATOM   343  N N   . GLU A 1 50 ? 3.516   7.517   0.093   1.00 7.48  ? 63  GLU C N   1 
ATOM   344  C CA  . GLU A 1 50 ? 4.949   7.835   0.243   1.00 8.85  ? 63  GLU C CA  1 
ATOM   345  C C   . GLU A 1 50 ? 5.602   7.805   -1.137  1.00 8.28  ? 63  GLU C C   1 
ATOM   346  O O   . GLU A 1 50 ? 6.357   8.737   -1.483  1.00 8.82  ? 63  GLU C O   1 
ATOM   347  C CB  . GLU A 1 50 ? 5.654   6.830   1.179   1.00 10.88 ? 63  GLU C CB  1 
ATOM   348  C CG  . GLU A 1 50 ? 5.406   7.095   2.645   1.00 14.89 ? 63  GLU C CG  1 
ATOM   349  C CD  . GLU A 1 50 ? 6.001   8.414   3.118   1.00 15.68 ? 63  GLU C CD  1 
ATOM   350  O OE1 . GLU A 1 50 ? 5.263   9.196   3.677   1.00 24.28 ? 63  GLU C OE1 1 
ATOM   351  O OE2 . GLU A 1 50 ? 7.192   8.674   2.828   1.00 22.21 ? 63  GLU C OE2 1 
ATOM   352  N N   . VAL A 1 51 ? 5.367   6.732   -1.902  1.00 7.23  ? 64  VAL C N   1 
ATOM   353  C CA  . VAL A 1 51 ? 5.953   6.617   -3.263  1.00 7.71  ? 64  VAL C CA  1 
ATOM   354  C C   . VAL A 1 51 ? 5.402   7.759   -4.147  1.00 7.01  ? 64  VAL C C   1 
ATOM   355  O O   . VAL A 1 51 ? 6.193   8.420   -4.852  1.00 7.32  ? 64  VAL C O   1 
ATOM   356  C CB  . VAL A 1 51 ? 5.652   5.243   -3.864  1.00 7.32  ? 64  VAL C CB  1 
ATOM   357  C CG1 . VAL A 1 51 ? 6.125   5.169   -5.305  1.00 7.48  ? 64  VAL C CG1 1 
ATOM   358  C CG2 . VAL A 1 51 ? 6.291   4.163   -3.013  1.00 7.65  ? 64  VAL C CG2 1 
ATOM   359  N N   . LEU A 1 52 ? 4.093   8.028   -4.094  1.00 7.14  ? 65  LEU C N   1 
ATOM   360  C CA  . LEU A 1 52 ? 3.518   9.062   -4.991  1.00 6.89  ? 65  LEU C CA  1 
ATOM   361  C C   . LEU A 1 52 ? 4.067   10.447  -4.638  1.00 7.37  ? 65  LEU C C   1 
ATOM   362  O O   . LEU A 1 52 ? 4.299   11.271  -5.532  1.00 7.35  ? 65  LEU C O   1 
ATOM   363  C CB  . LEU A 1 52 ? 1.999   9.034   -4.916  1.00 7.46  ? 65  LEU C CB  1 
ATOM   364  C CG  . LEU A 1 52 ? 1.377   7.781   -5.514  1.00 7.59  ? 65  LEU C CG  1 
ATOM   365  C CD1 . LEU A 1 52 ? -0.057  7.639   -5.057  1.00 7.53  ? 65  LEU C CD1 1 
ATOM   366  C CD2 . LEU A 1 52 ? 1.484   7.771   -7.022  1.00 7.88  ? 65  LEU C CD2 1 
ATOM   367  N N   . GLU A 1 53 ? 4.231   10.734  -3.364  1.00 7.80  ? 66  GLU C N   1 
ATOM   368  C CA  . GLU A 1 53 ? 4.788   12.033  -2.933  1.00 8.66  ? 66  GLU C CA  1 
ATOM   369  C C   . GLU A 1 53 ? 6.159   12.197  -3.582  1.00 8.36  ? 66  GLU C C   1 
ATOM   370  O O   . GLU A 1 53 ? 6.405   13.263  -4.238  1.00 7.21  ? 66  GLU C O   1 
ATOM   371  C CB  . GLU A 1 53 ? 4.906   12.084  -1.409  1.00 10.45 ? 66  GLU C CB  1 
ATOM   372  C CG  . GLU A 1 53 ? 5.636   13.302  -0.930  1.00 12.11 ? 66  GLU C CG  1 
ATOM   373  C CD  . GLU A 1 53 ? 5.790   13.365  0.589   1.00 15.90 ? 66  GLU C CD  1 
ATOM   374  O OE1 . GLU A 1 53 ? 5.299   12.442  1.253   1.00 20.83 ? 66  GLU C OE1 1 
ATOM   375  O OE2 . GLU A 1 53 ? 6.443   14.311  1.076   1.00 20.30 ? 66  GLU C OE2 1 
ATOM   376  N N   . LEU A 1 54 ? 7.006   11.200  -3.427  1.00 8.95  ? 67  LEU C N   1 
ATOM   377  C CA  . LEU A 1 54 ? 8.402   11.309  -3.903  1.00 9.63  ? 67  LEU C CA  1 
ATOM   378  C C   . LEU A 1 54 ? 8.452   11.276  -5.437  1.00 9.16  ? 67  LEU C C   1 
ATOM   379  O O   . LEU A 1 54 ? 9.240   12.068  -6.021  1.00 9.80  ? 67  LEU C O   1 
ATOM   380  C CB  . LEU A 1 54 ? 9.253   10.202  -3.281  1.00 10.62 ? 67  LEU C CB  1 
ATOM   381  C CG  . LEU A 1 54 ? 9.479   10.285  -1.783  1.00 12.72 ? 67  LEU C CG  1 
ATOM   382  C CD1 . LEU A 1 54 ? 10.273  9.096   -1.316  1.00 14.20 ? 67  LEU C CD1 1 
ATOM   383  C CD2 . LEU A 1 54 ? 10.188  11.557  -1.391  1.00 15.16 ? 67  LEU C CD2 1 
ATOM   384  N N   . ALA A 1 55 ? 7.631   10.458  -6.080  1.00 7.60  ? 68  ALA C N   1 
ATOM   385  C CA  . ALA A 1 55 ? 7.614   10.373  -7.553  1.00 7.50  ? 68  ALA C CA  1 
ATOM   386  C C   . ALA A 1 55 ? 7.075   11.670  -8.133  1.00 7.69  ? 68  ALA C C   1 
ATOM   387  O O   . ALA A 1 55 ? 7.569   12.128  -9.173  1.00 7.78  ? 68  ALA C O   1 
ATOM   388  C CB  . ALA A 1 55 ? 6.784   9.187   -7.987  1.00 7.76  ? 68  ALA C CB  1 
ATOM   389  N N   . GLY A 1 56 ? 6.048   12.242  -7.548  1.00 7.39  ? 69  GLY C N   1 
ATOM   390  C CA  . GLY A 1 56 ? 5.512   13.535  -8.012  1.00 7.66  ? 69  GLY C CA  1 
ATOM   391  C C   . GLY A 1 56 ? 6.505   14.656  -7.776  1.00 8.83  ? 69  GLY C C   1 
ATOM   392  O O   . GLY A 1 56 ? 6.627   15.466  -8.647  1.00 9.09  ? 69  GLY C O   1 
ATOM   393  N N   . ASN A 1 57 ? 7.278   14.645  -6.708  1.00 8.72  ? 70  ASN C N   1 
ATOM   394  C CA  . ASN A 1 57 ? 8.342   15.669  -6.540  1.00 9.28  ? 70  ASN C CA  1 
ATOM   395  C C   . ASN A 1 57 ? 9.370   15.533  -7.667  1.00 9.83  ? 70  ASN C C   1 
ATOM   396  O O   . ASN A 1 57 ? 9.780   16.567  -8.230  1.00 10.22 ? 70  ASN C O   1 
ATOM   397  C CB  . ASN A 1 57 ? 9.032   15.532  -5.192  1.00 10.20 ? 70  ASN C CB  1 
ATOM   398  C CG  . ASN A 1 57 ? 8.133   15.885  -4.025  1.00 9.54  ? 70  ASN C CG  1 
ATOM   399  O OD1 . ASN A 1 57 ? 7.125   16.558  -4.192  1.00 11.95 ? 70  ASN C OD1 1 
ATOM   400  N ND2 . ASN A 1 57 ? 8.615   15.571  -2.839  1.00 11.99 ? 70  ASN C ND2 1 
ATOM   401  N N   . ALA A 1 58 ? 9.697   14.314  -8.041  1.00 9.09  ? 71  ALA C N   1 
ATOM   402  C CA  . ALA A 1 58 ? 10.672  14.019  -9.118  1.00 9.28  ? 71  ALA C CA  1 
ATOM   403  C C   . ALA A 1 58 ? 10.089  14.490  -10.453 1.00 9.42  ? 71  ALA C C   1 
ATOM   404  O O   . ALA A 1 58 ? 10.863  15.083  -11.276 1.00 10.41 ? 71  ALA C O   1 
ATOM   405  C CB  . ALA A 1 58 ? 11.046  12.572  -9.110  1.00 9.29  ? 71  ALA C CB  1 
ATOM   406  N N   . ALA A 1 59 ? 8.798   14.284  -10.682 1.00 8.46  ? 72  ALA C N   1 
ATOM   407  C CA  . ALA A 1 59 ? 8.093   14.721  -11.908 1.00 9.85  ? 72  ALA C CA  1 
ATOM   408  C C   . ALA A 1 59 ? 8.271   16.235  -12.034 1.00 9.63  ? 72  ALA C C   1 
ATOM   409  O O   . ALA A 1 59 ? 8.722   16.744  -13.097 1.00 10.62 ? 72  ALA C O   1 
ATOM   410  C CB  . ALA A 1 59 ? 6.650   14.320  -11.896 1.00 9.57  ? 72  ALA C CB  1 
ATOM   411  N N   . ARG A 1 60 ? 7.917   16.949  -10.982 1.00 11.05 ? 73  ARG C N   1 
ATOM   412  C CA  . ARG A 1 60 ? 7.960   18.435  -10.992 1.00 12.90 ? 73  ARG C CA  1 
ATOM   413  C C   . ARG A 1 60 ? 9.402   18.946  -11.171 1.00 13.38 ? 73  ARG C C   1 
ATOM   414  O O   . ARG A 1 60 ? 9.599   19.877  -11.907 1.00 13.74 ? 73  ARG C O   1 
ATOM   415  C CB  . ARG A 1 60 ? 7.275   18.922  -9.710  1.00 17.37 ? 73  ARG C CB  1 
ATOM   416  C CG  . ARG A 1 60 ? 7.427   20.398  -9.390  1.00 23.61 ? 73  ARG C CG  1 
ATOM   417  C CD  . ARG A 1 60 ? 6.677   20.605  -8.089  1.00 27.39 ? 73  ARG C CD  1 
ATOM   418  N NE  . ARG A 1 60 ? 5.304   20.586  -8.457  1.00 29.60 ? 73  ARG C NE  1 
ATOM   419  C CZ  . ARG A 1 60 ? 4.293   20.180  -7.749  1.00 30.03 ? 73  ARG C CZ  1 
ATOM   420  N NH1 . ARG A 1 60 ? 4.471   19.666  -6.554  1.00 34.33 ? 73  ARG C NH1 1 
ATOM   421  N NH2 . ARG A 1 60 ? 3.092   20.312  -8.273  1.00 30.70 ? 73  ARG C NH2 1 
ATOM   422  N N   . ASP A 1 61 ? 10.343  18.339  -10.475 1.00 12.05 ? 74  ASP C N   1 
ATOM   423  C CA  . ASP A 1 61 ? 11.775  18.732  -10.586 1.00 13.08 ? 74  ASP C CA  1 
ATOM   424  C C   . ASP A 1 61 ? 12.210  18.522  -12.038 1.00 12.25 ? 74  ASP C C   1 
ATOM   425  O O   . ASP A 1 61 ? 13.086  19.253  -12.533 1.00 13.53 ? 74  ASP C O   1 
ATOM   426  C CB  . ASP A 1 61 ? 12.669  17.917  -9.667  1.00 15.27 ? 74  ASP C CB  1 
ATOM   427  C CG  . ASP A 1 61 ? 12.564  18.220  -8.195  1.00 17.71 ? 74  ASP C CG  1 
ATOM   428  O OD1 . ASP A 1 61 ? 11.955  19.229  -7.853  1.00 22.13 ? 74  ASP C OD1 1 
ATOM   429  O OD2 . ASP A 1 61 ? 13.084  17.405  -7.419  1.00 21.23 ? 74  ASP C OD2 1 
ATOM   430  N N   . ASN A 1 62 ? 11.612  17.552  -12.713 1.00 10.99 ? 75  ASN C N   1 
ATOM   431  C CA  . ASN A 1 62 ? 11.942  17.132  -14.103 1.00 10.28 ? 75  ASN C CA  1 
ATOM   432  C C   . ASN A 1 62 ? 11.174  18.016  -15.085 1.00 10.35 ? 75  ASN C C   1 
ATOM   433  O O   . ASN A 1 62 ? 11.196  17.695  -16.284 1.00 10.64 ? 75  ASN C O   1 
ATOM   434  C CB  . ASN A 1 62 ? 11.618  15.644  -14.290 1.00 10.09 ? 75  ASN C CB  1 
ATOM   435  C CG  . ASN A 1 62 ? 12.042  15.046  -15.611 1.00 10.36 ? 75  ASN C CG  1 
ATOM   436  O OD1 . ASN A 1 62 ? 11.204  14.464  -16.283 1.00 10.32 ? 75  ASN C OD1 1 
ATOM   437  N ND2 . ASN A 1 62 ? 13.308  15.222  -15.994 1.00 9.63  ? 75  ASN C ND2 1 
ATOM   438  N N   . LYS A 1 63 ? 10.447  19.025  -14.599 1.00 11.43 ? 76  LYS C N   1 
ATOM   439  C CA  . LYS A 1 63 ? 9.664   19.985  -15.416 1.00 13.00 ? 76  LYS C CA  1 
ATOM   440  C C   . LYS A 1 63 ? 8.514   19.280  -16.133 1.00 14.13 ? 76  LYS C C   1 
ATOM   441  O O   . LYS A 1 63 ? 8.141   19.690  -17.261 1.00 15.64 ? 76  LYS C O   1 
ATOM   442  C CB  . LYS A 1 63 ? 10.568  20.730  -16.414 1.00 13.86 ? 76  LYS C CB  1 
ATOM   443  C CG  . LYS A 1 63 ? 11.813  21.356  -15.813 1.00 15.52 ? 76  LYS C CG  1 
ATOM   444  C CD  . LYS A 1 63 ? 12.697  22.089  -16.850 1.00 16.71 ? 76  LYS C CD  1 
ATOM   445  C CE  . LYS A 1 63 ? 12.082  23.360  -17.371 1.00 19.23 ? 76  LYS C CE  1 
ATOM   446  N NZ  . LYS A 1 63 ? 12.266  24.459  -16.385 1.00 21.71 ? 76  LYS C NZ  1 
ATOM   447  N N   . LYS A 1 64 ? 7.903   18.273  -15.493 1.00 11.46 ? 77  LYS C N   1 
ATOM   448  C CA  . LYS A 1 64 ? 6.718   17.603  -16.027 1.00 11.70 ? 77  LYS C CA  1 
ATOM   449  C C   . LYS A 1 64 ? 5.520   17.791  -15.098 1.00 11.76 ? 77  LYS C C   1 
ATOM   450  O O   . LYS A 1 64 ? 5.713   18.147  -13.944 1.00 13.84 ? 77  LYS C O   1 
ATOM   451  C CB  . LYS A 1 64 ? 7.013   16.109  -16.138 1.00 11.12 ? 77  LYS C CB  1 
ATOM   452  C CG  . LYS A 1 64 ? 8.255   15.720  -16.937 1.00 12.05 ? 77  LYS C CG  1 
ATOM   453  C CD  . LYS A 1 64 ? 8.167   16.128  -18.382 1.00 12.81 ? 77  LYS C CD  1 
ATOM   454  C CE  . LYS A 1 64 ? 9.381   15.694  -19.199 1.00 14.14 ? 77  LYS C CE  1 
ATOM   455  N NZ  . LYS A 1 64 ? 10.625  16.403  -18.778 1.00 15.94 ? 77  LYS C NZ  1 
ATOM   456  N N   . THR A 1 65 ? 4.332   17.515  -15.621 1.00 12.81 ? 78  THR C N   1 
ATOM   457  C CA  . THR A 1 65 ? 3.060   17.658  -14.882 1.00 13.75 ? 78  THR C CA  1 
ATOM   458  C C   . THR A 1 65 ? 2.417   16.299  -14.717 1.00 12.92 ? 78  THR C C   1 
ATOM   459  O O   . THR A 1 65 ? 1.283   16.268  -14.276 1.00 13.28 ? 78  THR C O   1 
ATOM   460  C CB  . THR A 1 65 ? 2.052   18.591  -15.578 1.00 16.52 ? 78  THR C CB  1 
ATOM   461  O OG1 . THR A 1 65 ? 1.825   18.125  -16.900 1.00 18.67 ? 78  THR C OG1 1 
ATOM   462  C CG2 . THR A 1 65 ? 2.554   20.014  -15.523 1.00 21.02 ? 78  THR C CG2 1 
ATOM   463  N N   . ARG A 1 66 ? 3.149   15.224  -14.996 1.00 12.04 ? 79  ARG C N   1 
ATOM   464  C CA  . ARG A 1 66 ? 2.626   13.858  -14.774 1.00 12.27 ? 79  ARG C CA  1 
ATOM   465  C C   . ARG A 1 66 ? 3.804   12.945  -14.492 1.00 11.66 ? 79  ARG C C   1 
ATOM   466  O O   . ARG A 1 66 ? 4.913   13.194  -14.981 1.00 11.73 ? 79  ARG C O   1 
ATOM   467  C CB  . ARG A 1 66 ? 1.833   13.313  -15.954 1.00 15.55 ? 79  ARG C CB  1 
ATOM   468  C CG  . ARG A 1 66 ? 2.663   12.986  -17.171 1.00 18.11 ? 79  ARG C CG  1 
ATOM   469  C CD  . ARG A 1 66 ? 1.781   12.199  -18.126 1.00 19.90 ? 79  ARG C CD  1 
ATOM   470  N NE  . ARG A 1 66 ? 2.674   11.755  -19.160 1.00 18.09 ? 79  ARG C NE  1 
ATOM   471  C CZ  . ARG A 1 66 ? 2.395   10.858  -20.066 1.00 21.07 ? 79  ARG C CZ  1 
ATOM   472  N NH1 . ARG A 1 66 ? 1.209   10.274  -20.122 1.00 20.96 ? 79  ARG C NH1 1 
ATOM   473  N NH2 . ARG A 1 66 ? 3.345   10.511  -20.910 1.00 24.59 ? 79  ARG C NH2 1 
ATOM   474  N N   . ILE A 1 67 ? 3.532   11.980  -13.655 1.00 9.56  ? 80  ILE C N   1 
ATOM   475  C CA  . ILE A 1 67 ? 4.484   10.921  -13.268 1.00 8.64  ? 80  ILE C CA  1 
ATOM   476  C C   . ILE A 1 67 ? 4.571   9.900   -14.407 1.00 8.52  ? 80  ILE C C   1 
ATOM   477  O O   . ILE A 1 67 ? 3.561   9.334   -14.820 1.00 8.06  ? 80  ILE C O   1 
ATOM   478  C CB  . ILE A 1 67 ? 4.035   10.299  -11.944 1.00 8.29  ? 80  ILE C CB  1 
ATOM   479  C CG1 . ILE A 1 67 ? 4.083   11.288  -10.768 1.00 8.10  ? 80  ILE C CG1 1 
ATOM   480  C CG2 . ILE A 1 67 ? 4.834   9.049   -11.668 1.00 8.61  ? 80  ILE C CG2 1 
ATOM   481  C CD1 . ILE A 1 67 ? 3.320   10.818  -9.542  1.00 8.58  ? 80  ILE C CD1 1 
ATOM   482  N N   . VAL A 1 68 ? 5.804   9.646   -14.848 1.00 8.51  ? 81  VAL C N   1 
ATOM   483  C CA  . VAL A 1 68 ? 6.128   8.558   -15.803 1.00 8.65  ? 81  VAL C CA  1 
ATOM   484  C C   . VAL A 1 68 ? 7.034   7.548   -15.091 1.00 8.24  ? 81  VAL C C   1 
ATOM   485  O O   . VAL A 1 68 ? 7.552   7.795   -13.994 1.00 8.68  ? 81  VAL C O   1 
ATOM   486  C CB  . VAL A 1 68 ? 6.766   9.120   -17.080 1.00 9.79  ? 81  VAL C CB  1 
ATOM   487  C CG1 . VAL A 1 68 ? 5.811   10.077  -17.776 1.00 12.07 ? 81  VAL C CG1 1 
ATOM   488  C CG2 . VAL A 1 68 ? 8.124   9.764   -16.804 1.00 10.12 ? 81  VAL C CG2 1 
ATOM   489  N N   . PRO A 1 69 ? 7.229   6.356   -15.664 1.00 8.40  ? 82  PRO C N   1 
ATOM   490  C CA  . PRO A 1 69 ? 8.048   5.350   -14.990 1.00 8.52  ? 82  PRO C CA  1 
ATOM   491  C C   . PRO A 1 69 ? 9.414   5.872   -14.533 1.00 8.98  ? 82  PRO C C   1 
ATOM   492  O O   . PRO A 1 69 ? 9.850   5.503   -13.418 1.00 8.23  ? 82  PRO C O   1 
ATOM   493  C CB  . PRO A 1 69 ? 8.134   4.271   -16.050 1.00 8.46  ? 82  PRO C CB  1 
ATOM   494  C CG  . PRO A 1 69 ? 6.796   4.352   -16.719 1.00 9.19  ? 82  PRO C CG  1 
ATOM   495  C CD  . PRO A 1 69 ? 6.552   5.825   -16.848 1.00 8.95  ? 82  PRO C CD  1 
ATOM   496  N N   . ARG A 1 70 ? 10.128  6.682   -15.340 1.00 9.24  ? 83  ARG C N   1 
ATOM   497  C CA  . ARG A 1 70 ? 11.475  7.113   -14.920 1.00 10.80 ? 83  ARG C CA  1 
ATOM   498  C C   . ARG A 1 70 ? 11.397  7.944   -13.624 1.00 9.53  ? 83  ARG C C   1 
ATOM   499  O O   . ARG A 1 70 ? 12.360  7.966   -12.885 1.00 9.40  ? 83  ARG C O   1 
ATOM   500  C CB  . ARG A 1 70 ? 12.156  7.856   -16.068 1.00 13.73 ? 83  ARG C CB  1 
ATOM   501  C CG  . ARG A 1 70 ? 13.652  8.062   -15.893 1.00 23.34 ? 83  ARG C CG  1 
ATOM   502  C CD  . ARG A 1 70 ? 14.347  8.301   -17.234 1.00 28.71 ? 83  ARG C CD  1 
ATOM   503  N NE  . ARG A 1 70 ? 13.723  7.577   -18.342 1.00 31.67 ? 83  ARG C NE  1 
ATOM   504  C CZ  . ARG A 1 70 ? 14.152  6.440   -18.919 1.00 34.59 ? 83  ARG C CZ  1 
ATOM   505  N NH1 . ARG A 1 70 ? 13.472  5.914   -19.929 1.00 37.78 ? 83  ARG C NH1 1 
ATOM   506  N NH2 . ARG A 1 70 ? 15.233  5.818   -18.490 1.00 39.13 ? 83  ARG C NH2 1 
ATOM   507  N N   . HIS A 1 71 ? 10.307  8.665   -13.379 1.00 8.60  ? 84  HIS C N   1 
ATOM   508  C CA  . HIS A 1 71 ? 10.195  9.469   -12.142 1.00 8.16  ? 84  HIS C CA  1 
ATOM   509  C C   . HIS A 1 71 ? 10.120  8.521   -10.958 1.00 8.71  ? 84  HIS C C   1 
ATOM   510  O O   . HIS A 1 71 ? 10.687  8.845   -9.895  1.00 9.78  ? 84  HIS C O   1 
ATOM   511  C CB  . HIS A 1 71 ? 8.992   10.380  -12.153 1.00 7.89  ? 84  HIS C CB  1 
ATOM   512  C CG  . HIS A 1 71 ? 8.962   11.367  -13.269 1.00 8.24  ? 84  HIS C CG  1 
ATOM   513  N ND1 . HIS A 1 71 ? 7.796   11.757  -13.897 1.00 7.89  ? 84  HIS C ND1 1 
ATOM   514  C CD2 . HIS A 1 71 ? 9.974   12.062  -13.839 1.00 8.24  ? 84  HIS C CD2 1 
ATOM   515  C CE1 . HIS A 1 71 ? 8.076   12.661  -14.815 1.00 8.73  ? 84  HIS C CE1 1 
ATOM   516  N NE2 . HIS A 1 71 ? 9.445   12.879  -14.782 1.00 8.10  ? 84  HIS C NE2 1 
ATOM   517  N N   . ILE A 1 72 ? 9.330   7.461   -11.097 1.00 7.96  ? 85  ILE C N   1 
ATOM   518  C CA  . ILE A 1 72 ? 9.213   6.447   -10.016 1.00 8.73  ? 85  ILE C CA  1 
ATOM   519  C C   . ILE A 1 72 ? 10.583  5.812   -9.810  1.00 9.68  ? 85  ILE C C   1 
ATOM   520  O O   . ILE A 1 72 ? 11.014  5.662   -8.663  1.00 8.84  ? 85  ILE C O   1 
ATOM   521  C CB  . ILE A 1 72 ? 8.149   5.376   -10.330 1.00 8.93  ? 85  ILE C CB  1 
ATOM   522  C CG1 . ILE A 1 72 ? 6.783   6.013   -10.537 1.00 9.02  ? 85  ILE C CG1 1 
ATOM   523  C CG2 . ILE A 1 72 ? 8.125   4.321   -9.220  1.00 8.81  ? 85  ILE C CG2 1 
ATOM   524  C CD1 . ILE A 1 72 ? 5.706   5.041   -10.893 1.00 9.24  ? 85  ILE C CD1 1 
ATOM   525  N N   . GLN A 1 73 ? 11.276  5.445   -10.902 1.00 9.85  ? 86  GLN C N   1 
ATOM   526  C CA  . GLN A 1 73 ? 12.601  4.804   -10.809 1.00 10.97 ? 86  GLN C CA  1 
ATOM   527  C C   . GLN A 1 73 ? 13.539  5.714   -10.004 1.00 11.32 ? 86  GLN C C   1 
ATOM   528  O O   . GLN A 1 73 ? 14.271  5.221   -9.118  1.00 12.03 ? 86  GLN C O   1 
ATOM   529  C CB  . GLN A 1 73 ? 13.131  4.516   -12.219 1.00 12.53 ? 86  GLN C CB  1 
ATOM   530  C CG  . GLN A 1 73 ? 14.505  3.886   -12.176 1.00 14.53 ? 86  GLN C CG  1 
ATOM   531  C CD  . GLN A 1 73 ? 15.009  3.705   -13.587 1.00 17.10 ? 86  GLN C CD  1 
ATOM   532  O OE1 . GLN A 1 73 ? 15.193  4.698   -14.279 1.00 19.34 ? 86  GLN C OE1 1 
ATOM   533  N NE2 . GLN A 1 73 ? 15.048  2.458   -14.036 1.00 18.31 ? 86  GLN C NE2 1 
ATOM   534  N N   . LEU A 1 74 ? 13.548  7.001   -10.328 1.00 10.91 ? 87  LEU C N   1 
ATOM   535  C CA  . LEU A 1 74 ? 14.492  7.969   -9.686  1.00 14.08 ? 87  LEU C CA  1 
ATOM   536  C C   . LEU A 1 74 ? 14.134  8.173   -8.219  1.00 13.86 ? 87  LEU C C   1 
ATOM   537  O O   . LEU A 1 74 ? 15.076  8.109   -7.380  1.00 14.94 ? 87  LEU C O   1 
ATOM   538  C CB  . LEU A 1 74 ? 14.422  9.297   -10.430 1.00 17.32 ? 87  LEU C CB  1 
ATOM   539  C CG  . LEU A 1 74 ? 15.470  10.328  -10.000 1.00 23.31 ? 87  LEU C CG  1 
ATOM   540  C CD1 . LEU A 1 74 ? 16.014  11.063  -11.205 1.00 25.02 ? 87  LEU C CD1 1 
ATOM   541  C CD2 . LEU A 1 74 ? 14.896  11.307  -8.984  1.00 26.40 ? 87  LEU C CD2 1 
ATOM   542  N N   . ALA A 1 75 ? 12.864  8.407   -7.915  1.00 13.14 ? 88  ALA C N   1 
ATOM   543  C CA  . ALA A 1 75 ? 12.359  8.595   -6.530  1.00 13.51 ? 88  ALA C CA  1 
ATOM   544  C C   . ALA A 1 75 ? 12.770  7.380   -5.692  1.00 13.06 ? 88  ALA C C   1 
ATOM   545  O O   . ALA A 1 75 ? 13.349  7.534   -4.588  1.00 13.37 ? 88  ALA C O   1 
ATOM   546  C CB  . ALA A 1 75 ? 10.854  8.765   -6.519  1.00 14.50 ? 88  ALA C CB  1 
ATOM   547  N N   . VAL A 1 76 ? 12.531  6.175   -6.202  1.00 12.07 ? 89  VAL C N   1 
ATOM   548  C CA  . VAL A 1 76 ? 12.804  4.949   -5.402  1.00 12.05 ? 89  VAL C CA  1 
ATOM   549  C C   . VAL A 1 76 ? 14.314  4.756   -5.254  1.00 12.78 ? 89  VAL C C   1 
ATOM   550  O O   . VAL A 1 76 ? 14.782  4.473   -4.139  1.00 12.97 ? 89  VAL C O   1 
ATOM   551  C CB  . VAL A 1 76 ? 12.080  3.734   -5.995  1.00 11.99 ? 89  VAL C CB  1 
ATOM   552  C CG1 . VAL A 1 76 ? 12.522  2.464   -5.291  1.00 12.38 ? 89  VAL C CG1 1 
ATOM   553  C CG2 . VAL A 1 76 ? 10.576  3.983   -5.887  1.00 11.57 ? 89  VAL C CG2 1 
ATOM   554  N N   . ARG A 1 77 ? 15.069  4.906   -6.335  1.00 13.21 ? 90  ARG C N   1 
ATOM   555  C CA  . ARG A 1 77 ? 16.528  4.655   -6.316  1.00 14.83 ? 90  ARG C CA  1 
ATOM   556  C C   . ARG A 1 77 ? 17.210  5.639   -5.361  1.00 15.29 ? 90  ARG C C   1 
ATOM   557  O O   . ARG A 1 77 ? 18.254  5.254   -4.759  1.00 18.58 ? 90  ARG C O   1 
ATOM   558  C CB  . ARG A 1 77 ? 17.124  4.751   -7.720  1.00 16.50 ? 90  ARG C CB  1 
ATOM   559  C CG  . ARG A 1 77 ? 17.423  6.181   -8.123  1.00 21.79 ? 90  ARG C CG  1 
ATOM   560  N N   . ASN A 1 78 ? 16.668  6.825   -5.176  1.00 15.32 ? 91  ASN C N   1 
ATOM   561  C CA  . ASN A 1 78 ? 17.249  7.884   -4.307  1.00 17.49 ? 91  ASN C CA  1 
ATOM   562  C C   . ASN A 1 78 ? 16.766  7.746   -2.861  1.00 17.70 ? 91  ASN C C   1 
ATOM   563  O O   . ASN A 1 78 ? 17.109  8.621   -2.033  1.00 18.95 ? 91  ASN C O   1 
ATOM   564  C CB  . ASN A 1 78 ? 17.002  9.272   -4.879  1.00 19.31 ? 91  ASN C CB  1 
ATOM   565  C CG  . ASN A 1 78 ? 17.939  9.531   -6.042  1.00 21.64 ? 91  ASN C CG  1 
ATOM   566  O OD1 . ASN A 1 78 ? 19.043  8.985   -6.079  1.00 29.41 ? 91  ASN C OD1 1 
ATOM   567  N ND2 . ASN A 1 78 ? 17.504  10.341  -7.003  1.00 24.16 ? 91  ASN C ND2 1 
ATOM   568  N N   . ASP A 1 79 ? 15.954  6.740   -2.569  1.00 14.86 ? 92  ASP C N   1 
ATOM   569  C CA  . ASP A 1 79 ? 15.383  6.543   -1.206  1.00 15.04 ? 92  ASP C CA  1 
ATOM   570  C C   . ASP A 1 79 ? 15.887  5.210   -0.652  1.00 13.50 ? 92  ASP C C   1 
ATOM   571  O O   . ASP A 1 79 ? 15.517  4.166   -1.173  1.00 12.86 ? 92  ASP C O   1 
ATOM   572  C CB  . ASP A 1 79 ? 13.850  6.579   -1.189  1.00 15.34 ? 92  ASP C CB  1 
ATOM   573  C CG  . ASP A 1 79 ? 13.314  6.692   0.228   1.00 16.38 ? 92  ASP C CG  1 
ATOM   574  O OD1 . ASP A 1 79 ? 13.190  5.655   0.904   1.00 15.76 ? 92  ASP C OD1 1 
ATOM   575  O OD2 . ASP A 1 79 ? 13.142  7.827   0.677   1.00 22.97 ? 92  ASP C OD2 1 
ATOM   576  N N   . GLU A 1 80 ? 16.717  5.232   0.391   1.00 13.15 ? 93  GLU C N   1 
ATOM   577  C CA  . GLU A 1 80 ? 17.318  3.999   0.938   1.00 13.12 ? 93  GLU C CA  1 
ATOM   578  C C   . GLU A 1 80 ? 16.198  3.031   1.295   1.00 10.84 ? 93  GLU C C   1 
ATOM   579  O O   . GLU A 1 80 ? 16.272  1.866   0.958   1.00 12.84 ? 93  GLU C O   1 
ATOM   580  C CB  . GLU A 1 80 ? 18.177  4.315   2.178   1.00 16.78 ? 93  GLU C CB  1 
ATOM   581  C CG  . GLU A 1 80 ? 19.533  4.903   1.825   1.00 21.90 ? 93  GLU C CG  1 
ATOM   582  C CD  . GLU A 1 80 ? 20.384  5.317   3.028   1.00 22.29 ? 93  GLU C CD  1 
ATOM   583  O OE1 . GLU A 1 80 ? 21.420  5.941   2.793   1.00 29.61 ? 93  GLU C OE1 1 
ATOM   584  O OE2 . GLU A 1 80 ? 19.993  5.055   4.175   1.00 24.93 ? 93  GLU C OE2 1 
ATOM   585  N N   . GLU A 1 81 ? 15.203  3.493   2.039   1.00 11.16 ? 94  GLU C N   1 
ATOM   586  C CA  . GLU A 1 81 ? 14.175  2.564   2.565   1.00 10.51 ? 94  GLU C CA  1 
ATOM   587  C C   . GLU A 1 81 ? 13.272  2.064   1.437   1.00 9.59  ? 94  GLU C C   1 
ATOM   588  O O   . GLU A 1 81 ? 13.005  0.851   1.389   1.00 9.17  ? 94  GLU C O   1 
ATOM   589  C CB  . GLU A 1 81 ? 13.372  3.223   3.677   1.00 11.24 ? 94  GLU C CB  1 
ATOM   590  C CG  . GLU A 1 81 ? 14.209  3.344   4.944   1.00 11.84 ? 94  GLU C CG  1 
ATOM   591  C CD  . GLU A 1 81 ? 13.485  3.310   6.279   1.00 14.21 ? 94  GLU C CD  1 
ATOM   592  O OE1 . GLU A 1 81 ? 12.232  3.379   6.269   1.00 14.31 ? 94  GLU C OE1 1 
ATOM   593  O OE2 . GLU A 1 81 ? 14.183  3.215   7.338   1.00 14.00 ? 94  GLU C OE2 1 
ATOM   594  N N   . LEU A 1 82 ? 12.766  2.938   0.564   1.00 9.72  ? 95  LEU C N   1 
ATOM   595  C CA  . LEU A 1 82 ? 11.903  2.453   -0.526  1.00 10.58 ? 95  LEU C CA  1 
ATOM   596  C C   . LEU A 1 82 ? 12.672  1.506   -1.438  1.00 10.48 ? 95  LEU C C   1 
ATOM   597  O O   . LEU A 1 82 ? 12.096  0.524   -1.893  1.00 10.40 ? 95  LEU C O   1 
ATOM   598  C CB  . LEU A 1 82 ? 11.307  3.616   -1.308  1.00 11.29 ? 95  LEU C CB  1 
ATOM   599  C CG  . LEU A 1 82 ? 10.230  4.357   -0.519  1.00 12.80 ? 95  LEU C CG  1 
ATOM   600  C CD1 . LEU A 1 82 ? 9.768   5.580   -1.283  1.00 15.80 ? 95  LEU C CD1 1 
ATOM   601  C CD2 . LEU A 1 82 ? 9.062   3.440   -0.219  1.00 13.12 ? 95  LEU C CD2 1 
ATOM   602  N N   . SER A 1 83 ? 13.952  1.777   -1.713  1.00 12.45 ? 96  SER C N   1 
ATOM   603  C CA  . SER A 1 83 ? 14.800  0.865   -2.516  1.00 13.28 ? 96  SER C CA  1 
ATOM   604  C C   . SER A 1 83 ? 14.858  -0.518  -1.877  1.00 13.84 ? 96  SER C C   1 
ATOM   605  O O   . SER A 1 83 ? 14.759  -1.545  -2.597  1.00 14.82 ? 96  SER C O   1 
ATOM   606  C CB  . SER A 1 83 ? 16.209  1.392   -2.648  1.00 16.12 ? 96  SER C CB  1 
ATOM   607  O OG  . SER A 1 83 ? 16.330  2.071   -3.838  1.00 21.17 ? 96  SER C OG  1 
ATOM   608  N N   . LYS A 1 84 ? 15.062  -0.550  -0.548  1.00 12.94 ? 97  LYS C N   1 
ATOM   609  C CA  . LYS A 1 84 ? 15.143  -1.820  0.213   1.00 14.54 ? 97  LYS C CA  1 
ATOM   610  C C   . LYS A 1 84 ? 13.806  -2.560  0.107   1.00 12.96 ? 97  LYS C C   1 
ATOM   611  O O   . LYS A 1 84 ? 13.751  -3.771  -0.168  1.00 14.61 ? 97  LYS C O   1 
ATOM   612  C CB  . LYS A 1 84 ? 15.485  -1.538  1.677   1.00 16.12 ? 97  LYS C CB  1 
ATOM   613  C CG  . LYS A 1 84 ? 15.727  -2.783  2.505   1.00 21.14 ? 97  LYS C CG  1 
ATOM   614  C CD  . LYS A 1 84 ? 16.651  -3.753  1.817   1.00 24.83 ? 97  LYS C CD  1 
ATOM   615  C CE  . LYS A 1 84 ? 16.494  -5.176  2.305   1.00 32.75 ? 97  LYS C CE  1 
ATOM   616  N NZ  . LYS A 1 84 ? 16.402  -5.210  3.779   1.00 37.20 ? 97  LYS C NZ  1 
ATOM   617  N N   . LEU A 1 85 ? 12.707  -1.839  0.301   1.00 10.62 ? 98  LEU C N   1 
ATOM   618  C CA  . LEU A 1 85 ? 11.369  -2.464  0.313   1.00 11.47 ? 98  LEU C CA  1 
ATOM   619  C C   . LEU A 1 85 ? 10.951  -2.953  -1.074  1.00 11.85 ? 98  LEU C C   1 
ATOM   620  O O   . LEU A 1 85 ? 10.391  -4.078  -1.152  1.00 12.65 ? 98  LEU C O   1 
ATOM   621  C CB  . LEU A 1 85 ? 10.369  -1.431  0.827   1.00 9.91  ? 98  LEU C CB  1 
ATOM   622  C CG  . LEU A 1 85 ? 8.929   -1.968  0.891   1.00 10.03 ? 98  LEU C CG  1 
ATOM   623  C CD1 . LEU A 1 85 ? 8.793   -3.208  1.757   1.00 10.29 ? 98  LEU C CD1 1 
ATOM   624  C CD2 . LEU A 1 85 ? 7.949   -0.926  1.350   1.00 10.72 ? 98  LEU C CD2 1 
ATOM   625  N N   . LEU A 1 86 ? 11.125  -2.113  -2.099  1.00 11.87 ? 99  LEU C N   1 
ATOM   626  C CA  . LEU A 1 86 ? 10.443  -2.291  -3.410  1.00 12.99 ? 99  LEU C CA  1 
ATOM   627  C C   . LEU A 1 86 ? 11.394  -2.864  -4.441  1.00 15.09 ? 99  LEU C C   1 
ATOM   628  O O   . LEU A 1 86 ? 10.857  -3.363  -5.470  1.00 16.09 ? 99  LEU C O   1 
ATOM   629  C CB  . LEU A 1 86 ? 9.878   -0.964  -3.910  1.00 12.58 ? 99  LEU C CB  1 
ATOM   630  C CG  . LEU A 1 86 ? 8.883   -0.276  -2.986  1.00 13.08 ? 99  LEU C CG  1 
ATOM   631  C CD1 . LEU A 1 86 ? 8.478   1.070   -3.586  1.00 13.72 ? 99  LEU C CD1 1 
ATOM   632  C CD2 . LEU A 1 86 ? 7.676   -1.178  -2.757  1.00 14.16 ? 99  LEU C CD2 1 
ATOM   633  N N   . GLY A 1 87 ? 12.698  -2.825  -4.186  1.00 16.47 ? 100 GLY C N   1 
ATOM   634  C CA  . GLY A 1 87 ? 13.716  -3.250  -5.165  1.00 18.63 ? 100 GLY C CA  1 
ATOM   635  C C   . GLY A 1 87 ? 13.912  -2.237  -6.272  1.00 18.67 ? 100 GLY C C   1 
ATOM   636  O O   . GLY A 1 87 ? 13.339  -1.125  -6.212  1.00 18.87 ? 100 GLY C O   1 
ATOM   637  N N   . ASP A 1 88 ? 14.736  -2.581  -7.259  1.00 19.08 ? 101 ASP C N   1 
ATOM   638  C CA  . ASP A 1 88 ? 15.049  -1.654  -8.366  1.00 21.95 ? 101 ASP C CA  1 
ATOM   639  C C   . ASP A 1 88 ? 13.807  -1.616  -9.242  1.00 18.37 ? 101 ASP C C   1 
ATOM   640  O O   . ASP A 1 88 ? 13.149  -2.674  -9.401  1.00 19.50 ? 101 ASP C O   1 
ATOM   641  C CB  . ASP A 1 88 ? 16.273  -2.106  -9.172  1.00 26.33 ? 101 ASP C CB  1 
ATOM   642  C CG  . ASP A 1 88 ? 17.570  -2.010  -8.384  1.00 30.58 ? 101 ASP C CG  1 
ATOM   643  O OD1 . ASP A 1 88 ? 17.642  -1.193  -7.441  1.00 37.00 ? 101 ASP C OD1 1 
ATOM   644  O OD2 . ASP A 1 88 ? 18.480  -2.774  -8.700  1.00 37.99 ? 101 ASP C OD2 1 
ATOM   645  N N   . VAL A 1 89 ? 13.499  -0.456  -9.782  1.00 16.83 ? 102 VAL C N   1 
ATOM   646  C CA  . VAL A 1 89 ? 12.435  -0.297  -10.791 1.00 17.00 ? 102 VAL C CA  1 
ATOM   647  C C   . VAL A 1 89 ? 13.145  -0.443  -12.140 1.00 16.77 ? 102 VAL C C   1 
ATOM   648  O O   . VAL A 1 89 ? 14.142  0.235   -12.329 1.00 17.94 ? 102 VAL C O   1 
ATOM   649  C CB  . VAL A 1 89 ? 11.752  1.065   -10.608 1.00 18.46 ? 102 VAL C CB  1 
ATOM   650  C CG1 . VAL A 1 89 ? 10.678  1.317   -11.629 1.00 20.42 ? 102 VAL C CG1 1 
ATOM   651  C CG2 . VAL A 1 89 ? 11.233  1.200   -9.184  1.00 19.48 ? 102 VAL C CG2 1 
ATOM   652  N N   . THR A 1 90 ? 12.698  -1.360  -12.989 1.00 18.90 ? 103 THR C N   1 
ATOM   653  C CA  . THR A 1 90 ? 13.279  -1.624  -14.329 1.00 20.15 ? 103 THR C CA  1 
ATOM   654  C C   . THR A 1 90 ? 12.364  -1.002  -15.381 1.00 22.19 ? 103 THR C C   1 
ATOM   655  O O   . THR A 1 90 ? 11.138  -1.260  -15.347 1.00 25.58 ? 103 THR C O   1 
ATOM   656  C CB  . THR A 1 90 ? 13.550  -3.116  -14.525 1.00 19.72 ? 103 THR C CB  1 
ATOM   657  O OG1 . THR A 1 90 ? 14.451  -3.520  -13.483 1.00 18.70 ? 103 THR C OG1 1 
ATOM   658  C CG2 . THR A 1 90 ? 14.140  -3.403  -15.889 1.00 19.84 ? 103 THR C CG2 1 
ATOM   659  N N   . ILE A 1 91 ? 12.953  -0.216  -16.287 1.00 25.91 ? 104 ILE C N   1 
ATOM   660  C CA  . ILE A 1 91 ? 12.225  0.431   -17.418 1.00 29.32 ? 104 ILE C CA  1 
ATOM   661  C C   . ILE A 1 91 ? 12.879  0.001   -18.748 1.00 31.38 ? 104 ILE C C   1 
ATOM   662  O O   . ILE A 1 91 ? 14.074  0.233   -18.915 1.00 33.14 ? 104 ILE C O   1 
ATOM   663  C CB  . ILE A 1 91 ? 12.193  1.953   -17.182 1.00 29.02 ? 104 ILE C CB  1 
ATOM   664  C CG1 . ILE A 1 91 ? 11.392  2.249   -15.910 1.00 30.05 ? 104 ILE C CG1 1 
ATOM   665  C CG2 . ILE A 1 91 ? 11.640  2.669   -18.407 1.00 32.31 ? 104 ILE C CG2 1 
ATOM   666  C CD1 . ILE A 1 91 ? 11.616  3.599   -15.328 1.00 31.31 ? 104 ILE C CD1 1 
ATOM   667  N N   . GLU B 2 9  ? -10.384 -6.286  -10.905 1.00 37.96 ? 59  GLU D N   1 
ATOM   668  C CA  . GLU B 2 9  ? -9.976  -5.738  -9.601  1.00 32.03 ? 59  GLU D CA  1 
ATOM   669  C C   . GLU B 2 9  ? -8.493  -5.349  -9.655  1.00 31.15 ? 59  GLU D C   1 
ATOM   670  O O   . GLU B 2 9  ? -7.625  -6.226  -9.774  1.00 32.07 ? 59  GLU D O   1 
ATOM   671  C CB  . GLU B 2 9  ? -10.228 -6.724  -8.457  1.00 36.74 ? 59  GLU D CB  1 
ATOM   672  N N   . THR B 2 10 ? -8.217  -4.048  -9.622  1.00 21.78 ? 60  THR D N   1 
ATOM   673  C CA  . THR B 2 10 ? -6.863  -3.528  -9.323  1.00 16.71 ? 60  THR D CA  1 
ATOM   674  C C   . THR B 2 10 ? -7.005  -2.472  -8.226  1.00 14.09 ? 60  THR D C   1 
ATOM   675  O O   . THR B 2 10 ? -8.160  -2.088  -7.867  1.00 15.75 ? 60  THR D O   1 
ATOM   676  C CB  . THR B 2 10 ? -6.173  -2.926  -10.544 1.00 16.91 ? 60  THR D CB  1 
ATOM   677  O OG1 . THR B 2 10 ? -6.828  -1.693  -10.828 1.00 15.17 ? 60  THR D OG1 1 
ATOM   678  C CG2 . THR B 2 10 ? -6.182  -3.858  -11.733 1.00 19.16 ? 60  THR D CG2 1 
ATOM   679  N N   . TYR B 2 11 ? -5.883  -1.979  -7.724  1.00 9.76  ? 61  TYR D N   1 
ATOM   680  C CA  . TYR B 2 11 ? -5.879  -0.843  -6.802  1.00 9.12  ? 61  TYR D CA  1 
ATOM   681  C C   . TYR B 2 11 ? -5.823  0.492   -7.546  1.00 7.38  ? 61  TYR D C   1 
ATOM   682  O O   . TYR B 2 11 ? -5.745  1.528   -6.879  1.00 6.77  ? 61  TYR D O   1 
ATOM   683  C CB  . TYR B 2 11 ? -4.648  -0.949  -5.921  1.00 8.68  ? 61  TYR D CB  1 
ATOM   684  C CG  . TYR B 2 11 ? -4.603  -2.176  -5.065  1.00 10.13 ? 61  TYR D CG  1 
ATOM   685  C CD1 . TYR B 2 11 ? -5.313  -2.211  -3.884  1.00 11.07 ? 61  TYR D CD1 1 
ATOM   686  C CD2 . TYR B 2 11 ? -3.887  -3.292  -5.422  1.00 10.47 ? 61  TYR D CD2 1 
ATOM   687  C CE1 . TYR B 2 11 ? -5.291  -3.304  -3.041  1.00 12.49 ? 61  TYR D CE1 1 
ATOM   688  C CE2 . TYR B 2 11 ? -3.896  -4.415  -4.608  1.00 11.73 ? 61  TYR D CE2 1 
ATOM   689  C CZ  . TYR B 2 11 ? -4.610  -4.426  -3.436  1.00 12.87 ? 61  TYR D CZ  1 
ATOM   690  O OH  . TYR B 2 11 ? -4.539  -5.519  -2.605  1.00 15.93 ? 61  TYR D OH  1 
ATOM   691  N N   . LYS B 2 12 ? -5.809  0.518   -8.882  1.00 7.28  ? 62  LYS D N   1 
ATOM   692  C CA  . LYS B 2 12 ? -5.448  1.752   -9.625  1.00 7.03  ? 62  LYS D CA  1 
ATOM   693  C C   . LYS B 2 12 ? -6.361  2.954   -9.290  1.00 7.04  ? 62  LYS D C   1 
ATOM   694  O O   . LYS B 2 12 ? -5.825  4.050   -9.111  1.00 6.27  ? 62  LYS D O   1 
ATOM   695  C CB  . LYS B 2 12 ? -5.397  1.447   -11.110 1.00 7.45  ? 62  LYS D CB  1 
ATOM   696  C CG  . LYS B 2 12 ? -4.254  0.507   -11.468 1.00 7.69  ? 62  LYS D CG  1 
ATOM   697  C CD  . LYS B 2 12 ? -4.244  0.174   -12.938 1.00 8.66  ? 62  LYS D CD  1 
ATOM   698  C CE  . LYS B 2 12 ? -3.178  -0.834  -13.311 1.00 9.14  ? 62  LYS D CE  1 
ATOM   699  N NZ  . LYS B 2 12 ? -3.033  -1.015  -14.786 1.00 10.51 ? 62  LYS D NZ  1 
ATOM   700  N N   . ILE B 2 13 ? -7.686  2.782   -9.197  1.00 7.44  ? 63  ILE D N   1 
ATOM   701  C CA  . ILE B 2 13 ? -8.543  3.983   -8.936  1.00 7.09  ? 63  ILE D CA  1 
ATOM   702  C C   . ILE B 2 13 ? -8.148  4.557   -7.572  1.00 6.54  ? 63  ILE D C   1 
ATOM   703  O O   . ILE B 2 13 ? -8.163  5.774   -7.375  1.00 6.04  ? 63  ILE D O   1 
ATOM   704  C CB  . ILE B 2 13 ? -10.035 3.621   -9.045  1.00 7.91  ? 63  ILE D CB  1 
ATOM   705  C CG1 . ILE B 2 13 ? -10.896 4.840   -8.796  1.00 8.61  ? 63  ILE D CG1 1 
ATOM   706  C CG2 . ILE B 2 13 ? -10.447 2.538   -8.073  1.00 8.76  ? 63  ILE D CG2 1 
ATOM   707  C CD1 . ILE B 2 13 ? -10.579 6.010   -9.705  1.00 10.26 ? 63  ILE D CD1 1 
ATOM   708  N N   . TYR B 2 14 ? -7.846  3.695   -6.605  1.00 6.32  ? 64  TYR D N   1 
ATOM   709  C CA  . TYR B 2 14 ? -7.491  4.113   -5.230  1.00 5.98  ? 64  TYR D CA  1 
ATOM   710  C C   . TYR B 2 14 ? -6.132  4.789   -5.208  1.00 6.09  ? 64  TYR D C   1 
ATOM   711  O O   . TYR B 2 14 ? -5.956  5.781   -4.495  1.00 6.66  ? 64  TYR D O   1 
ATOM   712  C CB  . TYR B 2 14 ? -7.611  2.924   -4.264  1.00 6.36  ? 64  TYR D CB  1 
ATOM   713  C CG  . TYR B 2 14 ? -8.955  2.241   -4.390  1.00 6.64  ? 64  TYR D CG  1 
ATOM   714  C CD1 . TYR B 2 14 ? -10.087 2.829   -3.867  1.00 7.47  ? 64  TYR D CD1 1 
ATOM   715  C CD2 . TYR B 2 14 ? -9.116  1.065   -5.112  1.00 7.22  ? 64  TYR D CD2 1 
ATOM   716  C CE1 . TYR B 2 14 ? -11.343 2.247   -4.013  1.00 7.43  ? 64  TYR D CE1 1 
ATOM   717  C CE2 . TYR B 2 14 ? -10.355 0.473   -5.263  1.00 7.91  ? 64  TYR D CE2 1 
ATOM   718  C CZ  . TYR B 2 14 ? -11.469 1.073   -4.711  1.00 8.13  ? 64  TYR D CZ  1 
ATOM   719  O OH  . TYR B 2 14 ? -12.697 0.476   -4.841  1.00 10.24 ? 64  TYR D OH  1 
ATOM   720  N N   . ILE B 2 15 ? -5.170  4.241   -5.923  1.00 6.25  ? 65  ILE D N   1 
ATOM   721  C CA  . ILE B 2 15 ? -3.860  4.906   -6.105  1.00 6.61  ? 65  ILE D CA  1 
ATOM   722  C C   . ILE B 2 15 ? -4.106  6.316   -6.638  1.00 6.13  ? 65  ILE D C   1 
ATOM   723  O O   . ILE B 2 15 ? -3.415  7.237   -6.237  1.00 6.23  ? 65  ILE D O   1 
ATOM   724  C CB  . ILE B 2 15 ? -2.934  4.031   -6.957  1.00 7.34  ? 65  ILE D CB  1 
ATOM   725  C CG1 . ILE B 2 15 ? -2.656  2.731   -6.201  1.00 7.65  ? 65  ILE D CG1 1 
ATOM   726  C CG2 . ILE B 2 15 ? -1.638  4.758   -7.329  1.00 7.43  ? 65  ILE D CG2 1 
ATOM   727  C CD1 . ILE B 2 15 ? -2.081  1.627   -7.086  1.00 7.40  ? 65  ILE D CD1 1 
ATOM   728  N N   . PHE B 2 16 ? -4.957  6.425   -7.646  1.00 6.24  ? 66  PHE D N   1 
ATOM   729  C CA  . PHE B 2 16 ? -5.200  7.711   -8.314  1.00 6.89  ? 66  PHE D CA  1 
ATOM   730  C C   . PHE B 2 16 ? -5.776  8.686   -7.297  1.00 6.81  ? 66  PHE D C   1 
ATOM   731  O O   . PHE B 2 16 ? -5.359  9.851   -7.246  1.00 6.49  ? 66  PHE D O   1 
ATOM   732  C CB  . PHE B 2 16 ? -6.136  7.515   -9.508  1.00 7.51  ? 66  PHE D CB  1 
ATOM   733  C CG  . PHE B 2 16 ? -6.352  8.792   -10.278 1.00 8.55  ? 66  PHE D CG  1 
ATOM   734  C CD1 . PHE B 2 16 ? -5.443  9.173   -11.258 1.00 10.24 ? 66  PHE D CD1 1 
ATOM   735  C CD2 . PHE B 2 16 ? -7.376  9.675   -9.943  1.00 9.20  ? 66  PHE D CD2 1 
ATOM   736  C CE1 . PHE B 2 16 ? -5.624  10.363  -11.943 1.00 11.38 ? 66  PHE D CE1 1 
ATOM   737  C CE2 . PHE B 2 16 ? -7.560  10.850  -10.659 1.00 9.80  ? 66  PHE D CE2 1 
ATOM   738  C CZ  . PHE B 2 16 ? -6.683  11.181  -11.657 1.00 9.77  ? 66  PHE D CZ  1 
ATOM   739  N N   . LYS B 2 17 ? -6.738  8.235   -6.472  1.00 6.64  ? 67  LYS D N   1 
ATOM   740  C CA  . LYS B 2 17 ? -7.351  9.127   -5.456  1.00 7.14  ? 67  LYS D CA  1 
ATOM   741  C C   . LYS B 2 17 ? -6.241  9.580   -4.495  1.00 6.65  ? 67  LYS D C   1 
ATOM   742  O O   . LYS B 2 17 ? -6.207  10.783  -4.129  1.00 7.06  ? 67  LYS D O   1 
ATOM   743  C CB  . LYS B 2 17 ? -8.495  8.446   -4.720  1.00 6.97  ? 67  LYS D CB  1 
ATOM   744  C CG  . LYS B 2 17 ? -9.752  8.268   -5.558  1.00 7.43  ? 67  LYS D CG  1 
ATOM   745  C CD  . LYS B 2 17 ? -10.742 7.385   -4.844  1.00 8.38  ? 67  LYS D CD  1 
ATOM   746  C CE  . LYS B 2 17 ? -12.047 7.220   -5.598  1.00 8.58  ? 67  LYS D CE  1 
ATOM   747  N NZ  . LYS B 2 17 ? -12.805 8.502   -5.665  1.00 8.95  ? 67  LYS D NZ  1 
ATOM   748  N N   . VAL B 2 18 ? -5.342  8.680   -4.094  1.00 6.88  ? 68  VAL D N   1 
ATOM   749  C CA  . VAL B 2 18 ? -4.243  9.086   -3.173  1.00 6.67  ? 68  VAL D CA  1 
ATOM   750  C C   . VAL B 2 18 ? -3.311  10.066  -3.908  1.00 6.64  ? 68  VAL D C   1 
ATOM   751  O O   . VAL B 2 18 ? -2.834  11.042  -3.297  1.00 6.79  ? 68  VAL D O   1 
ATOM   752  C CB  . VAL B 2 18 ? -3.528  7.848   -2.629  1.00 6.48  ? 68  VAL D CB  1 
ATOM   753  C CG1 . VAL B 2 18 ? -2.268  8.238   -1.837  1.00 6.37  ? 68  VAL D CG1 1 
ATOM   754  C CG2 . VAL B 2 18 ? -4.433  6.991   -1.809  1.00 7.20  ? 68  VAL D CG2 1 
ATOM   755  N N   . LEU B 2 19 ? -2.985  9.812   -5.169  1.00 6.53  ? 69  LEU D N   1 
ATOM   756  C CA  . LEU B 2 19 ? -2.128  10.721  -5.960  1.00 7.28  ? 69  LEU D CA  1 
ATOM   757  C C   . LEU B 2 19 ? -2.697  12.142  -5.907  1.00 7.31  ? 69  LEU D C   1 
ATOM   758  O O   . LEU B 2 19 ? -1.960  13.099  -5.630  1.00 6.87  ? 69  LEU D O   1 
ATOM   759  C CB  . LEU B 2 19 ? -2.035  10.261  -7.416  1.00 7.45  ? 69  LEU D CB  1 
ATOM   760  C CG  . LEU B 2 19 ? -1.355  11.260  -8.349  1.00 8.12  ? 69  LEU D CG  1 
ATOM   761  C CD1 . LEU B 2 19 ? 0.062   11.617  -7.868  1.00 9.16  ? 69  LEU D CD1 1 
ATOM   762  C CD2 . LEU B 2 19 ? -1.377  10.686  -9.763  1.00 8.29  ? 69  LEU D CD2 1 
ATOM   763  N N   . LYS B 2 20 ? -3.996  12.268  -6.128  1.00 8.33  ? 70  LYS D N   1 
ATOM   764  C CA  . LYS B 2 20 ? -4.587  13.619  -6.174  1.00 9.22  ? 70  LYS D CA  1 
ATOM   765  C C   . LYS B 2 20 ? -4.595  14.254  -4.777  1.00 9.28  ? 70  LYS D C   1 
ATOM   766  O O   . LYS B 2 20 ? -4.558  15.495  -4.705  1.00 9.95  ? 70  LYS D O   1 
ATOM   767  C CB  . LYS B 2 20 ? -5.957  13.557  -6.843  1.00 11.05 ? 70  LYS D CB  1 
ATOM   768  C CG  . LYS B 2 20 ? -5.871  13.231  -8.321  1.00 12.93 ? 70  LYS D CG  1 
ATOM   769  C CD  . LYS B 2 20 ? -4.781  13.954  -9.102  1.00 16.08 ? 70  LYS D CD  1 
ATOM   770  C CE  . LYS B 2 20 ? -5.097  14.163  -10.552 1.00 21.37 ? 70  LYS D CE  1 
ATOM   771  N NZ  . LYS B 2 20 ? -4.123  15.102  -11.142 1.00 24.56 ? 70  LYS D NZ  1 
ATOM   772  N N   . GLN B 2 21 ? -4.596  13.493  -3.703  1.00 9.77  ? 71  GLN D N   1 
ATOM   773  C CA  . GLN B 2 21 ? -4.454  14.040  -2.340  1.00 11.03 ? 71  GLN D CA  1 
ATOM   774  C C   . GLN B 2 21 ? -3.042  14.590  -2.146  1.00 10.68 ? 71  GLN D C   1 
ATOM   775  O O   . GLN B 2 21 ? -2.892  15.712  -1.622  1.00 9.12  ? 71  GLN D O   1 
ATOM   776  C CB  . GLN B 2 21 ? -4.780  12.913  -1.382  1.00 15.00 ? 71  GLN D CB  1 
ATOM   777  C CG  . GLN B 2 21 ? -4.756  13.304  0.051   1.00 19.54 ? 71  GLN D CG  1 
ATOM   778  C CD  . GLN B 2 21 ? -5.352  12.172  0.855   1.00 23.33 ? 71  GLN D CD  1 
ATOM   779  O OE1 . GLN B 2 21 ? -5.636  11.039  0.338   1.00 19.38 ? 71  GLN D OE1 1 
ATOM   780  N NE2 . GLN B 2 21 ? -5.561  12.522  2.115   1.00 25.86 ? 71  GLN D NE2 1 
ATOM   781  N N   . VAL B 2 22 ? -2.030  13.841  -2.532  1.00 8.73  ? 72  VAL D N   1 
ATOM   782  C CA  . VAL B 2 22 ? -0.631  14.270  -2.242  1.00 9.39  ? 72  VAL D CA  1 
ATOM   783  C C   . VAL B 2 22 ? -0.114  15.259  -3.304  1.00 9.55  ? 72  VAL D C   1 
ATOM   784  O O   . VAL B 2 22 ? 0.772   16.080  -2.994  1.00 9.69  ? 72  VAL D O   1 
ATOM   785  C CB  . VAL B 2 22 ? 0.310   13.074  -2.031  1.00 11.57 ? 72  VAL D CB  1 
ATOM   786  C CG1 . VAL B 2 22 ? -0.084  12.183  -0.859  1.00 11.81 ? 72  VAL D CG1 1 
ATOM   787  C CG2 . VAL B 2 22 ? 0.453   12.246  -3.261  1.00 11.03 ? 72  VAL D CG2 1 
ATOM   788  N N   . HIS B 2 23 ? -0.606  15.199  -4.541  1.00 8.69  ? 73  HIS D N   1 
ATOM   789  C CA  . HIS B 2 23 ? -0.197  16.109  -5.638  1.00 9.00  ? 73  HIS D CA  1 
ATOM   790  C C   . HIS B 2 23 ? -1.406  16.472  -6.485  1.00 9.73  ? 73  HIS D C   1 
ATOM   791  O O   . HIS B 2 23 ? -1.650  15.873  -7.521  1.00 9.48  ? 73  HIS D O   1 
ATOM   792  C CB  . HIS B 2 23 ? 0.878   15.433  -6.485  1.00 9.33  ? 73  HIS D CB  1 
ATOM   793  C CG  . HIS B 2 23 ? 2.202   15.352  -5.848  1.00 8.97  ? 73  HIS D CG  1 
ATOM   794  N ND1 . HIS B 2 23 ? 2.949   16.467  -5.563  1.00 10.22 ? 73  HIS D ND1 1 
ATOM   795  C CD2 . HIS B 2 23 ? 2.969   14.285  -5.579  1.00 9.51  ? 73  HIS D CD2 1 
ATOM   796  C CE1 . HIS B 2 23 ? 4.076   16.067  -5.035  1.00 10.36 ? 73  HIS D CE1 1 
ATOM   797  N NE2 . HIS B 2 23 ? 4.120   14.731  -5.070  1.00 9.92  ? 73  HIS D NE2 1 
ATOM   798  N N   . PRO B 2 24 ? -2.259  17.401  -5.996  1.00 10.67 ? 74  PRO D N   1 
ATOM   799  C CA  . PRO B 2 24 ? -3.497  17.763  -6.693  1.00 11.52 ? 74  PRO D CA  1 
ATOM   800  C C   . PRO B 2 24 ? -3.328  18.049  -8.199  1.00 13.51 ? 74  PRO D C   1 
ATOM   801  O O   . PRO B 2 24 ? -4.236  17.704  -8.966  1.00 15.51 ? 74  PRO D O   1 
ATOM   802  C CB  . PRO B 2 24 ? -3.982  18.946  -5.845  1.00 11.72 ? 74  PRO D CB  1 
ATOM   803  C CG  . PRO B 2 24 ? -3.503  18.631  -4.461  1.00 13.00 ? 74  PRO D CG  1 
ATOM   804  C CD  . PRO B 2 24 ? -2.140  18.020  -4.673  1.00 10.99 ? 74  PRO D CD  1 
ATOM   805  N N   . ASP B 2 25 ? -2.203  18.621  -8.604  1.00 14.13 ? 75  ASP D N   1 
ATOM   806  C CA  . ASP B 2 25 ? -2.046  19.097  -10.006 1.00 16.62 ? 75  ASP D CA  1 
ATOM   807  C C   . ASP B 2 25 ? -1.083  18.203  -10.788 1.00 16.40 ? 75  ASP D C   1 
ATOM   808  O O   . ASP B 2 25 ? -0.559  18.644  -11.803 1.00 18.20 ? 75  ASP D O   1 
ATOM   809  C CB  . ASP B 2 25 ? -1.583  20.559  -10.043 1.00 20.51 ? 75  ASP D CB  1 
ATOM   810  C CG  . ASP B 2 25 ? -2.484  21.542  -9.298  1.00 28.77 ? 75  ASP D CG  1 
ATOM   811  O OD1 . ASP B 2 25 ? -3.680  21.242  -9.120  1.00 32.49 ? 75  ASP D OD1 1 
ATOM   812  O OD2 . ASP B 2 25 ? -1.963  22.619  -8.853  1.00 34.73 ? 75  ASP D OD2 1 
ATOM   813  N N   . ILE B 2 26 ? -0.793  16.986  -10.328 1.00 13.36 ? 76  ILE D N   1 
ATOM   814  C CA  . ILE B 2 26 ? 0.151   16.099  -11.064 1.00 12.34 ? 76  ILE D CA  1 
ATOM   815  C C   . ILE B 2 26 ? -0.618  14.852  -11.488 1.00 11.87 ? 76  ILE D C   1 
ATOM   816  O O   . ILE B 2 26 ? -1.356  14.287  -10.654 1.00 12.71 ? 76  ILE D O   1 
ATOM   817  C CB  . ILE B 2 26 ? 1.378   15.752  -10.195 1.00 13.95 ? 76  ILE D CB  1 
ATOM   818  C CG1 . ILE B 2 26 ? 2.165   17.010  -9.827  1.00 15.52 ? 76  ILE D CG1 1 
ATOM   819  C CG2 . ILE B 2 26 ? 2.267   14.727  -10.875 1.00 12.88 ? 76  ILE D CG2 1 
ATOM   820  C CD1 . ILE B 2 26 ? 3.410   16.704  -9.040  1.00 19.44 ? 76  ILE D CD1 1 
ATOM   821  N N   . GLY B 2 27 ? -0.473  14.457  -12.747 1.00 10.97 ? 77  GLY D N   1 
ATOM   822  C CA  . GLY B 2 27 ? -1.138  13.289  -13.343 1.00 10.09 ? 77  GLY D CA  1 
ATOM   823  C C   . GLY B 2 27 ? -0.236  12.078  -13.307 1.00 8.88  ? 77  GLY D C   1 
ATOM   824  O O   . GLY B 2 27 ? 0.842   12.097  -12.629 1.00 8.64  ? 77  GLY D O   1 
ATOM   825  N N   . ILE B 2 28 ? -0.616  11.026  -14.006 1.00 8.84  ? 78  ILE D N   1 
ATOM   826  C CA  . ILE B 2 28 ? 0.205   9.793   -14.025 1.00 8.61  ? 78  ILE D CA  1 
ATOM   827  C C   . ILE B 2 28 ? -0.005  9.090   -15.354 1.00 8.48  ? 78  ILE D C   1 
ATOM   828  O O   . ILE B 2 28 ? -1.156  9.009   -15.831 1.00 10.16 ? 78  ILE D O   1 
ATOM   829  C CB  . ILE B 2 28 ? -0.089  8.906   -12.783 1.00 8.39  ? 78  ILE D CB  1 
ATOM   830  C CG1 . ILE B 2 28 ? 0.878   7.724   -12.693 1.00 8.73  ? 78  ILE D CG1 1 
ATOM   831  C CG2 . ILE B 2 28 ? -1.554  8.461   -12.726 1.00 9.09  ? 78  ILE D CG2 1 
ATOM   832  C CD1 . ILE B 2 28 ? 0.960   7.064   -11.358 1.00 8.62  ? 78  ILE D CD1 1 
ATOM   833  N N   . SER B 2 29 ? 1.052   8.551   -15.913 1.00 7.64  ? 79  SER D N   1 
ATOM   834  C CA  . SER B 2 29 ? 0.955   7.766   -17.159 1.00 8.20  ? 79  SER D CA  1 
ATOM   835  C C   . SER B 2 29 ? 0.402   6.365   -16.889 1.00 8.46  ? 79  SER D C   1 
ATOM   836  O O   . SER B 2 29 ? 0.471   5.852   -15.790 1.00 7.46  ? 79  SER D O   1 
ATOM   837  C CB  . SER B 2 29 ? 2.280   7.721   -17.860 1.00 8.73  ? 79  SER D CB  1 
ATOM   838  O OG  . SER B 2 29 ? 3.128   6.720   -17.345 1.00 9.22  ? 79  SER D OG  1 
ATOM   839  N N   . SER B 2 30 ? -0.122  5.695   -17.925 1.00 9.07  ? 80  SER D N   1 
ATOM   840  C CA  . SER B 2 30 ? -0.636  4.324   -17.804 1.00 9.21  ? 80  SER D CA  1 
ATOM   841  C C   . SER B 2 30 ? 0.443   3.375   -17.250 1.00 8.74  ? 80  SER D C   1 
ATOM   842  O O   . SER B 2 30 ? 0.154   2.590   -16.325 1.00 8.11  ? 80  SER D O   1 
ATOM   843  C CB  . SER B 2 30 ? -1.137  3.901   -19.185 1.00 10.86 ? 80  SER D CB  1 
ATOM   844  O OG  . SER B 2 30 ? -1.586  2.565   -19.112 1.00 14.07 ? 80  SER D OG  1 
ATOM   845  N N   . LYS B 2 31 ? 1.640   3.376   -17.835 1.00 9.48  ? 81  LYS D N   1 
ATOM   846  C CA  . LYS B 2 31 ? 2.713   2.466   -17.398 1.00 10.40 ? 81  LYS D CA  1 
ATOM   847  C C   . LYS B 2 31 ? 3.123   2.835   -15.969 1.00 8.25  ? 81  LYS D C   1 
ATOM   848  O O   . LYS B 2 31 ? 3.408   1.924   -15.207 1.00 8.07  ? 81  LYS D O   1 
ATOM   849  C CB  . LYS B 2 31 ? 3.920   2.444   -18.333 1.00 12.32 ? 81  LYS D CB  1 
ATOM   850  C CG  . LYS B 2 31 ? 4.975   1.428   -17.880 1.00 15.73 ? 81  LYS D CG  1 
ATOM   851  C CD  . LYS B 2 31 ? 4.471   -0.004  -17.515 1.00 19.26 ? 81  LYS D CD  1 
ATOM   852  C CE  . LYS B 2 31 ? 5.572   -1.043  -17.530 1.00 21.67 ? 81  LYS D CE  1 
ATOM   853  N NZ  . LYS B 2 31 ? 5.094   -2.401  -17.139 1.00 23.42 ? 81  LYS D NZ  1 
ATOM   854  N N   . ALA B 2 32 ? 3.126   4.115   -15.591 1.00 7.97  ? 82  ALA D N   1 
ATOM   855  C CA  . ALA B 2 32 ? 3.531   4.466   -14.204 1.00 7.92  ? 82  ALA D CA  1 
ATOM   856  C C   . ALA B 2 32 ? 2.496   3.902   -13.238 1.00 7.88  ? 82  ALA D C   1 
ATOM   857  O O   . ALA B 2 32 ? 2.844   3.463   -12.144 1.00 6.88  ? 82  ALA D O   1 
ATOM   858  C CB  . ALA B 2 32 ? 3.716   5.947   -14.036 1.00 7.76  ? 82  ALA D CB  1 
ATOM   859  N N   . MET B 2 33 ? 1.221   3.985   -13.614 1.00 7.48  ? 83  MET D N   1 
ATOM   860  C CA  . MET B 2 33 ? 0.139   3.487   -12.757 1.00 6.75  ? 83  MET D CA  1 
ATOM   861  C C   . MET B 2 33 ? 0.255   1.973   -12.670 1.00 7.09  ? 83  MET D C   1 
ATOM   862  O O   . MET B 2 33 ? 0.059   1.404   -11.594 1.00 6.71  ? 83  MET D O   1 
ATOM   863  C CB  . MET B 2 33 ? -1.227  3.925   -13.291 1.00 7.10  ? 83  MET D CB  1 
ATOM   864  C CG  . MET B 2 33 ? -2.312  3.338   -12.479 1.00 6.96  ? 83  MET D CG  1 
ATOM   865  S SD  . MET B 2 33 ? -2.311  3.801   -10.698 1.00 7.41  ? 83  MET D SD  1 
ATOM   866  C CE  . MET B 2 33 ? -3.217  5.341   -10.809 1.00 7.39  ? 83  MET D CE  1 
ATOM   867  N N   . GLY B 2 34 ? 0.672   1.305   -13.742 1.00 6.50  ? 84  GLY D N   1 
ATOM   868  C CA  . GLY B 2 34 ? 0.942   -0.140  -13.676 1.00 7.02  ? 84  GLY D CA  1 
ATOM   869  C C   . GLY B 2 34 ? 2.017   -0.471  -12.662 1.00 7.20  ? 84  GLY D C   1 
ATOM   870  O O   . GLY B 2 34 ? 1.823   -1.434  -11.892 1.00 6.99  ? 84  GLY D O   1 
ATOM   871  N N   . ILE B 2 35 ? 3.082   0.301   -12.645 1.00 7.35  ? 85  ILE D N   1 
ATOM   872  C CA  . ILE B 2 35 ? 4.225   0.098   -11.703 1.00 7.33  ? 85  ILE D CA  1 
ATOM   873  C C   . ILE B 2 35 ? 3.690   0.296   -10.287 1.00 7.49  ? 85  ILE D C   1 
ATOM   874  O O   . ILE B 2 35 ? 3.986   -0.509  -9.398  1.00 7.86  ? 85  ILE D O   1 
ATOM   875  C CB  . ILE B 2 35 ? 5.394   1.021   -12.058 1.00 8.19  ? 85  ILE D CB  1 
ATOM   876  C CG1 . ILE B 2 35 ? 6.070   0.546   -13.335 1.00 8.51  ? 85  ILE D CG1 1 
ATOM   877  C CG2 . ILE B 2 35 ? 6.355   1.157   -10.930 1.00 8.58  ? 85  ILE D CG2 1 
ATOM   878  C CD1 . ILE B 2 35 ? 7.033   1.539   -13.911 1.00 8.61  ? 85  ILE D CD1 1 
ATOM   879  N N   . MET B 2 36 ? 2.910   1.360   -10.070 1.00 6.95  ? 86  MET D N   1 
ATOM   880  C CA  . MET B 2 36 ? 2.337   1.601   -8.720  1.00 7.47  ? 86  MET D CA  1 
ATOM   881  C C   . MET B 2 36 ? 1.479   0.428   -8.276  1.00 6.73  ? 86  MET D C   1 
ATOM   882  O O   . MET B 2 36 ? 1.578   -0.025  -7.153  1.00 7.53  ? 86  MET D O   1 
ATOM   883  C CB  . MET B 2 36 ? 1.504   2.881   -8.717  1.00 7.33  ? 86  MET D CB  1 
ATOM   884  C CG  . MET B 2 36 ? 2.312   4.137   -8.902  1.00 7.21  ? 86  MET D CG  1 
ATOM   885  S SD  . MET B 2 36 ? 3.583   4.407   -7.556  1.00 8.12  ? 86  MET D SD  1 
ATOM   886  C CE  . MET B 2 36 ? 2.588   4.187   -6.100  1.00 8.89  ? 86  MET D CE  1 
ATOM   887  N N   . ASN B 2 37 ? 0.574   -0.021  -9.129  1.00 6.85  ? 87  ASN D N   1 
ATOM   888  C CA  . ASN B 2 37 ? -0.329  -1.141  -8.808  1.00 7.01  ? 87  ASN D CA  1 
ATOM   889  C C   . ASN B 2 37 ? 0.501   -2.397  -8.483  1.00 7.18  ? 87  ASN D C   1 
ATOM   890  O O   . ASN B 2 37 ? 0.160   -3.106  -7.518  1.00 7.38  ? 87  ASN D O   1 
ATOM   891  C CB  . ASN B 2 37 ? -1.335  -1.343  -9.934  1.00 7.44  ? 87  ASN D CB  1 
ATOM   892  C CG  . ASN B 2 37 ? -2.377  -2.363  -9.570  1.00 8.33  ? 87  ASN D CG  1 
ATOM   893  O OD1 . ASN B 2 37 ? -3.169  -2.127  -8.665  1.00 8.94  ? 87  ASN D OD1 1 
ATOM   894  N ND2 . ASN B 2 37 ? -2.396  -3.452  -10.321 1.00 10.53 ? 87  ASN D ND2 1 
ATOM   895  N N   . SER B 2 38 ? 1.579   -2.611  -9.212  1.00 7.61  ? 88  SER D N   1 
ATOM   896  C CA  . SER B 2 38 ? 2.442   -3.793  -8.968  1.00 8.18  ? 88  SER D CA  1 
ATOM   897  C C   . SER B 2 38 ? 3.115   -3.639  -7.605  1.00 7.79  ? 88  SER D C   1 
ATOM   898  O O   . SER B 2 38 ? 3.236   -4.663  -6.888  1.00 8.67  ? 88  SER D O   1 
ATOM   899  C CB  . SER B 2 38 ? 3.407   -4.032  -10.085 1.00 9.60  ? 88  SER D CB  1 
ATOM   900  O OG  . SER B 2 38 ? 2.677   -4.447  -11.238 1.00 11.70 ? 88  SER D OG  1 
ATOM   901  N N   . PHE B 2 39 ? 3.532   -2.452  -7.200  1.00 7.40  ? 89  PHE D N   1 
ATOM   902  C CA  . PHE B 2 39 ? 4.141   -2.304  -5.858  1.00 7.71  ? 89  PHE D CA  1 
ATOM   903  C C   . PHE B 2 39 ? 3.122   -2.747  -4.817  1.00 7.99  ? 89  PHE D C   1 
ATOM   904  O O   . PHE B 2 39 ? 3.476   -3.425  -3.860  1.00 7.66  ? 89  PHE D O   1 
ATOM   905  C CB  . PHE B 2 39 ? 4.528   -0.871  -5.500  1.00 8.21  ? 89  PHE D CB  1 
ATOM   906  C CG  . PHE B 2 39 ? 5.662   -0.281  -6.289  1.00 8.79  ? 89  PHE D CG  1 
ATOM   907  C CD1 . PHE B 2 39 ? 6.762   -1.032  -6.648  1.00 10.38 ? 89  PHE D CD1 1 
ATOM   908  C CD2 . PHE B 2 39 ? 5.659   1.071   -6.586  1.00 8.74  ? 89  PHE D CD2 1 
ATOM   909  C CE1 . PHE B 2 39 ? 7.832   -0.409  -7.263  1.00 10.59 ? 89  PHE D CE1 1 
ATOM   910  C CE2 . PHE B 2 39 ? 6.744   1.695   -7.179  1.00 9.32  ? 89  PHE D CE2 1 
ATOM   911  C CZ  . PHE B 2 39 ? 7.810   0.929   -7.551  1.00 9.90  ? 89  PHE D CZ  1 
ATOM   912  N N   . ILE B 2 40 ? 1.880   -2.265  -4.929  1.00 7.36  ? 90  ILE D N   1 
ATOM   913  C CA  . ILE B 2 40 ? 0.837   -2.595  -3.918  1.00 7.55  ? 90  ILE D CA  1 
ATOM   914  C C   . ILE B 2 40 ? 0.576   -4.098  -3.878  1.00 8.37  ? 90  ILE D C   1 
ATOM   915  O O   . ILE B 2 40 ? 0.531   -4.674  -2.797  1.00 8.53  ? 90  ILE D O   1 
ATOM   916  C CB  . ILE B 2 40 ? -0.455  -1.782  -4.127  1.00 7.92  ? 90  ILE D CB  1 
ATOM   917  C CG1 . ILE B 2 40 ? -0.174  -0.288  -4.171  1.00 8.09  ? 90  ILE D CG1 1 
ATOM   918  C CG2 . ILE B 2 40 ? -1.443  -2.149  -3.044  1.00 8.01  ? 90  ILE D CG2 1 
ATOM   919  C CD1 . ILE B 2 40 ? 0.638   0.266   -3.038  1.00 8.67  ? 90  ILE D CD1 1 
ATOM   920  N N   . ASN B 2 41 ? 0.443   -4.754  -5.023  1.00 8.28  ? 91  ASN D N   1 
ATOM   921  C CA  . ASN B 2 41 ? 0.334   -6.233  -5.047  1.00 9.05  ? 91  ASN D CA  1 
ATOM   922  C C   . ASN B 2 41 ? 1.541   -6.890  -4.392  1.00 9.28  ? 91  ASN D C   1 
ATOM   923  O O   . ASN B 2 41 ? 1.350   -7.848  -3.644  1.00 9.17  ? 91  ASN D O   1 
ATOM   924  C CB  . ASN B 2 41 ? 0.129   -6.680  -6.481  1.00 9.51  ? 91  ASN D CB  1 
ATOM   925  C CG  . ASN B 2 41 ? -1.245  -6.357  -7.001  1.00 12.52 ? 91  ASN D CG  1 
ATOM   926  O OD1 . ASN B 2 41 ? -2.226  -6.638  -6.355  1.00 18.12 ? 91  ASN D OD1 1 
ATOM   927  N ND2 . ASN B 2 41 ? -1.320  -5.959  -8.265  1.00 16.22 ? 91  ASN D ND2 1 
ATOM   928  N N   . ASP B 2 42 ? 2.745   -6.440  -4.704  1.00 9.00  ? 92  ASP D N   1 
ATOM   929  C CA  . ASP B 2 42 ? 3.978   -7.064  -4.178  1.00 10.64 ? 92  ASP D CA  1 
ATOM   930  C C   . ASP B 2 42 ? 4.013   -6.925  -2.654  1.00 9.55  ? 92  ASP D C   1 
ATOM   931  O O   . ASP B 2 42 ? 4.355   -7.924  -1.956  1.00 10.29 ? 92  ASP D O   1 
ATOM   932  C CB  . ASP B 2 42 ? 5.227   -6.428  -4.763  1.00 14.21 ? 92  ASP D CB  1 
ATOM   933  C CG  . ASP B 2 42 ? 5.518   -6.768  -6.219  1.00 19.72 ? 92  ASP D CG  1 
ATOM   934  O OD1 . ASP B 2 42 ? 4.925   -7.751  -6.759  1.00 22.70 ? 92  ASP D OD1 1 
ATOM   935  O OD2 . ASP B 2 42 ? 6.368   -6.026  -6.785  1.00 27.45 ? 92  ASP D OD2 1 
ATOM   936  N N   . ILE B 2 43 ? 3.711   -5.746  -2.128  1.00 8.83  ? 93  ILE D N   1 
ATOM   937  C CA  . ILE B 2 43 ? 3.765   -5.564  -0.654  1.00 9.64  ? 93  ILE D CA  1 
ATOM   938  C C   . ILE B 2 43 ? 2.615   -6.284  0.021   1.00 9.15  ? 93  ILE D C   1 
ATOM   939  O O   . ILE B 2 43 ? 2.832   -6.857  1.095   1.00 8.26  ? 93  ILE D O   1 
ATOM   940  C CB  . ILE B 2 43 ? 3.820   -4.066  -0.311  1.00 11.80 ? 93  ILE D CB  1 
ATOM   941  C CG1 . ILE B 2 43 ? 5.074   -3.444  -0.951  1.00 14.90 ? 93  ILE D CG1 1 
ATOM   942  C CG2 . ILE B 2 43 ? 3.783   -3.865  1.196   1.00 12.89 ? 93  ILE D CG2 1 
ATOM   943  C CD1 . ILE B 2 43 ? 6.331   -4.283  -0.723  1.00 18.57 ? 93  ILE D CD1 1 
ATOM   944  N N   . PHE B 2 44 ? 1.440   -6.291  -0.582  1.00 8.30  ? 94  PHE D N   1 
ATOM   945  C CA  . PHE B 2 44 ? 0.308   -7.080  -0.067  1.00 9.27  ? 94  PHE D CA  1 
ATOM   946  C C   . PHE B 2 44 ? 0.784   -8.521  0.142   1.00 9.74  ? 94  PHE D C   1 
ATOM   947  O O   . PHE B 2 44 ? 0.561   -9.082  1.252   1.00 9.51  ? 94  PHE D O   1 
ATOM   948  C CB  . PHE B 2 44 ? -0.914  -7.044  -1.003  1.00 9.62  ? 94  PHE D CB  1 
ATOM   949  C CG  . PHE B 2 44 ? -1.998  -7.993  -0.560  1.00 10.61 ? 94  PHE D CG  1 
ATOM   950  C CD1 . PHE B 2 44 ? -1.908  -9.346  -0.828  1.00 11.60 ? 94  PHE D CD1 1 
ATOM   951  C CD2 . PHE B 2 44 ? -3.154  -7.537  0.050   1.00 12.39 ? 94  PHE D CD2 1 
ATOM   952  C CE1 . PHE B 2 44 ? -2.900  -10.218 -0.394  1.00 13.17 ? 94  PHE D CE1 1 
ATOM   953  C CE2 . PHE B 2 44 ? -4.157  -8.422  0.480   1.00 12.54 ? 94  PHE D CE2 1 
ATOM   954  C CZ  . PHE B 2 44 ? -3.994  -9.764  0.280   1.00 12.28 ? 94  PHE D CZ  1 
ATOM   955  N N   . GLU B 2 45 ? 1.380   -9.132  -0.874  1.00 11.05 ? 95  GLU D N   1 
ATOM   956  C CA  . GLU B 2 45 ? 1.777   -10.565 -0.796  1.00 12.02 ? 95  GLU D CA  1 
ATOM   957  C C   . GLU B 2 45 ? 2.878   -10.739 0.244   1.00 11.11 ? 95  GLU D C   1 
ATOM   958  O O   . GLU B 2 45 ? 2.836   -11.719 1.019   1.00 11.57 ? 95  GLU D O   1 
ATOM   959  C CB  . GLU B 2 45 ? 2.197   -11.101 -2.167  1.00 14.89 ? 95  GLU D CB  1 
ATOM   960  C CG  . GLU B 2 45 ? 2.472   -12.606 -2.136  1.00 21.50 ? 95  GLU D CG  1 
ATOM   961  C CD  . GLU B 2 45 ? 1.288   -13.522 -1.775  1.00 26.24 ? 95  GLU D CD  1 
ATOM   962  O OE1 . GLU B 2 45 ? 0.125   -13.021 -1.713  1.00 32.36 ? 95  GLU D OE1 1 
ATOM   963  O OE2 . GLU B 2 45 ? 1.506   -14.746 -1.589  1.00 28.68 ? 95  GLU D OE2 1 
ATOM   964  N N   . LYS B 2 46 ? 3.843   -9.832  0.315   1.00 10.56 ? 96  LYS D N   1 
ATOM   965  C CA  . LYS B 2 46 ? 4.907   -9.987  1.307   1.00 11.12 ? 96  LYS D CA  1 
ATOM   966  C C   . LYS B 2 46 ? 4.312   -9.947  2.701   1.00 10.90 ? 96  LYS D C   1 
ATOM   967  O O   . LYS B 2 46 ? 4.734   -10.752 3.563   1.00 11.13 ? 96  LYS D O   1 
ATOM   968  C CB  . LYS B 2 46 ? 6.019   -8.951  1.192   1.00 14.63 ? 96  LYS D CB  1 
ATOM   969  C CG  . LYS B 2 46 ? 6.821   -9.163  -0.072  1.00 18.53 ? 96  LYS D CG  1 
ATOM   970  C CD  . LYS B 2 46 ? 7.875   -8.134  -0.305  1.00 25.60 ? 96  LYS D CD  1 
ATOM   971  C CE  . LYS B 2 46 ? 8.617   -8.428  -1.593  1.00 29.96 ? 96  LYS D CE  1 
ATOM   972  N NZ  . LYS B 2 46 ? 10.044  -8.059  -1.490  1.00 36.44 ? 96  LYS D NZ  1 
ATOM   973  N N   . LEU B 2 47 ? 3.391   -9.010  2.944   1.00 8.25  ? 97  LEU D N   1 
ATOM   974  C CA  . LEU B 2 47 ? 2.832   -8.883  4.299   1.00 8.35  ? 97  LEU D CA  1 
ATOM   975  C C   . LEU B 2 47 ? 1.873   -10.028 4.603   1.00 9.00  ? 97  LEU D C   1 
ATOM   976  O O   . LEU B 2 47 ? 1.864   -10.493 5.753   1.00 9.09  ? 97  LEU D O   1 
ATOM   977  C CB  . LEU B 2 47 ? 2.145   -7.534  4.474   1.00 7.78  ? 97  LEU D CB  1 
ATOM   978  C CG  . LEU B 2 47 ? 3.065   -6.328  4.428   1.00 7.80  ? 97  LEU D CG  1 
ATOM   979  C CD1 . LEU B 2 47 ? 2.263   -5.060  4.396   1.00 8.08  ? 97  LEU D CD1 1 
ATOM   980  C CD2 . LEU B 2 47 ? 4.042   -6.321  5.614   1.00 8.02  ? 97  LEU D CD2 1 
ATOM   981  N N   . ALA B 2 48 ? 1.096   -10.489 3.625   1.00 9.05  ? 98  ALA D N   1 
ATOM   982  C CA  . ALA B 2 48 ? 0.189   -11.633 3.820   1.00 10.02 ? 98  ALA D CA  1 
ATOM   983  C C   . ALA B 2 48 ? 1.021   -12.898 4.102   1.00 10.73 ? 98  ALA D C   1 
ATOM   984  O O   . ALA B 2 48 ? 0.674   -13.635 5.060   1.00 10.65 ? 98  ALA D O   1 
ATOM   985  C CB  . ALA B 2 48 ? -0.760  -11.761 2.643   1.00 10.57 ? 98  ALA D CB  1 
ATOM   986  N N   . GLN B 2 49 ? 2.099   -13.136 3.367   1.00 13.01 ? 99  GLN D N   1 
ATOM   987  C CA  . GLN B 2 49 ? 2.931   -14.360 3.567   1.00 14.43 ? 99  GLN D CA  1 
ATOM   988  C C   . GLN B 2 49 ? 3.596   -14.312 4.950   1.00 14.05 ? 99  GLN D C   1 
ATOM   989  O O   . GLN B 2 49 ? 3.634   -15.382 5.631   1.00 15.57 ? 99  GLN D O   1 
ATOM   990  C CB  . GLN B 2 49 ? 3.941   -14.522 2.425   1.00 16.78 ? 99  GLN D CB  1 
ATOM   991  C CG  . GLN B 2 49 ? 3.282   -14.990 1.142   1.00 20.33 ? 99  GLN D CG  1 
ATOM   992  C CD  . GLN B 2 49 ? 2.722   -16.407 1.201   1.00 27.77 ? 99  GLN D CD  1 
ATOM   993  O OE1 . GLN B 2 49 ? 2.875   -17.160 2.181   1.00 29.54 ? 99  GLN D OE1 1 
ATOM   994  N NE2 . GLN B 2 49 ? 2.023   -16.778 0.139   1.00 29.73 ? 99  GLN D NE2 1 
ATOM   995  N N   . GLU B 2 50 ? 4.115   -13.157 5.398   1.00 12.52 ? 100 GLU D N   1 
ATOM   996  C CA  . GLU B 2 50 ? 4.739   -13.043 6.732   1.00 13.00 ? 100 GLU D CA  1 
ATOM   997  C C   . GLU B 2 50 ? 3.664   -13.281 7.782   1.00 12.84 ? 100 GLU D C   1 
ATOM   998  O O   . GLU B 2 50 ? 3.936   -13.941 8.783   1.00 13.50 ? 100 GLU D O   1 
ATOM   999  C CB  . GLU B 2 50 ? 5.427   -11.691 6.884   1.00 14.90 ? 100 GLU D CB  1 
ATOM   1000 C CG  . GLU B 2 50 ? 6.200   -11.555 8.149   1.00 16.35 ? 100 GLU D CG  1 
ATOM   1001 C CD  . GLU B 2 50 ? 7.382   -12.487 8.307   1.00 20.80 ? 100 GLU D CD  1 
ATOM   1002 O OE1 . GLU B 2 50 ? 7.837   -13.047 7.314   1.00 21.96 ? 100 GLU D OE1 1 
ATOM   1003 O OE2 . GLU B 2 50 ? 7.828   -12.631 9.455   1.00 28.70 ? 100 GLU D OE2 1 
ATOM   1004 N N   . SER B 2 51 ? 2.449   -12.759 7.571   1.00 12.47 ? 101 SER D N   1 
ATOM   1005 C CA  . SER B 2 51 ? 1.335   -12.886 8.542   1.00 11.98 ? 101 SER D CA  1 
ATOM   1006 C C   . SER B 2 51 ? 1.005   -14.368 8.681   1.00 14.75 ? 101 SER D C   1 
ATOM   1007 O O   . SER B 2 51 ? 0.824   -14.822 9.815   1.00 15.42 ? 101 SER D O   1 
ATOM   1008 C CB  . SER B 2 51 ? 0.127   -12.075 8.123   1.00 12.56 ? 101 SER D CB  1 
ATOM   1009 O OG  . SER B 2 51 ? 0.463   -10.700 8.228   1.00 12.30 ? 101 SER D OG  1 
ATOM   1010 N N   . SER B 2 52 ? 1.007   -15.079 7.563   1.00 14.96 ? 102 SER D N   1 
ATOM   1011 C CA  . SER B 2 52 ? 0.809   -16.552 7.520   1.00 17.60 ? 102 SER D CA  1 
ATOM   1012 C C   . SER B 2 52 ? 1.875   -17.272 8.363   1.00 18.53 ? 102 SER D C   1 
ATOM   1013 O O   . SER B 2 52 ? 1.487   -18.146 9.172   1.00 19.65 ? 102 SER D O   1 
ATOM   1014 C CB  . SER B 2 52 ? 0.829   -17.017 6.102   1.00 17.97 ? 102 SER D CB  1 
ATOM   1015 O OG  . SER B 2 52 ? 0.544   -18.402 6.018   1.00 19.94 ? 102 SER D OG  1 
ATOM   1016 N N   . LYS B 2 53 ? 3.152   -16.907 8.208   1.00 19.29 ? 103 LYS D N   1 
ATOM   1017 C CA  . LYS B 2 53 ? 4.275   -17.550 8.944   1.00 21.97 ? 103 LYS D CA  1 
ATOM   1018 C C   . LYS B 2 53 ? 4.123   -17.243 10.439  1.00 24.15 ? 103 LYS D C   1 
ATOM   1019 O O   . LYS B 2 53 ? 4.368   -18.148 11.262  1.00 25.49 ? 103 LYS D O   1 
ATOM   1020 C CB  . LYS B 2 53 ? 5.628   -17.107 8.370   1.00 25.55 ? 103 LYS D CB  1 
ATOM   1021 C CG  . LYS B 2 53 ? 6.845   -17.470 9.211   1.00 30.86 ? 103 LYS D CG  1 
ATOM   1022 C CD  . LYS B 2 53 ? 8.167   -17.152 8.531   1.00 37.68 ? 103 LYS D CD  1 
ATOM   1023 C CE  . LYS B 2 53 ? 8.517   -15.688 8.648   1.00 43.76 ? 103 LYS D CE  1 
ATOM   1024 N NZ  . LYS B 2 53 ? 9.602   -15.302 7.712   1.00 48.10 ? 103 LYS D NZ  1 
ATOM   1025 N N   . LEU B 2 54 ? 3.708   -16.031 10.819  1.00 19.61 ? 104 LEU D N   1 
ATOM   1026 C CA  . LEU B 2 54 ? 3.575   -15.656 12.248  1.00 19.98 ? 104 LEU D CA  1 
ATOM   1027 C C   . LEU B 2 54 ? 2.446   -16.432 12.894  1.00 23.72 ? 104 LEU D C   1 
ATOM   1028 O O   . LEU B 2 54 ? 2.608   -16.860 14.066  1.00 24.97 ? 104 LEU D O   1 
ATOM   1029 C CB  . LEU B 2 54 ? 3.319   -14.159 12.374  1.00 18.47 ? 104 LEU D CB  1 
ATOM   1030 C CG  . LEU B 2 54 ? 4.530   -13.340 11.982  1.00 18.23 ? 104 LEU D CG  1 
ATOM   1031 C CD1 . LEU B 2 54 ? 4.118   -11.889 11.726  1.00 16.92 ? 104 LEU D CD1 1 
ATOM   1032 C CD2 . LEU B 2 54 ? 5.592   -13.385 13.095  1.00 19.13 ? 104 LEU D CD2 1 
ATOM   1033 N N   . ALA B 2 55 ? 1.321   -16.548 12.191  1.00 21.99 ? 105 ALA D N   1 
ATOM   1034 C CA  . ALA B 2 55 ? 0.102   -17.205 12.696  1.00 26.26 ? 105 ALA D CA  1 
ATOM   1035 C C   . ALA B 2 55 ? 0.424   -18.673 13.039  1.00 28.96 ? 105 ALA D C   1 
ATOM   1036 O O   . ALA B 2 55 ? -0.155  -19.205 14.015  1.00 27.52 ? 105 ALA D O   1 
ATOM   1037 C CB  . ALA B 2 55 ? -0.979  -17.089 11.658  1.00 25.78 ? 105 ALA D CB  1 
ATOM   1038 N N   . ARG B 2 56 ? 1.347   -19.275 12.288  1.00 33.79 ? 106 ARG D N   1 
ATOM   1039 C CA  . ARG B 2 56 ? 1.793   -20.683 12.461  1.00 37.27 ? 106 ARG D CA  1 
ATOM   1040 C C   . ARG B 2 56 ? 2.672   -20.803 13.705  1.00 41.52 ? 106 ARG D C   1 
ATOM   1041 O O   . ARG B 2 56 ? 2.438   -21.730 14.495  1.00 46.28 ? 106 ARG D O   1 
ATOM   1042 C CB  . ARG B 2 56 ? 2.518   -21.161 11.204  1.00 36.80 ? 106 ARG D CB  1 
ATOM   1043 C CG  . ARG B 2 56 ? 1.592   -21.323 10.011  1.00 39.80 ? 106 ARG D CG  1 
ATOM   1044 C CD  . ARG B 2 56 ? 2.152   -22.278 8.975   1.00 41.54 ? 106 ARG D CD  1 
ATOM   1045 N NE  . ARG B 2 56 ? 3.526   -21.927 8.658   1.00 40.48 ? 106 ARG D NE  1 
ATOM   1046 C CZ  . ARG B 2 56 ? 3.925   -21.161 7.641   1.00 39.59 ? 106 ARG D CZ  1 
ATOM   1047 N NH1 . ARG B 2 56 ? 3.050   -20.608 6.812   1.00 39.22 ? 106 ARG D NH1 1 
ATOM   1048 N NH2 . ARG B 2 56 ? 5.221   -20.937 7.469   1.00 38.63 ? 106 ARG D NH2 1 
ATOM   1049 N N   . TYR B 2 57 ? 3.632   -19.895 13.876  1.00 47.23 ? 107 TYR D N   1 
ATOM   1050 C CA  . TYR B 2 57 ? 4.452   -19.776 15.111  1.00 53.91 ? 107 TYR D CA  1 
ATOM   1051 C C   . TYR B 2 57 ? 3.519   -19.829 16.329  1.00 59.09 ? 107 TYR D C   1 
ATOM   1052 O O   . TYR B 2 57 ? 3.826   -20.556 17.291  1.00 66.73 ? 107 TYR D O   1 
ATOM   1053 C CB  . TYR B 2 57 ? 5.285   -18.489 15.096  1.00 54.25 ? 107 TYR D CB  1 
ATOM   1054 N N   . ASN B 2 58 ? 2.406   -19.088 16.265  1.00 59.55 ? 108 ASN D N   1 
ATOM   1055 C CA  . ASN B 2 58 ? 1.482   -18.842 17.402  1.00 55.51 ? 108 ASN D CA  1 
ATOM   1056 C C   . ASN B 2 58 ? 0.422   -19.947 17.461  1.00 51.13 ? 108 ASN D C   1 
ATOM   1057 O O   . ASN B 2 58 ? -0.410  -19.877 18.384  1.00 54.46 ? 108 ASN D O   1 
ATOM   1058 C CB  . ASN B 2 58 ? 0.833   -17.458 17.313  1.00 53.36 ? 108 ASN D CB  1 
ATOM   1059 N N   . LYS B 2 59 ? 0.446   -20.921 16.539  1.00 47.95 ? 109 LYS D N   1 
ATOM   1060 C CA  . LYS B 2 59 ? -0.610  -21.971 16.384  1.00 47.19 ? 109 LYS D CA  1 
ATOM   1061 C C   . LYS B 2 59 ? -1.994  -21.323 16.332  1.00 42.05 ? 109 LYS D C   1 
ATOM   1062 O O   . LYS B 2 59 ? -2.919  -21.820 17.001  1.00 44.28 ? 109 LYS D O   1 
ATOM   1063 C CB  . LYS B 2 59 ? -0.558  -22.989 17.530  1.00 51.99 ? 109 LYS D CB  1 
ATOM   1064 C CG  . LYS B 2 59 ? 0.132   -24.303 17.194  1.00 56.71 ? 109 LYS D CG  1 
ATOM   1065 C CD  . LYS B 2 59 ? 1.500   -24.113 16.581  1.00 58.67 ? 109 LYS D CD  1 
ATOM   1066 C CE  . LYS B 2 59 ? 2.319   -25.385 16.582  1.00 58.85 ? 109 LYS D CE  1 
ATOM   1067 N NZ  . LYS B 2 59 ? 1.631   -26.461 15.832  1.00 62.50 ? 109 LYS D NZ  1 
ATOM   1068 N N   . LYS B 2 60 ? -2.134  -20.275 15.519  1.00 33.38 ? 110 LYS D N   1 
ATOM   1069 C CA  . LYS B 2 60 ? -3.289  -19.353 15.520  1.00 31.31 ? 110 LYS D CA  1 
ATOM   1070 C C   . LYS B 2 60 ? -4.061  -19.538 14.216  1.00 25.37 ? 110 LYS D C   1 
ATOM   1071 O O   . LYS B 2 60 ? -3.473  -19.407 13.150  1.00 25.52 ? 110 LYS D O   1 
ATOM   1072 C CB  . LYS B 2 60 ? -2.752  -17.928 15.667  1.00 32.89 ? 110 LYS D CB  1 
ATOM   1073 C CG  . LYS B 2 60 ? -3.810  -16.916 16.048  1.00 36.63 ? 110 LYS D CG  1 
ATOM   1074 C CD  . LYS B 2 60 ? -3.373  -15.503 15.802  1.00 37.57 ? 110 LYS D CD  1 
ATOM   1075 C CE  . LYS B 2 60 ? -4.402  -14.490 16.246  1.00 34.73 ? 110 LYS D CE  1 
ATOM   1076 N NZ  . LYS B 2 60 ? -3.828  -13.601 17.283  1.00 39.70 ? 110 LYS D NZ  1 
ATOM   1077 N N   . PRO B 2 61 ? -5.366  -19.878 14.234  1.00 21.35 ? 111 PRO D N   1 
ATOM   1078 C CA  . PRO B 2 61 ? -6.099  -20.066 12.988  1.00 20.23 ? 111 PRO D CA  1 
ATOM   1079 C C   . PRO B 2 61 ? -6.547  -18.795 12.261  1.00 18.82 ? 111 PRO D C   1 
ATOM   1080 O O   . PRO B 2 61 ? -7.070  -18.919 11.190  1.00 18.01 ? 111 PRO D O   1 
ATOM   1081 C CB  . PRO B 2 61 ? -7.396  -20.790 13.387  1.00 20.65 ? 111 PRO D CB  1 
ATOM   1082 C CG  . PRO B 2 61 ? -7.564  -20.460 14.852  1.00 20.47 ? 111 PRO D CG  1 
ATOM   1083 C CD  . PRO B 2 61 ? -6.181  -20.215 15.426  1.00 20.42 ? 111 PRO D CD  1 
ATOM   1084 N N   . THR B 2 62 ? -6.467  -17.641 12.934  1.00 18.93 ? 112 THR D N   1 
ATOM   1085 C CA  . THR B 2 62 ? -6.981  -16.356 12.419  1.00 18.00 ? 112 THR D CA  1 
ATOM   1086 C C   . THR B 2 62 ? -5.802  -15.380 12.277  1.00 16.91 ? 112 THR D C   1 
ATOM   1087 O O   . THR B 2 62 ? -4.996  -15.241 13.189  1.00 18.01 ? 112 THR D O   1 
ATOM   1088 C CB  . THR B 2 62 ? -8.057  -15.776 13.344  1.00 17.68 ? 112 THR D CB  1 
ATOM   1089 O OG1 . THR B 2 62 ? -9.063  -16.768 13.589  1.00 19.83 ? 112 THR D OG1 1 
ATOM   1090 C CG2 . THR B 2 62 ? -8.696  -14.551 12.752  1.00 17.58 ? 112 THR D CG2 1 
ATOM   1091 N N   . ILE B 2 63 ? -5.687  -14.753 11.122  1.00 14.64 ? 113 ILE D N   1 
ATOM   1092 C CA  . ILE B 2 63 ? -4.824  -13.539 11.006  1.00 14.05 ? 113 ILE D CA  1 
ATOM   1093 C C   . ILE B 2 63 ? -5.629  -12.327 11.479  1.00 12.96 ? 113 ILE D C   1 
ATOM   1094 O O   . ILE B 2 63 ? -6.721  -12.047 10.959  1.00 12.59 ? 113 ILE D O   1 
ATOM   1095 C CB  . ILE B 2 63 ? -4.306  -13.421 9.576   1.00 14.47 ? 113 ILE D CB  1 
ATOM   1096 C CG1 . ILE B 2 63 ? -3.236  -14.491 9.338   1.00 15.57 ? 113 ILE D CG1 1 
ATOM   1097 C CG2 . ILE B 2 63 ? -3.784  -12.024 9.275   1.00 14.62 ? 113 ILE D CG2 1 
ATOM   1098 C CD1 . ILE B 2 63 ? -2.955  -14.736 7.899   1.00 16.50 ? 113 ILE D CD1 1 
ATOM   1099 N N   . THR B 2 64 ? -5.110  -11.696 12.521  1.00 12.02 ? 114 THR D N   1 
ATOM   1100 C CA  . THR B 2 64 ? -5.662  -10.499 13.130  1.00 12.27 ? 114 THR D CA  1 
ATOM   1101 C C   . THR B 2 64 ? -4.718  -9.320  12.902  1.00 10.82 ? 114 THR D C   1 
ATOM   1102 O O   . THR B 2 64 ? -3.656  -9.473  12.311  1.00 9.41  ? 114 THR D O   1 
ATOM   1103 C CB  . THR B 2 64 ? -5.844  -10.704 14.642  1.00 13.12 ? 114 THR D CB  1 
ATOM   1104 O OG1 . THR B 2 64 ? -4.595  -10.755 15.330  1.00 14.06 ? 114 THR D OG1 1 
ATOM   1105 C CG2 . THR B 2 64 ? -6.630  -11.966 14.926  1.00 13.87 ? 114 THR D CG2 1 
ATOM   1106 N N   . SER B 2 65 ? -5.149  -8.166  13.373  1.00 11.42 ? 115 SER D N   1 
ATOM   1107 C CA  . SER B 2 65 ? -4.329  -6.929  13.327  1.00 13.15 ? 115 SER D CA  1 
ATOM   1108 C C   . SER B 2 65 ? -2.985  -7.154  13.999  1.00 12.78 ? 115 SER D C   1 
ATOM   1109 O O   . SER B 2 65 ? -2.023  -6.502  13.596  1.00 12.54 ? 115 SER D O   1 
ATOM   1110 C CB  . SER B 2 65 ? -5.065  -5.817  14.032  1.00 14.81 ? 115 SER D CB  1 
ATOM   1111 O OG  . SER B 2 65 ? -6.193  -5.496  13.249  1.00 21.79 ? 115 SER D OG  1 
ATOM   1112 N N   . ARG B 2 66 ? -2.912  -8.033  14.997  1.00 11.93 ? 116 ARG D N   1 
ATOM   1113 C CA  . ARG B 2 66 ? -1.643  -8.314  15.735  1.00 12.86 ? 116 ARG D CA  1 
ATOM   1114 C C   . ARG B 2 66 ? -0.617  -8.898  14.746  1.00 11.21 ? 116 ARG D C   1 
ATOM   1115 O O   . ARG B 2 66 ? 0.570   -8.461  14.733  1.00 11.27 ? 116 ARG D O   1 
ATOM   1116 C CB  . ARG B 2 66 ? -1.952  -9.272  16.905  1.00 15.45 ? 116 ARG D CB  1 
ATOM   1117 N N   . GLU B 2 67 ? -1.020  -9.854  13.915  1.00 10.89 ? 117 GLU D N   1 
ATOM   1118 C CA  . GLU B 2 67 ? -0.104  -10.515 12.969  1.00 11.25 ? 117 GLU D CA  1 
ATOM   1119 C C   . GLU B 2 67 ? 0.235   -9.503  11.862  1.00 10.10 ? 117 GLU D C   1 
ATOM   1120 O O   . GLU B 2 67 ? 1.392   -9.443  11.450  1.00 10.61 ? 117 GLU D O   1 
ATOM   1121 C CB  . GLU B 2 67 ? -0.714  -11.775 12.354  1.00 12.41 ? 117 GLU D CB  1 
ATOM   1122 C CG  . GLU B 2 67 ? -0.787  -12.954 13.322  1.00 14.03 ? 117 GLU D CG  1 
ATOM   1123 C CD  . GLU B 2 67 ? -1.792  -12.756 14.426  1.00 16.30 ? 117 GLU D CD  1 
ATOM   1124 O OE1 . GLU B 2 67 ? -1.445  -13.082 15.586  1.00 21.82 ? 117 GLU D OE1 1 
ATOM   1125 O OE2 . GLU B 2 67 ? -2.886  -12.255 14.160  1.00 18.06 ? 117 GLU D OE2 1 
ATOM   1126 N N   . ILE B 2 68 ? -0.735  -8.750  11.346  1.00 9.99  ? 118 ILE D N   1 
ATOM   1127 C CA  . ILE B 2 68 ? -0.405  -7.732  10.303  1.00 8.57  ? 118 ILE D CA  1 
ATOM   1128 C C   . ILE B 2 68 ? 0.651   -6.772  10.882  1.00 8.48  ? 118 ILE D C   1 
ATOM   1129 O O   . ILE B 2 68 ? 1.619   -6.441  10.189  1.00 7.49  ? 118 ILE D O   1 
ATOM   1130 C CB  . ILE B 2 68 ? -1.648  -6.961  9.830   1.00 9.11  ? 118 ILE D CB  1 
ATOM   1131 C CG1 . ILE B 2 68 ? -2.754  -7.890  9.316   1.00 9.56  ? 118 ILE D CG1 1 
ATOM   1132 C CG2 . ILE B 2 68 ? -1.240  -5.917  8.790   1.00 9.36  ? 118 ILE D CG2 1 
ATOM   1133 C CD1 . ILE B 2 68 ? -2.395  -8.699  8.101   1.00 10.40 ? 118 ILE D CD1 1 
ATOM   1134 N N   . GLN B 2 69 ? 0.435   -6.286  12.099  1.00 7.87  ? 119 GLN D N   1 
ATOM   1135 C CA  . GLN B 2 69 ? 1.350   -5.305  12.692  1.00 8.36  ? 119 GLN D CA  1 
ATOM   1136 C C   . GLN B 2 69 ? 2.758   -5.902  12.800  1.00 8.51  ? 119 GLN D C   1 
ATOM   1137 O O   . GLN B 2 69 ? 3.743   -5.231  12.468  1.00 7.76  ? 119 GLN D O   1 
ATOM   1138 C CB  . GLN B 2 69 ? 0.834   -4.872  14.049  1.00 8.71  ? 119 GLN D CB  1 
ATOM   1139 C CG  . GLN B 2 69 ? 1.790   -3.955  14.776  1.00 10.17 ? 119 GLN D CG  1 
ATOM   1140 C CD  . GLN B 2 69 ? 1.080   -3.311  15.922  1.00 10.99 ? 119 GLN D CD  1 
ATOM   1141 O OE1 . GLN B 2 69 ? 1.176   -3.782  17.076  1.00 15.99 ? 119 GLN D OE1 1 
ATOM   1142 N NE2 . GLN B 2 69 ? 0.376   -2.246  15.618  1.00 9.58  ? 119 GLN D NE2 1 
ATOM   1143 N N   . THR B 2 70 ? 2.878   -7.118  13.330  1.00 8.70  ? 120 THR D N   1 
ATOM   1144 C CA  . THR B 2 70 ? 4.225   -7.746  13.428  1.00 8.80  ? 120 THR D CA  1 
ATOM   1145 C C   . THR B 2 70 ? 4.844   -7.939  12.054  1.00 8.42  ? 120 THR D C   1 
ATOM   1146 O O   . THR B 2 70 ? 6.054   -7.674  11.888  1.00 9.02  ? 120 THR D O   1 
ATOM   1147 C CB  . THR B 2 70 ? 4.138   -9.050  14.232  1.00 9.50  ? 120 THR D CB  1 
ATOM   1148 O OG1 . THR B 2 70 ? 3.612   -8.721  15.531  1.00 11.54 ? 120 THR D OG1 1 
ATOM   1149 C CG2 . THR B 2 70 ? 5.501   -9.683  14.362  1.00 9.84  ? 120 THR D CG2 1 
ATOM   1150 N N   . ALA B 2 71 ? 4.035   -8.326  11.063  1.00 8.15  ? 121 ALA D N   1 
ATOM   1151 C CA  . ALA B 2 71 ? 4.510   -8.517  9.685   1.00 8.23  ? 121 ALA D CA  1 
ATOM   1152 C C   . ALA B 2 71 ? 5.060   -7.194  9.155   1.00 7.99  ? 121 ALA D C   1 
ATOM   1153 O O   . ALA B 2 71 ? 6.153   -7.183  8.568   1.00 7.90  ? 121 ALA D O   1 
ATOM   1154 C CB  . ALA B 2 71 ? 3.412   -9.061  8.840   1.00 9.21  ? 121 ALA D CB  1 
ATOM   1155 N N   . VAL B 2 72 ? 4.355   -6.111  9.400   1.00 7.15  ? 122 VAL D N   1 
ATOM   1156 C CA  . VAL B 2 72 ? 4.819   -4.775  8.951   1.00 7.23  ? 122 VAL D CA  1 
ATOM   1157 C C   . VAL B 2 72 ? 6.147   -4.443  9.630   1.00 8.09  ? 122 VAL D C   1 
ATOM   1158 O O   . VAL B 2 72 ? 7.073   -3.975  8.929   1.00 7.88  ? 122 VAL D O   1 
ATOM   1159 C CB  . VAL B 2 72 ? 3.753   -3.717  9.238   1.00 7.41  ? 122 VAL D CB  1 
ATOM   1160 C CG1 . VAL B 2 72 ? 4.296   -2.328  9.125   1.00 7.86  ? 122 VAL D CG1 1 
ATOM   1161 C CG2 . VAL B 2 72 ? 2.502   -3.918  8.375   1.00 7.44  ? 122 VAL D CG2 1 
ATOM   1162 N N   . ARG B 2 73 ? 6.240   -4.721  10.924  1.00 7.66  ? 123 ARG D N   1 
ATOM   1163 C CA  . ARG B 2 73 ? 7.494   -4.411  11.660  1.00 8.74  ? 123 ARG D CA  1 
ATOM   1164 C C   . ARG B 2 73 ? 8.693   -5.234  11.167  1.00 8.80  ? 123 ARG D C   1 
ATOM   1165 O O   . ARG B 2 73 ? 9.789   -4.766  11.300  1.00 9.10  ? 123 ARG D O   1 
ATOM   1166 C CB  . ARG B 2 73 ? 7.310   -4.566  13.172  1.00 8.15  ? 123 ARG D CB  1 
ATOM   1167 C CG  . ARG B 2 73 ? 6.483   -3.457  13.805  1.00 8.90  ? 123 ARG D CG  1 
ATOM   1168 C CD  . ARG B 2 73 ? 6.065   -3.679  15.247  1.00 10.62 ? 123 ARG D CD  1 
ATOM   1169 N NE  . ARG B 2 73 ? 5.581   -2.476  15.899  1.00 11.09 ? 123 ARG D NE  1 
ATOM   1170 C CZ  . ARG B 2 73 ? 4.862   -2.493  16.997  1.00 10.07 ? 123 ARG D CZ  1 
ATOM   1171 N NH1 . ARG B 2 73 ? 4.526   -1.355  17.560  1.00 12.03 ? 123 ARG D NH1 1 
ATOM   1172 N NH2 . ARG B 2 73 ? 4.492   -3.641  17.517  1.00 11.19 ? 123 ARG D NH2 1 
ATOM   1173 N N   . LEU B 2 74 ? 8.446   -6.450  10.710  1.00 9.01  ? 124 LEU D N   1 
ATOM   1174 C CA  . LEU B 2 74 ? 9.539   -7.314  10.224  1.00 11.35 ? 124 LEU D CA  1 
ATOM   1175 C C   . LEU B 2 74 ? 9.870   -7.032  8.765   1.00 11.84 ? 124 LEU D C   1 
ATOM   1176 O O   . LEU B 2 74 ? 11.064  -7.034  8.430   1.00 13.76 ? 124 LEU D O   1 
ATOM   1177 C CB  . LEU B 2 74 ? 9.194   -8.768  10.497  1.00 12.27 ? 124 LEU D CB  1 
ATOM   1178 C CG  . LEU B 2 74 ? 9.051   -9.035  11.991  1.00 15.17 ? 124 LEU D CG  1 
ATOM   1179 C CD1 . LEU B 2 74 ? 8.980   -10.521 12.220  1.00 17.17 ? 124 LEU D CD1 1 
ATOM   1180 C CD2 . LEU B 2 74 ? 10.203  -8.396  12.811  1.00 15.96 ? 124 LEU D CD2 1 
ATOM   1181 N N   . VAL B 2 75 ? 8.873   -6.791  7.914   1.00 9.82  ? 125 VAL D N   1 
ATOM   1182 C CA  . VAL B 2 75 ? 9.098   -6.713  6.452   1.00 10.06 ? 125 VAL D CA  1 
ATOM   1183 C C   . VAL B 2 75 ? 9.577   -5.320  6.068   1.00 9.64  ? 125 VAL D C   1 
ATOM   1184 O O   . VAL B 2 75 ? 10.453  -5.211  5.158   1.00 10.99 ? 125 VAL D O   1 
ATOM   1185 C CB  . VAL B 2 75 ? 7.839   -7.110  5.671   1.00 9.89  ? 125 VAL D CB  1 
ATOM   1186 C CG1 . VAL B 2 75 ? 7.933   -6.782  4.185   1.00 10.62 ? 125 VAL D CG1 1 
ATOM   1187 C CG2 . VAL B 2 75 ? 7.491   -8.579  5.872   1.00 10.13 ? 125 VAL D CG2 1 
ATOM   1188 N N   . LEU B 2 76 ? 8.982   -4.266  6.628   1.00 8.78  ? 126 LEU D N   1 
ATOM   1189 C CA  . LEU B 2 76 ? 9.281   -2.866  6.195   1.00 8.93  ? 126 LEU D CA  1 
ATOM   1190 C C   . LEU B 2 76 ? 10.583  -2.461  6.841   1.00 8.76  ? 126 LEU D C   1 
ATOM   1191 O O   . LEU B 2 76 ? 10.809  -2.731  8.015   1.00 8.74  ? 126 LEU D O   1 
ATOM   1192 C CB  . LEU B 2 76 ? 8.189   -1.865  6.564   1.00 9.03  ? 126 LEU D CB  1 
ATOM   1193 C CG  . LEU B 2 76 ? 7.131   -1.698  5.492   1.00 10.85 ? 126 LEU D CG  1 
ATOM   1194 C CD1 . LEU B 2 76 ? 6.487   -2.998  5.155   1.00 10.84 ? 126 LEU D CD1 1 
ATOM   1195 C CD2 . LEU B 2 76 ? 6.100   -0.697  5.926   1.00 10.63 ? 126 LEU D CD2 1 
ATOM   1196 N N   . PRO B 2 77 ? 11.413  -1.694  6.128   1.00 8.79  ? 127 PRO D N   1 
ATOM   1197 C CA  . PRO B 2 77 ? 12.527  -0.987  6.767   1.00 8.79  ? 127 PRO D CA  1 
ATOM   1198 C C   . PRO B 2 77 ? 12.060  -0.106  7.939   1.00 8.49  ? 127 PRO D C   1 
ATOM   1199 O O   . PRO B 2 77 ? 10.919  0.367   7.982   1.00 8.64  ? 127 PRO D O   1 
ATOM   1200 C CB  . PRO B 2 77 ? 13.084  -0.096  5.657   1.00 9.83  ? 127 PRO D CB  1 
ATOM   1201 C CG  . PRO B 2 77 ? 12.642  -0.791  4.381   1.00 9.82  ? 127 PRO D CG  1 
ATOM   1202 C CD  . PRO B 2 77 ? 11.275  -1.369  4.698   1.00 9.42  ? 127 PRO D CD  1 
ATOM   1203 N N   . GLY B 2 78 ? 12.945  0.150   8.894   1.00 8.80  ? 128 GLY D N   1 
ATOM   1204 C CA  . GLY B 2 78 ? 12.529  0.708   10.182  1.00 9.31  ? 128 GLY D CA  1 
ATOM   1205 C C   . GLY B 2 78 ? 11.648  1.942   10.144  1.00 9.31  ? 128 GLY D C   1 
ATOM   1206 O O   . GLY B 2 78 ? 10.659  1.977   10.871  1.00 10.12 ? 128 GLY D O   1 
ATOM   1207 N N   . GLU B 2 79 ? 12.019  2.996   9.429   1.00 9.85  ? 129 GLU D N   1 
ATOM   1208 C CA  . GLU B 2 79 ? 11.242  4.245   9.528   1.00 11.12 ? 129 GLU D CA  1 
ATOM   1209 C C   . GLU B 2 79 ? 9.913   4.061   8.825   1.00 10.53 ? 129 GLU D C   1 
ATOM   1210 O O   . GLU B 2 79 ? 8.906   4.551   9.354   1.00 10.02 ? 129 GLU D O   1 
ATOM   1211 C CB  . GLU B 2 79 ? 12.037  5.422   9.005   1.00 14.36 ? 129 GLU D CB  1 
ATOM   1212 C CG  . GLU B 2 79 ? 13.231  5.740   9.896   1.00 17.33 ? 129 GLU D CG  1 
ATOM   1213 C CD  . GLU B 2 79 ? 12.907  5.814   11.388  1.00 23.76 ? 129 GLU D CD  1 
ATOM   1214 O OE1 . GLU B 2 79 ? 13.482  4.960   12.171  1.00 26.56 ? 129 GLU D OE1 1 
ATOM   1215 O OE2 . GLU B 2 79 ? 12.064  6.671   11.787  1.00 28.67 ? 129 GLU D OE2 1 
ATOM   1216 N N   . LEU B 2 80 ? 9.887   3.433   7.650   1.00 9.02  ? 130 LEU D N   1 
ATOM   1217 C CA  . LEU B 2 80 ? 8.589   3.135   7.007   1.00 9.25  ? 130 LEU D CA  1 
ATOM   1218 C C   . LEU B 2 80 ? 7.739   2.260   7.926   1.00 9.28  ? 130 LEU D C   1 
ATOM   1219 O O   . LEU B 2 80 ? 6.529   2.461   8.002   1.00 9.69  ? 130 LEU D O   1 
ATOM   1220 C CB  . LEU B 2 80 ? 8.794   2.388   5.683   1.00 8.91  ? 130 LEU D CB  1 
ATOM   1221 C CG  . LEU B 2 80 ? 9.344   3.218   4.549   1.00 9.64  ? 130 LEU D CG  1 
ATOM   1222 C CD1 . LEU B 2 80 ? 9.715   2.351   3.375   1.00 9.65  ? 130 LEU D CD1 1 
ATOM   1223 C CD2 . LEU B 2 80 ? 8.361   4.307   4.178   1.00 10.17 ? 130 LEU D CD2 1 
ATOM   1224 N N   . ALA B 2 81 ? 8.346   1.310   8.623   1.00 8.23  ? 131 ALA D N   1 
ATOM   1225 C CA  . ALA B 2 81 ? 7.600   0.399   9.500   1.00 8.41  ? 131 ALA D CA  1 
ATOM   1226 C C   . ALA B 2 81 ? 6.966   1.233   10.618  1.00 7.99  ? 131 ALA D C   1 
ATOM   1227 O O   . ALA B 2 81 ? 5.761   1.065   10.914  1.00 9.59  ? 131 ALA D O   1 
ATOM   1228 C CB  . ALA B 2 81 ? 8.505   -0.663  10.084  1.00 7.63  ? 131 ALA D CB  1 
ATOM   1229 N N   . LYS B 2 82 ? 7.721   2.126   11.244  1.00 9.44  ? 132 LYS D N   1 
ATOM   1230 C CA  . LYS B 2 82 ? 7.188   2.873   12.388  1.00 10.75 ? 132 LYS D CA  1 
ATOM   1231 C C   . LYS B 2 82 ? 5.961   3.678   11.928  1.00 10.41 ? 132 LYS D C   1 
ATOM   1232 O O   . LYS B 2 82 ? 4.934   3.701   12.650  1.00 9.76  ? 132 LYS D O   1 
ATOM   1233 C CB  . LYS B 2 82 ? 8.249   3.832   12.928  1.00 14.13 ? 132 LYS D CB  1 
ATOM   1234 C CG  . LYS B 2 82 ? 7.751   4.686   14.087  1.00 18.36 ? 132 LYS D CG  1 
ATOM   1235 C CD  . LYS B 2 82 ? 8.615   5.903   14.405  1.00 25.95 ? 132 LYS D CD  1 
ATOM   1236 C CE  . LYS B 2 82 ? 7.812   7.008   15.083  1.00 34.23 ? 132 LYS D CE  1 
ATOM   1237 N NZ  . LYS B 2 82 ? 8.033   7.013   16.552  1.00 38.03 ? 132 LYS D NZ  1 
ATOM   1238 N N   . HIS B 2 83 ? 6.079   4.371   10.805  1.00 9.31  ? 133 HIS D N   1 
ATOM   1239 C CA  . HIS B 2 83 ? 4.985   5.243   10.296  1.00 10.03 ? 133 HIS D CA  1 
ATOM   1240 C C   . HIS B 2 83 ? 3.790   4.373   9.849   1.00 8.65  ? 133 HIS D C   1 
ATOM   1241 O O   . HIS B 2 83 ? 2.626   4.729   10.132  1.00 9.81  ? 133 HIS D O   1 
ATOM   1242 C CB  . HIS B 2 83 ? 5.501   6.156   9.194   1.00 11.37 ? 133 HIS D CB  1 
ATOM   1243 C CG  . HIS B 2 83 ? 6.450   7.176   9.744   1.00 15.12 ? 133 HIS D CG  1 
ATOM   1244 N ND1 . HIS B 2 83 ? 6.027   8.253   10.495  1.00 20.37 ? 133 HIS D ND1 1 
ATOM   1245 C CD2 . HIS B 2 83 ? 7.803   7.268   9.694   1.00 18.04 ? 133 HIS D CD2 1 
ATOM   1246 C CE1 . HIS B 2 83 ? 7.094   8.957   10.882  1.00 21.29 ? 133 HIS D CE1 1 
ATOM   1247 N NE2 . HIS B 2 83 ? 8.168   8.389   10.387  1.00 19.11 ? 133 HIS D NE2 1 
ATOM   1248 N N   . ALA B 2 84 ? 4.043   3.239   9.202   1.00 8.25  ? 134 ALA D N   1 
ATOM   1249 C CA  . ALA B 2 84 ? 2.992   2.308   8.737   1.00 7.48  ? 134 ALA D CA  1 
ATOM   1250 C C   . ALA B 2 84 ? 2.201   1.753   9.920   1.00 7.68  ? 134 ALA D C   1 
ATOM   1251 O O   . ALA B 2 84 ? 0.953   1.658   9.864   1.00 7.94  ? 134 ALA D O   1 
ATOM   1252 C CB  . ALA B 2 84 ? 3.590   1.204   7.922   1.00 7.62  ? 134 ALA D CB  1 
ATOM   1253 N N   . VAL B 2 85 ? 2.896   1.385   10.981  1.00 7.52  ? 135 VAL D N   1 
ATOM   1254 C CA  . VAL B 2 85 ? 2.224   0.911   12.204  1.00 8.28  ? 135 VAL D CA  1 
ATOM   1255 C C   . VAL B 2 85 ? 1.334   2.016   12.770  1.00 8.37  ? 135 VAL D C   1 
ATOM   1256 O O   . VAL B 2 85 ? 0.172   1.733   13.221  1.00 8.13  ? 135 VAL D O   1 
ATOM   1257 C CB  . VAL B 2 85 ? 3.278   0.385   13.195  1.00 8.30  ? 135 VAL D CB  1 
ATOM   1258 C CG1 . VAL B 2 85 ? 2.688   0.238   14.576  1.00 9.78  ? 135 VAL D CG1 1 
ATOM   1259 C CG2 . VAL B 2 85 ? 3.837   -0.943  12.714  1.00 9.30  ? 135 VAL D CG2 1 
ATOM   1260 N N   . SER B 2 86 ? 1.854   3.239   12.836  1.00 9.74  ? 136 SER D N   1 
ATOM   1261 C CA  . SER B 2 86 ? 1.076   4.394   13.317  1.00 9.87  ? 136 SER D CA  1 
ATOM   1262 C C   . SER B 2 86 ? -0.220  4.515   12.486  1.00 9.70  ? 136 SER D C   1 
ATOM   1263 O O   . SER B 2 86 ? -1.320  4.703   13.082  1.00 9.21  ? 136 SER D O   1 
ATOM   1264 C CB  . SER B 2 86 ? 1.878   5.631   13.265  1.00 12.05 ? 136 SER D CB  1 
ATOM   1265 O OG  . SER B 2 86 ? 1.083   6.667   13.779  1.00 18.40 ? 136 SER D OG  1 
ATOM   1266 N N   . GLU B 2 87 ? -0.091  4.419   11.160  1.00 8.83  ? 137 GLU D N   1 
ATOM   1267 C CA  . GLU B 2 87 ? -1.249  4.525   10.242  1.00 9.18  ? 137 GLU D CA  1 
ATOM   1268 C C   . GLU B 2 87 ? -2.188  3.341   10.421  1.00 8.34  ? 137 GLU D C   1 
ATOM   1269 O O   . GLU B 2 87 ? -3.426  3.553   10.402  1.00 8.13  ? 137 GLU D O   1 
ATOM   1270 C CB  . GLU B 2 87 ? -0.765  4.681   8.811   1.00 10.98 ? 137 GLU D CB  1 
ATOM   1271 C CG  . GLU B 2 87 ? -0.161  6.039   8.591   1.00 12.72 ? 137 GLU D CG  1 
ATOM   1272 C CD  . GLU B 2 87 ? -1.174  7.167   8.667   1.00 19.56 ? 137 GLU D CD  1 
ATOM   1273 O OE1 . GLU B 2 87 ? -2.221  7.053   8.005   1.00 24.34 ? 137 GLU D OE1 1 
ATOM   1274 O OE2 . GLU B 2 87 ? -0.992  8.048   9.489   1.00 25.07 ? 137 GLU D OE2 1 
ATOM   1275 N N   . GLY B 2 88 ? -1.694  2.120   10.521  1.00 7.45  ? 138 GLY D N   1 
ATOM   1276 C CA  . GLY B 2 88 ? -2.599  0.961   10.669  1.00 7.40  ? 138 GLY D CA  1 
ATOM   1277 C C   . GLY B 2 88 ? -3.328  1.016   12.001  1.00 8.53  ? 138 GLY D C   1 
ATOM   1278 O O   . GLY B 2 88 ? -4.519  0.740   12.059  1.00 8.72  ? 138 GLY D O   1 
ATOM   1279 N N   . THR B 2 89 ? -2.622  1.341   13.083  1.00 9.03  ? 139 THR D N   1 
ATOM   1280 C CA  . THR B 2 89 ? -3.200  1.432   14.431  1.00 9.79  ? 139 THR D CA  1 
ATOM   1281 C C   . THR B 2 89 ? -4.291  2.501   14.387  1.00 9.48  ? 139 THR D C   1 
ATOM   1282 O O   . THR B 2 89 ? -5.400  2.248   14.903  1.00 10.00 ? 139 THR D O   1 
ATOM   1283 C CB  . THR B 2 89 ? -2.125  1.768   15.463  1.00 11.43 ? 139 THR D CB  1 
ATOM   1284 O OG1 . THR B 2 89 ? -1.154  0.707   15.439  1.00 11.62 ? 139 THR D OG1 1 
ATOM   1285 C CG2 . THR B 2 89 ? -2.744  1.900   16.835  1.00 12.33 ? 139 THR D CG2 1 
ATOM   1286 N N   . LYS B 2 90 ? -3.979  3.651   13.795  1.00 9.15  ? 140 LYS D N   1 
ATOM   1287 C CA  . LYS B 2 90 ? -4.940  4.782   13.714  1.00 9.50  ? 140 LYS D CA  1 
ATOM   1288 C C   . LYS B 2 90 ? -6.210  4.326   12.987  1.00 9.19  ? 140 LYS D C   1 
ATOM   1289 O O   . LYS B 2 90 ? -7.329  4.583   13.482  1.00 9.36  ? 140 LYS D O   1 
ATOM   1290 C CB  . LYS B 2 90 ? -4.343  5.982   12.982  1.00 11.74 ? 140 LYS D CB  1 
ATOM   1291 C CG  . LYS B 2 90 ? -5.340  7.134   12.802  1.00 14.47 ? 140 LYS D CG  1 
ATOM   1292 C CD  . LYS B 2 90 ? -4.689  8.437   12.418  1.00 19.50 ? 140 LYS D CD  1 
ATOM   1293 C CE  . LYS B 2 90 ? -4.154  8.396   11.021  1.00 24.65 ? 140 LYS D CE  1 
ATOM   1294 N NZ  . LYS B 2 90 ? -3.084  9.411   10.813  1.00 31.16 ? 140 LYS D NZ  1 
ATOM   1295 N N   . ALA B 2 91 ? -6.074  3.635   11.842  1.00 8.11  ? 141 ALA D N   1 
ATOM   1296 C CA  . ALA B 2 91 ? -7.249  3.243   11.038  1.00 8.02  ? 141 ALA D CA  1 
ATOM   1297 C C   . ALA B 2 91 ? -8.113  2.269   11.857  1.00 7.95  ? 141 ALA D C   1 
ATOM   1298 O O   . ALA B 2 91 ? -9.317  2.319   11.793  1.00 8.64  ? 141 ALA D O   1 
ATOM   1299 C CB  . ALA B 2 91 ? -6.763  2.617   9.735   1.00 8.04  ? 141 ALA D CB  1 
ATOM   1300 N N   . VAL B 2 92 ? -7.508  1.283   12.538  1.00 8.13  ? 142 VAL D N   1 
ATOM   1301 C CA  . VAL B 2 92 ? -8.277  0.261   13.281  1.00 9.05  ? 142 VAL D CA  1 
ATOM   1302 C C   . VAL B 2 92 ? -8.993  0.975   14.444  1.00 8.95  ? 142 VAL D C   1 
ATOM   1303 O O   . VAL B 2 92 ? -10.158 0.682   14.704  1.00 9.91  ? 142 VAL D O   1 
ATOM   1304 C CB  . VAL B 2 92 ? -7.374  -0.883  13.742  1.00 9.54  ? 142 VAL D CB  1 
ATOM   1305 C CG1 . VAL B 2 92 ? -8.123  -1.782  14.702  1.00 11.51 ? 142 VAL D CG1 1 
ATOM   1306 C CG2 . VAL B 2 92 ? -6.878  -1.733  12.581  1.00 9.00  ? 142 VAL D CG2 1 
ATOM   1307 N N   . THR B 2 93 ? -8.314  1.920   15.090  1.00 9.83  ? 143 THR D N   1 
ATOM   1308 C CA  . THR B 2 93 ? -8.916  2.721   16.205  1.00 10.19 ? 143 THR D CA  1 
ATOM   1309 C C   . THR B 2 93 ? -10.106 3.521   15.675  1.00 10.12 ? 143 THR D C   1 
ATOM   1310 O O   . THR B 2 93 ? -11.182 3.490   16.306  1.00 10.96 ? 143 THR D O   1 
ATOM   1311 C CB  . THR B 2 93 ? -7.874  3.648   16.841  1.00 11.11 ? 143 THR D CB  1 
ATOM   1312 O OG1 . THR B 2 93 ? -6.890  2.815   17.436  1.00 12.46 ? 143 THR D OG1 1 
ATOM   1313 C CG2 . THR B 2 93 ? -8.485  4.552   17.882  1.00 12.92 ? 143 THR D CG2 1 
ATOM   1314 N N   . LYS B 2 94 ? -9.980  4.185   14.534  1.00 10.02 ? 144 LYS D N   1 
ATOM   1315 C CA  . LYS B 2 94 ? -11.074 4.956   13.910  1.00 11.10 ? 144 LYS D CA  1 
ATOM   1316 C C   . LYS B 2 94 ? -12.197 3.998   13.531  1.00 11.52 ? 144 LYS D C   1 
ATOM   1317 O O   . LYS B 2 94 ? -13.355 4.293   13.827  1.00 11.43 ? 144 LYS D O   1 
ATOM   1318 C CB  . LYS B 2 94 ? -10.642 5.719   12.675  1.00 12.91 ? 144 LYS D CB  1 
ATOM   1319 C CG  . LYS B 2 94 ? -9.763  6.908   13.015  1.00 14.71 ? 144 LYS D CG  1 
ATOM   1320 C CD  . LYS B 2 94 ? -9.191  7.580   11.817  1.00 17.12 ? 144 LYS D CD  1 
ATOM   1321 C CE  . LYS B 2 94 ? -10.258 8.121   10.921  1.00 20.00 ? 144 LYS D CE  1 
ATOM   1322 N NZ  . LYS B 2 94 ? -10.780 9.381   11.474  1.00 21.86 ? 144 LYS D NZ  1 
ATOM   1323 N N   . PHE B 2 95 ? -11.873 2.876   12.914  1.00 11.26 ? 145 PHE D N   1 
ATOM   1324 C CA  . PHE B 2 95 ? -12.907 1.882   12.563  1.00 11.89 ? 145 PHE D CA  1 
ATOM   1325 C C   . PHE B 2 95 ? -13.679 1.449   13.816  1.00 12.39 ? 145 PHE D C   1 
ATOM   1326 O O   . PHE B 2 95 ? -14.930 1.385   13.744  1.00 13.97 ? 145 PHE D O   1 
ATOM   1327 C CB  . PHE B 2 95 ? -12.243 0.686   11.891  1.00 11.79 ? 145 PHE D CB  1 
ATOM   1328 C CG  . PHE B 2 95 ? -13.125 -0.496  11.630  1.00 12.54 ? 145 PHE D CG  1 
ATOM   1329 C CD1 . PHE B 2 95 ? -14.078 -0.479  10.625  1.00 15.57 ? 145 PHE D CD1 1 
ATOM   1330 C CD2 . PHE B 2 95 ? -12.909 -1.660  12.334  1.00 14.14 ? 145 PHE D CD2 1 
ATOM   1331 C CE1 . PHE B 2 95 ? -14.821 -1.624  10.359  1.00 16.16 ? 145 PHE D CE1 1 
ATOM   1332 C CE2 . PHE B 2 95 ? -13.630 -2.803  12.044  1.00 15.26 ? 145 PHE D CE2 1 
ATOM   1333 C CZ  . PHE B 2 95 ? -14.611 -2.750  11.096  1.00 16.99 ? 145 PHE D CZ  1 
ATOM   1334 N N   . THR B 2 96 ? -12.968 1.102   14.895  1.00 12.82 ? 146 THR D N   1 
ATOM   1335 C CA  . THR B 2 96 ? -13.591 0.542   16.124  1.00 15.33 ? 146 THR D CA  1 
ATOM   1336 C C   . THR B 2 96 ? -14.476 1.622   16.801  1.00 15.75 ? 146 THR D C   1 
ATOM   1337 O O   . THR B 2 96 ? -15.491 1.270   17.452  1.00 15.68 ? 146 THR D O   1 
ATOM   1338 C CB  . THR B 2 96 ? -12.487 -0.042  17.006  1.00 17.65 ? 146 THR D CB  1 
ATOM   1339 O OG1 . THR B 2 96 ? -11.889 -1.053  16.191  1.00 21.57 ? 146 THR D OG1 1 
ATOM   1340 C CG2 . THR B 2 96 ? -13.027 -0.607  18.301  1.00 21.45 ? 146 THR D CG2 1 
ATOM   1341 N N   . SER B 2 97 ? -14.183 2.893   16.629  1.00 15.55 ? 147 SER D N   1 
ATOM   1342 C CA  . SER B 2 97 ? -14.896 4.024   17.285  1.00 18.44 ? 147 SER D CA  1 
ATOM   1343 C C   . SER B 2 97 ? -15.991 4.610   16.366  1.00 20.08 ? 147 SER D C   1 
ATOM   1344 O O   . SER B 2 97 ? -16.701 5.556   16.766  1.00 21.17 ? 147 SER D O   1 
ATOM   1345 C CB  . SER B 2 97 ? -13.906 5.046   17.731  1.00 21.38 ? 147 SER D CB  1 
ATOM   1346 O OG  . SER B 2 97 ? -13.467 5.789   16.614  1.00 25.80 ? 147 SER D OG  1 
ATOM   1347 N N   . SER B 2 98 ? -16.172 4.096   15.155  1.00 19.47 ? 148 SER D N   1 
ATOM   1348 C CA  . SER B 2 98 ? -17.106 4.693   14.171  1.00 21.34 ? 148 SER D CA  1 
ATOM   1349 C C   . SER B 2 98 ? -18.557 4.413   14.633  1.00 26.51 ? 148 SER D C   1 
ATOM   1350 O O   . SER B 2 98 ? -18.831 3.505   15.463  1.00 28.09 ? 148 SER D O   1 
ATOM   1351 C CB  . SER B 2 98 ? -16.809 4.164   12.784  1.00 21.34 ? 148 SER D CB  1 
ATOM   1352 O OG  . SER B 2 98 ? -16.995 2.764   12.739  1.00 22.51 ? 148 SER D OG  1 
ATOM   1353 N N   . ASP C 3 1  ? 3.286   3.397   -26.632 1.00 65.75 ? 226 ASP A N   1 
ATOM   1354 C CA  . ASP C 3 1  ? 1.922   2.992   -27.093 1.00 66.78 ? 226 ASP A CA  1 
ATOM   1355 C C   . ASP C 3 1  ? 0.922   3.271   -25.962 1.00 66.12 ? 226 ASP A C   1 
ATOM   1356 O O   . ASP C 3 1  ? 0.843   4.446   -25.523 1.00 68.35 ? 226 ASP A O   1 
ATOM   1357 C CB  . ASP C 3 1  ? 1.913   1.530   -27.558 1.00 66.82 ? 226 ASP A CB  1 
ATOM   1358 N N   . ALA C 3 2  ? 0.191   2.237   -25.519 1.00 63.54 ? 227 ALA A N   1 
ATOM   1359 C CA  . ALA C 3 2  ? -0.704  2.237   -24.333 1.00 59.99 ? 227 ALA A CA  1 
ATOM   1360 C C   . ALA C 3 2  ? 0.033   2.834   -23.122 1.00 51.23 ? 227 ALA A C   1 
ATOM   1361 O O   . ALA C 3 2  ? -0.536  3.730   -22.478 1.00 48.15 ? 227 ALA A O   1 
ATOM   1362 C CB  . ALA C 3 2  ? -1.185  0.826   -24.050 1.00 58.95 ? 227 ALA A CB  1 
ATOM   1363 N N   . ASP C 3 3  ? 1.263   2.362   -22.866 1.00 47.36 ? 228 ASP A N   1 
ATOM   1364 C CA  . ASP C 3 3  ? 2.165   2.750   -21.743 1.00 41.52 ? 228 ASP A CA  1 
ATOM   1365 C C   . ASP C 3 3  ? 2.268   4.286   -21.620 1.00 37.51 ? 228 ASP A C   1 
ATOM   1366 O O   . ASP C 3 3  ? 2.176   4.824   -20.443 1.00 22.03 ? 228 ASP A O   1 
ATOM   1367 C CB  . ASP C 3 3  ? 3.555   2.114   -21.927 1.00 43.15 ? 228 ASP A CB  1 
ATOM   1368 C CG  . ASP C 3 3  ? 3.638   0.647   -21.522 1.00 50.10 ? 228 ASP A CG  1 
ATOM   1369 O OD1 . ASP C 3 3  ? 2.602   0.079   -21.058 1.00 53.73 ? 228 ASP A OD1 1 
ATOM   1370 O OD2 . ASP C 3 3  ? 4.732   0.073   -21.660 1.00 45.38 ? 228 ASP A OD2 1 
ATOM   1371 N N   . GLU C 3 4  ? 2.440   4.957   -22.774 1.00 32.10 ? 229 GLU A N   1 
ATOM   1372 C CA  . GLU C 3 4  ? 2.815   6.398   -22.904 1.00 35.56 ? 229 GLU A CA  1 
ATOM   1373 C C   . GLU C 3 4  ? 1.586   7.308   -22.727 1.00 28.07 ? 229 GLU A C   1 
ATOM   1374 O O   . GLU C 3 4  ? 1.756   8.500   -22.426 1.00 27.21 ? 229 GLU A O   1 
ATOM   1375 C CB  . GLU C 3 4  ? 3.426   6.647   -24.287 1.00 41.43 ? 229 GLU A CB  1 
ATOM   1376 C CG  . GLU C 3 4  ? 4.840   7.185   -24.229 1.00 55.60 ? 229 GLU A CG  1 
ATOM   1377 C CD  . GLU C 3 4  ? 4.960   8.465   -23.423 1.00 68.61 ? 229 GLU A CD  1 
ATOM   1378 O OE1 . GLU C 3 4  ? 5.479   8.395   -22.283 1.00 79.59 ? 229 GLU A OE1 1 
ATOM   1379 O OE2 . GLU C 3 4  ? 4.525   9.525   -23.933 1.00 79.00 ? 229 GLU A OE2 1 
ATOM   1380 N N   . GLU C 3 5  ? 0.393   6.786   -22.982 1.00 25.64 ? 230 GLU A N   1 
ATOM   1381 C CA  . GLU C 3 5  ? -0.881  7.494   -22.728 1.00 25.44 ? 230 GLU A CA  1 
ATOM   1382 C C   . GLU C 3 5  ? -1.021  7.754   -21.222 1.00 22.03 ? 230 GLU A C   1 
ATOM   1383 O O   . GLU C 3 5  ? -0.329  7.103   -20.417 1.00 17.08 ? 230 GLU A O   1 
ATOM   1384 C CB  . GLU C 3 5  ? -2.083  6.675   -23.214 1.00 32.71 ? 230 GLU A CB  1 
ATOM   1385 C CG  . GLU C 3 5  ? -2.150  6.542   -24.735 1.00 39.22 ? 230 GLU A CG  1 
ATOM   1386 C CD  . GLU C 3 5  ? -2.248  7.858   -25.501 1.00 45.34 ? 230 GLU A CD  1 
ATOM   1387 O OE1 . GLU C 3 5  ? -3.073  8.714   -25.131 1.00 50.24 ? 230 GLU A OE1 1 
ATOM   1388 O OE2 . GLU C 3 5  ? -1.503  8.029   -26.486 1.00 55.75 ? 230 GLU A OE2 1 
ATOM   1389 N N   . ASP C 3 6  ? -1.837  8.738   -20.904 1.00 19.07 ? 231 ASP A N   1 
ATOM   1390 C CA  . ASP C 3 6  ? -2.240  9.048   -19.514 1.00 19.35 ? 231 ASP A CA  1 
ATOM   1391 C C   . ASP C 3 6  ? -3.037  7.873   -18.994 1.00 18.82 ? 231 ASP A C   1 
ATOM   1392 O O   . ASP C 3 6  ? -3.803  7.227   -19.764 1.00 19.58 ? 231 ASP A O   1 
ATOM   1393 C CB  . ASP C 3 6  ? -3.085  10.316  -19.405 1.00 21.61 ? 231 ASP A CB  1 
ATOM   1394 C CG  . ASP C 3 6  ? -2.347  11.567  -19.839 1.00 27.32 ? 231 ASP A CG  1 
ATOM   1395 O OD1 . ASP C 3 6  ? -1.147  11.691  -19.543 1.00 28.43 ? 231 ASP A OD1 1 
ATOM   1396 O OD2 . ASP C 3 6  ? -2.981  12.414  -20.478 1.00 35.45 ? 231 ASP A OD2 1 
ATOM   1397 N N   . PHE C 3 7  ? -2.954  7.642   -17.697 1.00 14.73 ? 232 PHE A N   1 
ATOM   1398 C CA  . PHE C 3 7  ? -3.846  6.644   -17.057 1.00 13.75 ? 232 PHE A CA  1 
ATOM   1399 C C   . PHE C 3 7  ? -5.318  7.073   -17.242 1.00 15.04 ? 232 PHE A C   1 
ATOM   1400 O O   . PHE C 3 7  ? -6.245  6.273   -17.504 1.00 16.97 ? 232 PHE A O   1 
ATOM   1401 C CB  . PHE C 3 7  ? -3.508  6.503   -15.576 1.00 12.62 ? 232 PHE A CB  1 
ATOM   1402 C CG  . PHE C 3 7  ? -4.522  5.745   -14.767 1.00 11.07 ? 232 PHE A CG  1 
ATOM   1403 C CD1 . PHE C 3 7  ? -4.737  4.417   -14.988 1.00 11.14 ? 232 PHE A CD1 1 
ATOM   1404 C CD2 . PHE C 3 7  ? -5.269  6.405   -13.787 1.00 10.10 ? 232 PHE A CD2 1 
ATOM   1405 C CE1 . PHE C 3 7  ? -5.701  3.739   -14.265 1.00 10.62 ? 232 PHE A CE1 1 
ATOM   1406 C CE2 . PHE C 3 7  ? -6.210  5.721   -13.040 1.00 11.04 ? 232 PHE A CE2 1 
ATOM   1407 C CZ  . PHE C 3 7  ? -6.403  4.374   -13.280 1.00 9.94  ? 232 PHE A CZ  1 
ATOM   1408 O OXT . PHE C 3 7  ? -5.567  8.236   -17.072 1.00 16.49 ? 232 PHE A OXT 1 
HETATM 1409 O O   . HOH D 4 .  ? 2.870   8.731   3.193   1.00 25.10 ? 201 HOH C O   1 
HETATM 1410 O O   . HOH D 4 .  ? 6.845   8.686   5.813   1.00 35.11 ? 202 HOH C O   1 
HETATM 1411 O O   . HOH D 4 .  ? -6.307  -16.060 4.844   1.00 23.96 ? 203 HOH C O   1 
HETATM 1412 O O   . HOH D 4 .  ? -10.480 -25.777 11.686  1.00 21.98 ? 204 HOH C O   1 
HETATM 1413 O O   . HOH D 4 .  ? 13.320  -4.469  -11.335 1.00 19.68 ? 205 HOH C O   1 
HETATM 1414 O O   . HOH D 4 .  ? -14.685 7.047   11.494  1.00 28.94 ? 206 HOH C O   1 
HETATM 1415 O O   . HOH D 4 .  ? 15.987  1.916   8.810   1.00 28.76 ? 207 HOH C O   1 
HETATM 1416 O O   . HOH D 4 .  ? -7.128  6.460   9.187   1.00 14.42 ? 208 HOH C O   1 
HETATM 1417 O O   . HOH D 4 .  ? 13.504  14.618  -11.241 1.00 18.62 ? 209 HOH C O   1 
HETATM 1418 O O   . HOH D 4 .  ? 7.432   16.321  -0.413  1.00 26.98 ? 210 HOH C O   1 
HETATM 1419 O O   . HOH D 4 .  ? 11.446  26.376  -18.098 1.00 24.49 ? 211 HOH C O   1 
HETATM 1420 O O   . HOH D 4 .  ? 10.757  -3.039  -8.150  1.00 20.42 ? 212 HOH C O   1 
HETATM 1421 O O   . HOH D 4 .  ? 16.195  5.011   7.503   1.00 31.47 ? 213 HOH C O   1 
HETATM 1422 O O   . HOH D 4 .  ? 11.755  12.526  -5.104  1.00 20.35 ? 214 HOH C O   1 
HETATM 1423 O O   . HOH D 4 .  ? -11.306 -21.794 7.208   1.00 36.52 ? 215 HOH C O   1 
HETATM 1424 O O   . HOH D 4 .  ? -13.134 5.325   1.071   1.00 25.74 ? 216 HOH C O   1 
HETATM 1425 O O   . HOH D 4 .  ? -11.734 5.419   -2.106  1.00 22.80 ? 217 HOH C O   1 
HETATM 1426 O O   . HOH D 4 .  ? 13.382  10.050  -3.487  1.00 18.31 ? 218 HOH C O   1 
HETATM 1427 O O   . HOH D 4 .  ? -9.830  -19.187 -2.340  1.00 30.06 ? 219 HOH C O   1 
HETATM 1428 O O   . HOH D 4 .  ? -13.965 8.753   6.062   1.00 35.08 ? 220 HOH C O   1 
HETATM 1429 O O   . HOH D 4 .  ? 15.189  7.328   -13.468 1.00 28.79 ? 221 HOH C O   1 
HETATM 1430 O O   . HOH D 4 .  ? -4.467  7.467   4.835   1.00 21.41 ? 222 HOH C O   1 
HETATM 1431 O O   . HOH D 4 .  ? -4.211  8.890   1.715   1.00 18.30 ? 223 HOH C O   1 
HETATM 1432 O O   . HOH D 4 .  ? -7.615  8.618   3.524   1.00 20.40 ? 224 HOH C O   1 
HETATM 1433 O O   . HOH D 4 .  ? -16.613 -8.779  10.661  1.00 50.23 ? 225 HOH C O   1 
HETATM 1434 O O   . HOH D 4 .  ? -5.644  -13.692 -2.701  1.00 27.00 ? 226 HOH C O   1 
HETATM 1435 O O   . HOH D 4 .  ? 2.831   11.160  1.472   1.00 19.12 ? 227 HOH C O   1 
HETATM 1436 O O   . HOH D 4 .  ? 15.499  1.327   -6.413  1.00 23.68 ? 228 HOH C O   1 
HETATM 1437 O O   . HOH D 4 .  ? 10.316  -2.696  -12.326 1.00 28.99 ? 229 HOH C O   1 
HETATM 1438 O O   . HOH D 4 .  ? -12.444 -14.264 -0.382  1.00 20.61 ? 230 HOH C O   1 
HETATM 1439 O O   . HOH D 4 .  ? 13.303  -5.680  1.850   1.00 33.33 ? 231 HOH C O   1 
HETATM 1440 O O   . HOH D 4 .  ? -12.581 7.670   3.910   1.00 25.16 ? 232 HOH C O   1 
HETATM 1441 O O   . HOH D 4 .  ? 13.890  10.186  -0.686  1.00 22.89 ? 233 HOH C O   1 
HETATM 1442 O O   . HOH D 4 .  ? 18.150  3.661   5.805   1.00 30.56 ? 234 HOH C O   1 
HETATM 1443 O O   . HOH D 4 .  ? 17.428  7.694   1.599   1.00 25.45 ? 235 HOH C O   1 
HETATM 1444 O O   . HOH D 4 .  ? 9.959   19.017  -19.663 1.00 23.41 ? 236 HOH C O   1 
HETATM 1445 O O   . HOH D 4 .  ? 11.772  5.991   5.216   1.00 26.94 ? 237 HOH C O   1 
HETATM 1446 O O   . HOH D 4 .  ? -12.700 2.965   -0.629  1.00 36.60 ? 238 HOH C O   1 
HETATM 1447 O O   . HOH D 4 .  ? -2.967  5.260   5.779   1.00 13.19 ? 239 HOH C O   1 
HETATM 1448 O O   . HOH D 4 .  ? 16.834  -3.428  -3.200  1.00 39.79 ? 240 HOH C O   1 
HETATM 1449 O O   . HOH D 4 .  ? 5.716   21.224  -17.721 1.00 39.61 ? 241 HOH C O   1 
HETATM 1450 O O   . HOH D 4 .  ? 5.341   17.301  -2.020  1.00 19.92 ? 242 HOH C O   1 
HETATM 1451 O O   . HOH D 4 .  ? 11.185  6.519   2.847   1.00 32.68 ? 243 HOH C O   1 
HETATM 1452 O O   . HOH D 4 .  ? 15.807  0.425   -16.330 1.00 29.42 ? 244 HOH C O   1 
HETATM 1453 O O   . HOH D 4 .  ? 22.580  4.967   5.541   1.00 20.27 ? 245 HOH C O   1 
HETATM 1454 O O   . HOH D 4 .  ? 9.581   6.849   -18.224 1.00 10.26 ? 246 HOH C O   1 
HETATM 1455 O O   . HOH D 4 .  ? -8.689  -17.314 5.284   1.00 29.71 ? 247 HOH C O   1 
HETATM 1456 O O   . HOH D 4 .  ? -12.384 -15.187 7.652   1.00 22.11 ? 248 HOH C O   1 
HETATM 1457 O O   . HOH D 4 .  ? 11.716  11.800  -17.480 1.00 30.15 ? 249 HOH C O   1 
HETATM 1458 O O   . HOH D 4 .  ? 17.105  0.089   -12.136 1.00 34.46 ? 250 HOH C O   1 
HETATM 1459 O O   . HOH D 4 .  ? -14.676 -10.526 3.093   1.00 32.42 ? 251 HOH C O   1 
HETATM 1460 O O   . HOH D 4 .  ? -2.439  -21.113 1.271   1.00 22.70 ? 252 HOH C O   1 
HETATM 1461 O O   . HOH D 4 .  ? 14.960  6.267   3.251   1.00 20.09 ? 253 HOH C O   1 
HETATM 1462 O O   . HOH D 4 .  ? 11.440  14.520  -3.053  1.00 21.60 ? 254 HOH C O   1 
HETATM 1463 O O   . HOH D 4 .  ? 14.838  2.262   -8.798  1.00 20.06 ? 255 HOH C O   1 
HETATM 1464 O O   . HOH D 4 .  ? -19.922 1.302   12.623  1.00 30.78 ? 256 HOH C O   1 
HETATM 1465 O O   . HOH D 4 .  ? 4.345   16.156  -18.415 1.00 22.02 ? 257 HOH C O   1 
HETATM 1466 O O   . HOH D 4 .  ? -13.346 -10.479 13.907  1.00 28.79 ? 258 HOH C O   1 
HETATM 1467 O O   . HOH D 4 .  ? -13.772 -2.531  -0.902  1.00 17.38 ? 259 HOH C O   1 
HETATM 1468 O O   . HOH D 4 .  ? -4.413  -21.488 10.043  1.00 26.61 ? 260 HOH C O   1 
HETATM 1469 O O   . HOH D 4 .  ? -14.516 -1.084  2.071   1.00 14.31 ? 261 HOH C O   1 
HETATM 1470 O O   . HOH D 4 .  ? 14.289  14.421  -8.498  1.00 22.40 ? 262 HOH C O   1 
HETATM 1471 O O   . HOH D 4 .  ? -12.663 -9.155  7.475   1.00 28.67 ? 263 HOH C O   1 
HETATM 1472 O O   . HOH D 4 .  ? 10.610  8.874   -19.652 1.00 33.52 ? 264 HOH C O   1 
HETATM 1473 O O   . HOH D 4 .  ? 12.930  -6.385  -3.254  1.00 42.52 ? 265 HOH C O   1 
HETATM 1474 O O   . HOH D 4 .  ? -12.544 -16.808 0.117   1.00 27.01 ? 266 HOH C O   1 
HETATM 1475 O O   . HOH D 4 .  ? 1.694   15.595  -19.678 1.00 40.57 ? 267 HOH C O   1 
HETATM 1476 O O   . HOH D 4 .  ? 16.959  0.731   4.496   1.00 27.80 ? 268 HOH C O   1 
HETATM 1477 O O   . HOH D 4 .  ? 14.829  -6.290  -10.784 1.00 29.75 ? 269 HOH C O   1 
HETATM 1478 O O   . HOH D 4 .  ? 9.772   7.674   5.992   1.00 40.49 ? 270 HOH C O   1 
HETATM 1479 O O   . HOH D 4 .  ? 16.452  18.349  -10.619 1.00 24.58 ? 271 HOH C O   1 
HETATM 1480 O O   . HOH D 4 .  ? 17.303  2.069   -10.623 1.00 29.46 ? 272 HOH C O   1 
HETATM 1481 O O   . HOH D 4 .  ? 9.092   -1.937  -10.174 1.00 20.76 ? 273 HOH C O   1 
HETATM 1482 O O   . HOH D 4 .  ? 12.184  14.575  -0.531  1.00 40.29 ? 274 HOH C O   1 
HETATM 1483 O O   . HOH D 4 .  ? 9.254   4.409   -19.551 1.00 28.37 ? 275 HOH C O   1 
HETATM 1484 O O   . HOH E 4 .  ? 6.799   -4.622  -8.420  1.00 24.40 ? 201 HOH D O   1 
HETATM 1485 O O   . HOH E 4 .  ? 3.458   -7.584  -8.691  1.00 35.35 ? 202 HOH D O   1 
HETATM 1486 O O   . HOH E 4 .  ? -17.308 6.932   18.723  1.00 39.53 ? 203 HOH D O   1 
HETATM 1487 O O   . HOH E 4 .  ? -4.974  3.932   18.529  1.00 28.75 ? 204 HOH D O   1 
HETATM 1488 O O   . HOH E 4 .  ? 7.617   -14.079 5.024   1.00 22.97 ? 205 HOH D O   1 
HETATM 1489 O O   . HOH E 4 .  ? 0.309   7.935   11.701  1.00 34.66 ? 206 HOH D O   1 
HETATM 1490 O O   . HOH E 4 .  ? 12.320  -4.313  3.562   1.00 26.84 ? 207 HOH D O   1 
HETATM 1491 O O   . HOH E 4 .  ? 4.570   5.990   -19.466 1.00 14.82 ? 208 HOH D O   1 
HETATM 1492 O O   . HOH E 4 .  ? -3.951  2.064   -17.958 1.00 20.16 ? 209 HOH D O   1 
HETATM 1493 O O   . HOH E 4 .  ? 4.277   -17.816 4.383   1.00 34.58 ? 210 HOH D O   1 
HETATM 1494 O O   . HOH E 4 .  ? -6.849  16.887  -4.948  1.00 17.15 ? 211 HOH D O   1 
HETATM 1495 O O   . HOH E 4 .  ? 4.600   3.169   15.271  1.00 12.36 ? 212 HOH D O   1 
HETATM 1496 O O   . HOH E 4 .  ? 7.066   -12.059 3.199   1.00 21.25 ? 213 HOH D O   1 
HETATM 1497 O O   . HOH E 4 .  ? -0.924  -19.362 9.069   1.00 21.45 ? 214 HOH D O   1 
HETATM 1498 O O   . HOH E 4 .  ? 0.229   0.539   -19.182 1.00 30.98 ? 215 HOH D O   1 
HETATM 1499 O O   . HOH E 4 .  ? -1.548  5.608   15.645  1.00 17.71 ? 216 HOH D O   1 
HETATM 1500 O O   . HOH E 4 .  ? -8.024  -5.319  15.276  1.00 28.85 ? 217 HOH D O   1 
HETATM 1501 O O   . HOH E 4 .  ? -1.936  -20.547 11.187  1.00 23.27 ? 218 HOH D O   1 
HETATM 1502 O O   . HOH E 4 .  ? 7.156   -4.079  -17.837 1.00 22.36 ? 219 HOH D O   1 
HETATM 1503 O O   . HOH E 4 .  ? -8.442  12.347  -3.716  1.00 14.00 ? 220 HOH D O   1 
HETATM 1504 O O   . HOH E 4 .  ? -6.100  10.758  4.182   1.00 28.59 ? 221 HOH D O   1 
HETATM 1505 O O   . HOH E 4 .  ? 3.155   15.807  -1.608  1.00 12.24 ? 222 HOH D O   1 
HETATM 1506 O O   . HOH E 4 .  ? -3.181  -7.613  -3.817  1.00 21.78 ? 223 HOH D O   1 
HETATM 1507 O O   . HOH E 4 .  ? -13.833 8.767   -3.092  1.00 26.87 ? 224 HOH D O   1 
HETATM 1508 O O   . HOH E 4 .  ? -5.996  0.186   17.145  1.00 22.22 ? 225 HOH D O   1 
HETATM 1509 O O   . HOH E 4 .  ? -4.986  17.425  -0.915  1.00 14.08 ? 226 HOH D O   1 
HETATM 1510 O O   . HOH E 4 .  ? -13.748 8.439   17.475  1.00 32.77 ? 227 HOH D O   1 
HETATM 1511 O O   . HOH E 4 .  ? -2.394  1.565   -15.749 1.00 11.47 ? 228 HOH D O   1 
HETATM 1512 O O   . HOH E 4 .  ? -4.526  5.458   8.659   1.00 13.76 ? 229 HOH D O   1 
HETATM 1513 O O   . HOH E 4 .  ? 3.694   -6.281  16.983  1.00 14.85 ? 230 HOH D O   1 
HETATM 1514 O O   . HOH E 4 .  ? 1.281   -6.956  17.015  1.00 26.44 ? 231 HOH D O   1 
HETATM 1515 O O   . HOH E 4 .  ? 0.629   0.591   17.628  1.00 27.40 ? 232 HOH D O   1 
HETATM 1516 O O   . HOH E 4 .  ? 1.938   18.928  -4.610  1.00 18.75 ? 233 HOH D O   1 
HETATM 1517 O O   . HOH E 4 .  ? -4.725  13.813  -13.602 1.00 28.23 ? 234 HOH D O   1 
HETATM 1518 O O   . HOH E 4 .  ? -0.126  -3.440  -12.436 1.00 13.99 ? 235 HOH D O   1 
HETATM 1519 O O   . HOH E 4 .  ? 5.493   -10.224 -3.196  1.00 27.32 ? 236 HOH D O   1 
HETATM 1520 O O   . HOH E 4 .  ? -11.500 2.961   19.096  1.00 24.73 ? 237 HOH D O   1 
HETATM 1521 O O   . HOH E 4 .  ? -13.957 -1.765  -3.585  1.00 31.24 ? 238 HOH D O   1 
HETATM 1522 O O   . HOH E 4 .  ? -5.665  17.492  -11.520 1.00 32.95 ? 239 HOH D O   1 
HETATM 1523 O O   . HOH E 4 .  ? -2.207  -2.013  16.846  1.00 21.79 ? 240 HOH D O   1 
HETATM 1524 O O   . HOH E 4 .  ? 15.491  -1.167  8.551   1.00 15.78 ? 241 HOH D O   1 
HETATM 1525 O O   . HOH E 4 .  ? 8.006   -4.119  -5.330  1.00 17.13 ? 242 HOH D O   1 
HETATM 1526 O O   . HOH E 4 .  ? -5.600  -0.921  -16.150 1.00 27.13 ? 243 HOH D O   1 
HETATM 1527 O O   . HOH E 4 .  ? -3.312  11.596  -15.005 1.00 28.50 ? 244 HOH D O   1 
HETATM 1528 O O   . HOH E 4 .  ? -8.890  0.331   -10.300 1.00 17.67 ? 245 HOH D O   1 
HETATM 1529 O O   . HOH E 4 .  ? 3.381   -2.451  -14.734 1.00 30.25 ? 246 HOH D O   1 
HETATM 1530 O O   . HOH E 4 .  ? -4.129  -5.686  -9.277  1.00 21.01 ? 247 HOH D O   1 
HETATM 1531 O O   . HOH E 4 .  ? 6.382   -2.305  -9.736  1.00 13.57 ? 248 HOH D O   1 
HETATM 1532 O O   . HOH E 4 .  ? 6.494   0.514   15.638  1.00 20.09 ? 249 HOH D O   1 
HETATM 1533 O O   . HOH E 4 .  ? 13.305  -7.487  10.599  1.00 27.04 ? 250 HOH D O   1 
HETATM 1534 O O   . HOH E 4 .  ? 4.650   7.777   13.293  1.00 32.20 ? 251 HOH D O   1 
HETATM 1535 O O   . HOH E 4 .  ? -1.651  17.467  -14.547 1.00 48.05 ? 252 HOH D O   1 
HETATM 1536 O O   . HOH E 4 .  ? -7.146  17.310  -7.739  1.00 25.08 ? 253 HOH D O   1 
HETATM 1537 O O   . HOH E 4 .  ? -8.441  -8.511  13.631  1.00 11.19 ? 254 HOH D O   1 
HETATM 1538 O O   . HOH E 4 .  ? -1.187  9.535   13.645  1.00 50.16 ? 255 HOH D O   1 
HETATM 1539 O O   . HOH E 4 .  ? -5.808  -7.921  16.918  1.00 33.72 ? 256 HOH D O   1 
HETATM 1540 O O   . HOH E 4 .  ? 2.473   8.398   10.492  1.00 39.41 ? 257 HOH D O   1 
HETATM 1541 O O   . HOH E 4 .  ? -13.772 2.615   20.375  1.00 31.86 ? 258 HOH D O   1 
HETATM 1542 O O   . HOH E 4 .  ? -8.779  -0.484  18.052  1.00 33.00 ? 259 HOH D O   1 
HETATM 1543 O O   . HOH E 4 .  ? 6.075   -3.280  -12.246 1.00 19.61 ? 260 HOH D O   1 
HETATM 1544 O O   . HOH E 4 .  ? 5.903   -6.514  -11.289 1.00 32.60 ? 261 HOH D O   1 
HETATM 1545 O O   . HOH E 4 .  ? -8.775  1.562   -12.704 1.00 30.82 ? 262 HOH D O   1 
HETATM 1546 O O   . HOH E 4 .  ? -6.162  -4.007  16.875  1.00 27.79 ? 263 HOH D O   1 
HETATM 1547 O O   . HOH E 4 .  ? 0.901   -1.263  -17.113 1.00 30.11 ? 264 HOH D O   1 
HETATM 1548 O O   . HOH E 4 .  ? 9.363   -5.161  -9.322  1.00 31.99 ? 265 HOH D O   1 
HETATM 1549 O O   . HOH E 4 .  ? 6.129   -12.366 -1.823  1.00 35.57 ? 266 HOH D O   1 
HETATM 1550 O O   . HOH E 4 .  ? -8.358  15.101  -3.387  1.00 20.35 ? 267 HOH D O   1 
HETATM 1551 O O   . HOH E 4 .  ? -9.786  -10.244 -10.235 1.00 38.67 ? 268 HOH D O   1 
HETATM 1552 O O   . HOH E 4 .  ? -9.865  1.331   19.899  1.00 29.33 ? 269 HOH D O   1 
HETATM 1553 O O   . HOH E 4 .  ? 2.388   2.862   17.052  1.00 26.04 ? 270 HOH D O   1 
HETATM 1554 O O   . HOH E 4 .  ? -4.553  -1.949  15.864  1.00 21.70 ? 271 HOH D O   1 
HETATM 1555 O O   . HOH E 4 .  ? -12.874 12.526  13.732  1.00 36.88 ? 272 HOH D O   1 
HETATM 1556 O O   . HOH E 4 .  ? -10.905 5.614   20.316  1.00 22.63 ? 273 HOH D O   1 
HETATM 1557 O O   . HOH E 4 .  ? 9.221   -10.509 3.178   1.00 35.92 ? 274 HOH D O   1 
HETATM 1558 O O   . HOH E 4 .  ? -7.080  19.133  -3.488  1.00 31.53 ? 275 HOH D O   1 
HETATM 1559 O O   . HOH E 4 .  ? -0.612  2.285   19.732  1.00 28.97 ? 276 HOH D O   1 
HETATM 1560 O O   . HOH E 4 .  ? -1.051  -29.096 18.510  1.00 50.63 ? 277 HOH D O   1 
HETATM 1561 O O   . HOH E 4 .  ? -3.148  2.198   20.139  1.00 32.72 ? 278 HOH D O   1 
HETATM 1562 O O   . HOH E 4 .  ? 6.453   3.651   19.453  1.00 32.73 ? 279 HOH D O   1 
HETATM 1563 O O   . HOH F 4 .  ? -3.377  9.679   -23.088 1.00 40.15 ? 301 HOH A O   1 
HETATM 1564 O O   . HOH F 4 .  ? 6.844   7.578   -20.439 1.00 37.96 ? 302 HOH A O   1 
HETATM 1565 O O   . HOH F 4 .  ? -0.199  13.611  -20.916 1.00 47.43 ? 303 HOH A O   1 
HETATM 1566 O O   . HOH F 4 .  ? -3.071  3.385   -22.476 1.00 44.05 ? 304 HOH A O   1 
HETATM 1567 O O   . HOH F 4 .  ? -7.749  7.061   -19.500 1.00 22.05 ? 305 HOH A O   1 
HETATM 1568 O O   . HOH F 4 .  ? -5.741  7.841   -21.521 1.00 40.36 ? 306 HOH A O   1 
HETATM 1569 O O   . HOH F 4 .  ? -6.008  3.747   -18.399 1.00 19.67 ? 307 HOH A O   1 
# 
